data_9EN6
# 
_entry.id   9EN6 
# 
_audit_conform.dict_name       mmcif_pdbx.dic 
_audit_conform.dict_version    5.406 
_audit_conform.dict_location   http://mmcif.pdb.org/dictionaries/ascii/mmcif_pdbx.dic 
# 
loop_
_database_2.database_id 
_database_2.database_code 
_database_2.pdbx_database_accession 
_database_2.pdbx_DOI 
PDB   9EN6         pdb_00009en6 10.2210/pdb9en6/pdb 
WWPDB D_1292137224 ?            ?                   
# 
loop_
_pdbx_audit_revision_history.ordinal 
_pdbx_audit_revision_history.data_content_type 
_pdbx_audit_revision_history.major_revision 
_pdbx_audit_revision_history.minor_revision 
_pdbx_audit_revision_history.revision_date 
_pdbx_audit_revision_history.part_number 
1 'Structure model' 1 0 2024-05-01 ? 
2 'Structure model' 1 1 2024-05-22 ? 
3 'Structure model' 1 2 2024-07-03 ? 
4 'Structure model' 1 3 2025-09-17 ? 
# 
_pdbx_audit_revision_details.ordinal             1 
_pdbx_audit_revision_details.revision_ordinal    1 
_pdbx_audit_revision_details.data_content_type   'Structure model' 
_pdbx_audit_revision_details.provider            repository 
_pdbx_audit_revision_details.type                'Initial release' 
_pdbx_audit_revision_details.description         ? 
_pdbx_audit_revision_details.details             ? 
# 
loop_
_pdbx_audit_revision_group.ordinal 
_pdbx_audit_revision_group.revision_ordinal 
_pdbx_audit_revision_group.data_content_type 
_pdbx_audit_revision_group.group 
1 2 'Structure model' 'Database references'        
2 3 'Structure model' 'Database references'        
3 4 'Structure model' 'Author supporting evidence' 
4 4 'Structure model' 'Structure summary'          
# 
loop_
_pdbx_audit_revision_category.ordinal 
_pdbx_audit_revision_category.revision_ordinal 
_pdbx_audit_revision_category.data_content_type 
_pdbx_audit_revision_category.category 
1 2 'Structure model' citation           
2 2 'Structure model' citation_author    
3 3 'Structure model' citation           
4 4 'Structure model' pdbx_audit_support 
5 4 'Structure model' pdbx_entry_details 
# 
loop_
_pdbx_audit_revision_item.ordinal 
_pdbx_audit_revision_item.revision_ordinal 
_pdbx_audit_revision_item.data_content_type 
_pdbx_audit_revision_item.item 
1  2 'Structure model' '_citation.country'                            
2  2 'Structure model' '_citation.journal_abbrev'                     
3  2 'Structure model' '_citation.journal_id_ASTM'                    
4  2 'Structure model' '_citation.journal_id_CSD'                     
5  2 'Structure model' '_citation.journal_id_ISSN'                    
6  2 'Structure model' '_citation.pdbx_database_id_DOI'               
7  2 'Structure model' '_citation.pdbx_database_id_PubMed'            
8  2 'Structure model' '_citation.title'                              
9  2 'Structure model' '_citation.year'                               
10 3 'Structure model' '_citation.journal_volume'                     
11 3 'Structure model' '_citation.page_first'                         
12 3 'Structure model' '_citation.page_last'                          
13 4 'Structure model' '_pdbx_audit_support.grant_number'             
14 4 'Structure model' '_pdbx_entry_details.has_protein_modification' 
# 
_pdbx_database_status.status_code                     REL 
_pdbx_database_status.status_code_sf                  REL 
_pdbx_database_status.status_code_mr                  ? 
_pdbx_database_status.entry_id                        9EN6 
_pdbx_database_status.recvd_initial_deposition_date   2024-03-12 
_pdbx_database_status.SG_entry                        N 
_pdbx_database_status.deposit_site                    PDBE 
_pdbx_database_status.process_site                    PDBE 
_pdbx_database_status.status_code_cs                  ? 
_pdbx_database_status.status_code_nmr_data            ? 
_pdbx_database_status.methods_development_category    ? 
_pdbx_database_status.pdb_format_compatible           N 
# 
loop_
_pdbx_database_related.db_name 
_pdbx_database_related.details 
_pdbx_database_related.db_id 
_pdbx_database_related.content_type 
PDB . 8QMH unspecified 
PDB . 8QMI unspecified 
# 
_pdbx_contact_author.id                 2 
_pdbx_contact_author.email              mpluta@ibch.poznan.pl 
_pdbx_contact_author.name_first         Martyna 
_pdbx_contact_author.name_last          Mateja-Pluta 
_pdbx_contact_author.name_mi            ? 
_pdbx_contact_author.role               'principal investigator/group leader' 
_pdbx_contact_author.identifier_ORCID   0000-0002-6570-6229 
# 
loop_
_audit_author.name 
_audit_author.pdbx_ordinal 
_audit_author.identifier_ORCID 
'Mateja-Pluta, M.' 1 0000-0002-6570-6229 
'Kiliszek, A.'     2 0000-0002-2871-7535 
# 
_citation.abstract                  ? 
_citation.abstract_id_CAS           ? 
_citation.book_id_ISBN              ? 
_citation.book_publisher            ? 
_citation.book_publisher_city       ? 
_citation.book_title                ? 
_citation.coordinate_linkage        ? 
_citation.country                   UK 
_citation.database_id_Medline       ? 
_citation.details                   ? 
_citation.id                        primary 
_citation.journal_abbrev            'Nucleic Acids Res.' 
_citation.journal_id_ASTM           NARHAD 
_citation.journal_id_CSD            0389 
_citation.journal_id_ISSN           1362-4962 
_citation.journal_full              ? 
_citation.journal_issue             ? 
_citation.journal_volume            52 
_citation.language                  ? 
_citation.page_first                6707 
_citation.page_last                 6717 
_citation.title                     
;Antisense RNA C9orf72 hexanucleotide repeat associated with amyotrophic lateral sclerosis and frontotemporal dementia forms a triplex-like structure and binds small synthetic ligand.
;
_citation.year                      2024 
_citation.database_id_CSD           ? 
_citation.pdbx_database_id_DOI      10.1093/nar/gkae376 
_citation.pdbx_database_id_PubMed   38738637 
_citation.pdbx_database_id_patent   ? 
_citation.unpublished_flag          ? 
# 
loop_
_citation_author.citation_id 
_citation_author.name 
_citation_author.ordinal 
_citation_author.identifier_ORCID 
primary 'Blaszczyk, L.'    1 ?                   
primary 'Ryczek, M.'       2 ?                   
primary 'Das, B.'          3 0000-0002-9885-4885 
primary 'Mateja-Pluta, M.' 4 ?                   
primary 'Bejger, M.'       5 ?                   
primary 'Sliwiak, J.'      6 ?                   
primary 'Nakatani, K.'     7 0000-0002-1705-5265 
primary 'Kiliszek, A.'     8 0000-0002-2871-7535 
# 
loop_
_entity.id 
_entity.type 
_entity.src_method 
_entity.pdbx_description 
_entity.formula_weight 
_entity.pdbx_number_of_molecules 
_entity.pdbx_ec 
_entity.pdbx_mutation 
_entity.pdbx_fragment 
_entity.details 
1 polymer     syn 
;RNA (5'-R(*GP*GP*CP*CP*CP*C)-3')
;
1866.182 4   ? ? ? ? 
2 non-polymer syn 'MAGNESIUM ION'                    24.305   3   ? ? ? ? 
3 water       nat water                              18.015   128 ? ? ? ? 
# 
_entity_poly.entity_id                      1 
_entity_poly.type                           polyribonucleotide 
_entity_poly.nstd_linkage                   no 
_entity_poly.nstd_monomer                   no 
_entity_poly.pdbx_seq_one_letter_code       GGCCCC 
_entity_poly.pdbx_seq_one_letter_code_can   GGCCCC 
_entity_poly.pdbx_strand_id                 AAA,BBB,CCC,DDD 
_entity_poly.pdbx_target_identifier         ? 
# 
loop_
_pdbx_entity_nonpoly.entity_id 
_pdbx_entity_nonpoly.name 
_pdbx_entity_nonpoly.comp_id 
2 'MAGNESIUM ION' MG  
3 water           HOH 
# 
loop_
_entity_poly_seq.entity_id 
_entity_poly_seq.num 
_entity_poly_seq.mon_id 
_entity_poly_seq.hetero 
1 1 G n 
1 2 G n 
1 3 C n 
1 4 C n 
1 5 C n 
1 6 C n 
# 
_pdbx_entity_src_syn.entity_id              1 
_pdbx_entity_src_syn.pdbx_src_id            1 
_pdbx_entity_src_syn.pdbx_alt_source_flag   sample 
_pdbx_entity_src_syn.pdbx_beg_seq_num       1 
_pdbx_entity_src_syn.pdbx_end_seq_num       6 
_pdbx_entity_src_syn.organism_scientific    'Homo sapiens' 
_pdbx_entity_src_syn.organism_common_name   ? 
_pdbx_entity_src_syn.ncbi_taxonomy_id       9606 
_pdbx_entity_src_syn.details                ? 
# 
loop_
_chem_comp.id 
_chem_comp.type 
_chem_comp.mon_nstd_flag 
_chem_comp.name 
_chem_comp.pdbx_synonyms 
_chem_comp.formula 
_chem_comp.formula_weight 
C   'RNA linking' y "CYTIDINE-5'-MONOPHOSPHATE"  ? 'C9 H14 N3 O8 P'  323.197 
G   'RNA linking' y "GUANOSINE-5'-MONOPHOSPHATE" ? 'C10 H14 N5 O8 P' 363.221 
HOH non-polymer   . WATER                        ? 'H2 O'            18.015  
MG  non-polymer   . 'MAGNESIUM ION'              ? 'Mg 2'            24.305  
# 
loop_
_pdbx_poly_seq_scheme.asym_id 
_pdbx_poly_seq_scheme.entity_id 
_pdbx_poly_seq_scheme.seq_id 
_pdbx_poly_seq_scheme.mon_id 
_pdbx_poly_seq_scheme.ndb_seq_num 
_pdbx_poly_seq_scheme.pdb_seq_num 
_pdbx_poly_seq_scheme.auth_seq_num 
_pdbx_poly_seq_scheme.pdb_mon_id 
_pdbx_poly_seq_scheme.auth_mon_id 
_pdbx_poly_seq_scheme.pdb_strand_id 
_pdbx_poly_seq_scheme.pdb_ins_code 
_pdbx_poly_seq_scheme.hetero 
A 1 1 G 1 1 1 G G AAA . n 
A 1 2 G 2 2 2 G G AAA . n 
A 1 3 C 3 3 3 C C AAA . n 
A 1 4 C 4 4 4 C C AAA . n 
A 1 5 C 5 5 5 C C AAA . n 
A 1 6 C 6 6 6 C C AAA . n 
B 1 1 G 1 1 1 G G BBB . n 
B 1 2 G 2 2 2 G G BBB . n 
B 1 3 C 3 3 3 C C BBB . n 
B 1 4 C 4 4 4 C C BBB . n 
B 1 5 C 5 5 5 C C BBB . n 
B 1 6 C 6 6 6 C C BBB . n 
C 1 1 G 1 1 1 G G CCC . n 
C 1 2 G 2 2 2 G G CCC . n 
C 1 3 C 3 3 3 C C CCC . n 
C 1 4 C 4 4 4 C C CCC . n 
C 1 5 C 5 5 5 C C CCC . n 
C 1 6 C 6 6 6 C C CCC . n 
D 1 1 G 1 1 1 G G DDD . n 
D 1 2 G 2 2 2 G G DDD . n 
D 1 3 C 3 3 3 C C DDD . n 
D 1 4 C 4 4 4 C C DDD . n 
D 1 5 C 5 5 5 C C DDD . n 
D 1 6 C 6 6 6 C C DDD . n 
# 
_pdbx_entity_instance_feature.ordinal        1 
_pdbx_entity_instance_feature.comp_id        MG 
_pdbx_entity_instance_feature.asym_id        ? 
_pdbx_entity_instance_feature.seq_num        ? 
_pdbx_entity_instance_feature.auth_comp_id   MG 
_pdbx_entity_instance_feature.auth_asym_id   ? 
_pdbx_entity_instance_feature.auth_seq_num   ? 
_pdbx_entity_instance_feature.feature_type   'SUBJECT OF INVESTIGATION' 
_pdbx_entity_instance_feature.details        ? 
# 
loop_
_pdbx_nonpoly_scheme.asym_id 
_pdbx_nonpoly_scheme.entity_id 
_pdbx_nonpoly_scheme.mon_id 
_pdbx_nonpoly_scheme.ndb_seq_num 
_pdbx_nonpoly_scheme.pdb_seq_num 
_pdbx_nonpoly_scheme.auth_seq_num 
_pdbx_nonpoly_scheme.pdb_mon_id 
_pdbx_nonpoly_scheme.auth_mon_id 
_pdbx_nonpoly_scheme.pdb_strand_id 
_pdbx_nonpoly_scheme.pdb_ins_code 
E 2 MG  1  101 2   MG  MG  AAA . 
F 2 MG  1  101 3   MG  MG  BBB . 
G 2 MG  1  101 1   MG  MG  CCC . 
H 3 HOH 1  201 174 HOH HOH AAA . 
H 3 HOH 2  202 197 HOH HOH AAA . 
H 3 HOH 3  203 40  HOH HOH AAA . 
H 3 HOH 4  204 183 HOH HOH AAA . 
H 3 HOH 5  205 52  HOH HOH AAA . 
H 3 HOH 6  206 176 HOH HOH AAA . 
H 3 HOH 7  207 74  HOH HOH AAA . 
H 3 HOH 8  208 7   HOH HOH AAA . 
H 3 HOH 9  209 35  HOH HOH AAA . 
H 3 HOH 10 210 147 HOH HOH AAA . 
H 3 HOH 11 211 78  HOH HOH AAA . 
H 3 HOH 12 212 15  HOH HOH AAA . 
H 3 HOH 13 213 172 HOH HOH AAA . 
H 3 HOH 14 214 187 HOH HOH AAA . 
H 3 HOH 15 215 25  HOH HOH AAA . 
H 3 HOH 16 216 148 HOH HOH AAA . 
H 3 HOH 17 217 198 HOH HOH AAA . 
H 3 HOH 18 218 55  HOH HOH AAA . 
H 3 HOH 19 219 14  HOH HOH AAA . 
H 3 HOH 20 220 4   HOH HOH AAA . 
H 3 HOH 21 221 16  HOH HOH AAA . 
H 3 HOH 22 222 154 HOH HOH AAA . 
H 3 HOH 23 223 60  HOH HOH AAA . 
H 3 HOH 24 224 171 HOH HOH AAA . 
H 3 HOH 25 225 182 HOH HOH AAA . 
H 3 HOH 26 226 151 HOH HOH AAA . 
H 3 HOH 27 227 173 HOH HOH AAA . 
H 3 HOH 28 228 204 HOH HOH AAA . 
I 3 HOH 1  201 185 HOH HOH BBB . 
I 3 HOH 2  202 57  HOH HOH BBB . 
I 3 HOH 3  203 203 HOH HOH BBB . 
I 3 HOH 4  204 162 HOH HOH BBB . 
I 3 HOH 5  205 181 HOH HOH BBB . 
I 3 HOH 6  206 45  HOH HOH BBB . 
I 3 HOH 7  207 3   HOH HOH BBB . 
I 3 HOH 8  208 29  HOH HOH BBB . 
I 3 HOH 9  209 143 HOH HOH BBB . 
I 3 HOH 10 210 166 HOH HOH BBB . 
I 3 HOH 11 211 39  HOH HOH BBB . 
I 3 HOH 12 212 34  HOH HOH BBB . 
I 3 HOH 13 213 164 HOH HOH BBB . 
I 3 HOH 14 214 165 HOH HOH BBB . 
I 3 HOH 15 215 184 HOH HOH BBB . 
I 3 HOH 16 216 206 HOH HOH BBB . 
I 3 HOH 17 217 73  HOH HOH BBB . 
I 3 HOH 18 218 81  HOH HOH BBB . 
I 3 HOH 19 219 13  HOH HOH BBB . 
I 3 HOH 20 220 21  HOH HOH BBB . 
I 3 HOH 21 221 85  HOH HOH BBB . 
I 3 HOH 22 222 48  HOH HOH BBB . 
I 3 HOH 23 223 43  HOH HOH BBB . 
I 3 HOH 24 224 155 HOH HOH BBB . 
I 3 HOH 25 225 37  HOH HOH BBB . 
I 3 HOH 26 226 83  HOH HOH BBB . 
I 3 HOH 27 227 175 HOH HOH BBB . 
I 3 HOH 28 228 177 HOH HOH BBB . 
I 3 HOH 29 229 65  HOH HOH BBB . 
I 3 HOH 30 230 131 HOH HOH BBB . 
I 3 HOH 31 231 178 HOH HOH BBB . 
I 3 HOH 32 232 195 HOH HOH BBB . 
I 3 HOH 33 233 138 HOH HOH BBB . 
I 3 HOH 34 234 163 HOH HOH BBB . 
I 3 HOH 35 235 139 HOH HOH BBB . 
I 3 HOH 36 236 142 HOH HOH BBB . 
I 3 HOH 37 237 130 HOH HOH BBB . 
I 3 HOH 38 238 186 HOH HOH BBB . 
I 3 HOH 39 239 202 HOH HOH BBB . 
I 3 HOH 40 240 159 HOH HOH BBB . 
J 3 HOH 1  201 53  HOH HOH CCC . 
J 3 HOH 2  202 46  HOH HOH CCC . 
J 3 HOH 3  203 10  HOH HOH CCC . 
J 3 HOH 4  204 80  HOH HOH CCC . 
J 3 HOH 5  205 9   HOH HOH CCC . 
J 3 HOH 6  206 32  HOH HOH CCC . 
J 3 HOH 7  207 149 HOH HOH CCC . 
J 3 HOH 8  208 50  HOH HOH CCC . 
J 3 HOH 9  209 36  HOH HOH CCC . 
J 3 HOH 10 210 62  HOH HOH CCC . 
J 3 HOH 11 211 23  HOH HOH CCC . 
J 3 HOH 12 212 38  HOH HOH CCC . 
J 3 HOH 13 213 28  HOH HOH CCC . 
J 3 HOH 14 214 24  HOH HOH CCC . 
J 3 HOH 15 215 17  HOH HOH CCC . 
J 3 HOH 16 216 26  HOH HOH CCC . 
J 3 HOH 17 217 193 HOH HOH CCC . 
J 3 HOH 18 218 44  HOH HOH CCC . 
J 3 HOH 19 219 12  HOH HOH CCC . 
J 3 HOH 20 220 22  HOH HOH CCC . 
J 3 HOH 21 221 128 HOH HOH CCC . 
J 3 HOH 22 222 72  HOH HOH CCC . 
J 3 HOH 23 223 199 HOH HOH CCC . 
J 3 HOH 24 224 68  HOH HOH CCC . 
J 3 HOH 25 225 168 HOH HOH CCC . 
K 3 HOH 1  101 200 HOH HOH DDD . 
K 3 HOH 2  102 27  HOH HOH DDD . 
K 3 HOH 3  103 1   HOH HOH DDD . 
K 3 HOH 4  104 69  HOH HOH DDD . 
K 3 HOH 5  105 8   HOH HOH DDD . 
K 3 HOH 6  106 11  HOH HOH DDD . 
K 3 HOH 7  107 64  HOH HOH DDD . 
K 3 HOH 8  108 153 HOH HOH DDD . 
K 3 HOH 9  109 19  HOH HOH DDD . 
K 3 HOH 10 110 33  HOH HOH DDD . 
K 3 HOH 11 111 180 HOH HOH DDD . 
K 3 HOH 12 112 134 HOH HOH DDD . 
K 3 HOH 13 113 6   HOH HOH DDD . 
K 3 HOH 14 114 18  HOH HOH DDD . 
K 3 HOH 15 115 179 HOH HOH DDD . 
K 3 HOH 16 116 191 HOH HOH DDD . 
K 3 HOH 17 117 5   HOH HOH DDD . 
K 3 HOH 18 118 192 HOH HOH DDD . 
K 3 HOH 19 119 2   HOH HOH DDD . 
K 3 HOH 20 120 157 HOH HOH DDD . 
K 3 HOH 21 121 170 HOH HOH DDD . 
K 3 HOH 22 122 205 HOH HOH DDD . 
K 3 HOH 23 123 61  HOH HOH DDD . 
K 3 HOH 24 124 145 HOH HOH DDD . 
K 3 HOH 25 125 129 HOH HOH DDD . 
K 3 HOH 26 126 152 HOH HOH DDD . 
K 3 HOH 27 127 190 HOH HOH DDD . 
K 3 HOH 28 128 196 HOH HOH DDD . 
K 3 HOH 29 129 140 HOH HOH DDD . 
K 3 HOH 30 130 201 HOH HOH DDD . 
K 3 HOH 31 131 189 HOH HOH DDD . 
K 3 HOH 32 132 194 HOH HOH DDD . 
K 3 HOH 33 133 158 HOH HOH DDD . 
K 3 HOH 34 134 160 HOH HOH DDD . 
K 3 HOH 35 135 161 HOH HOH DDD . 
# 
loop_
_software.citation_id 
_software.classification 
_software.compiler_name 
_software.compiler_version 
_software.contact_author 
_software.contact_author_email 
_software.date 
_software.description 
_software.dependencies 
_software.hardware 
_software.language 
_software.location 
_software.mods 
_software.name 
_software.os 
_software.os_version 
_software.type 
_software.version 
_software.pdbx_ordinal 
? refinement       ? ? ? ? ? ? ? ? ? ? ? REFMAC  ? ? ? 5.8.0258 1 
? 'data reduction' ? ? ? ? ? ? ? ? ? ? ? XDS     ? ? ? .        2 
? 'data scaling'   ? ? ? ? ? ? ? ? ? ? ? Aimless ? ? ? .        3 
? phasing          ? ? ? ? ? ? ? ? ? ? ? PHASER  ? ? ? .        4 
# 
_cell.angle_alpha                  90.000 
_cell.angle_alpha_esd              ? 
_cell.angle_beta                   90.000 
_cell.angle_beta_esd               ? 
_cell.angle_gamma                  90.000 
_cell.angle_gamma_esd              ? 
_cell.entry_id                     9EN6 
_cell.details                      ? 
_cell.formula_units_Z              ? 
_cell.length_a                     41.656 
_cell.length_a_esd                 ? 
_cell.length_b                     45.840 
_cell.length_b_esd                 ? 
_cell.length_c                     51.474 
_cell.length_c_esd                 ? 
_cell.volume                       ? 
_cell.volume_esd                   ? 
_cell.Z_PDB                        32 
_cell.reciprocal_angle_alpha       ? 
_cell.reciprocal_angle_beta        ? 
_cell.reciprocal_angle_gamma       ? 
_cell.reciprocal_angle_alpha_esd   ? 
_cell.reciprocal_angle_beta_esd    ? 
_cell.reciprocal_angle_gamma_esd   ? 
_cell.reciprocal_length_a          ? 
_cell.reciprocal_length_b          ? 
_cell.reciprocal_length_c          ? 
_cell.reciprocal_length_a_esd      ? 
_cell.reciprocal_length_b_esd      ? 
_cell.reciprocal_length_c_esd      ? 
_cell.pdbx_unique_axis             ? 
_cell.pdbx_esd_method              ? 
# 
_symmetry.entry_id                         9EN6 
_symmetry.cell_setting                     ? 
_symmetry.Int_Tables_number                20 
_symmetry.space_group_name_Hall            ? 
_symmetry.space_group_name_H-M             'C 2 2 21' 
_symmetry.pdbx_full_space_group_name_H-M   ? 
# 
_exptl.absorpt_coefficient_mu     ? 
_exptl.absorpt_correction_T_max   ? 
_exptl.absorpt_correction_T_min   ? 
_exptl.absorpt_correction_type    ? 
_exptl.absorpt_process_details    ? 
_exptl.entry_id                   9EN6 
_exptl.crystals_number            1 
_exptl.details                    ? 
_exptl.method                     'X-RAY DIFFRACTION' 
_exptl.method_details             ? 
# 
_exptl_crystal.colour                       ? 
_exptl_crystal.density_diffrn               ? 
_exptl_crystal.density_Matthews             1.65 
_exptl_crystal.density_method               ? 
_exptl_crystal.density_percent_sol          25.27 
_exptl_crystal.description                  ? 
_exptl_crystal.F_000                        ? 
_exptl_crystal.id                           1 
_exptl_crystal.preparation                  ? 
_exptl_crystal.size_max                     ? 
_exptl_crystal.size_mid                     ? 
_exptl_crystal.size_min                     ? 
_exptl_crystal.size_rad                     ? 
_exptl_crystal.colour_lustre                ? 
_exptl_crystal.colour_modifier              ? 
_exptl_crystal.colour_primary               ? 
_exptl_crystal.density_meas                 ? 
_exptl_crystal.density_meas_esd             ? 
_exptl_crystal.density_meas_gt              ? 
_exptl_crystal.density_meas_lt              ? 
_exptl_crystal.density_meas_temp            ? 
_exptl_crystal.density_meas_temp_esd        ? 
_exptl_crystal.density_meas_temp_gt         ? 
_exptl_crystal.density_meas_temp_lt         ? 
_exptl_crystal.pdbx_crystal_image_url       ? 
_exptl_crystal.pdbx_crystal_image_format    ? 
_exptl_crystal.pdbx_mosaicity               ? 
_exptl_crystal.pdbx_mosaicity_esd           ? 
_exptl_crystal.pdbx_mosaic_method           ? 
_exptl_crystal.pdbx_mosaic_block_size       ? 
_exptl_crystal.pdbx_mosaic_block_size_esd   ? 
# 
_exptl_crystal_grow.apparatus       ? 
_exptl_crystal_grow.atmosphere      ? 
_exptl_crystal_grow.crystal_id      1 
_exptl_crystal_grow.details         ? 
_exptl_crystal_grow.method          'VAPOR DIFFUSION, SITTING DROP' 
_exptl_crystal_grow.method_ref      ? 
_exptl_crystal_grow.pH              6.5 
_exptl_crystal_grow.pressure        ? 
_exptl_crystal_grow.pressure_esd    ? 
_exptl_crystal_grow.seeding         ? 
_exptl_crystal_grow.seeding_ref     ? 
_exptl_crystal_grow.temp_details    ? 
_exptl_crystal_grow.temp_esd        ? 
_exptl_crystal_grow.time            ? 
_exptl_crystal_grow.pdbx_details    
'0.08M Magnesium acetate tetrahydrate, 0.05M Sodium cacodylate trihydrate pH 6.5, 30% v/w Polyethylene glycol 4,000' 
_exptl_crystal_grow.pdbx_pH_range   ? 
_exptl_crystal_grow.temp            292 
# 
_diffrn.ambient_environment              ? 
_diffrn.ambient_temp                     100 
_diffrn.ambient_temp_details             ? 
_diffrn.ambient_temp_esd                 ? 
_diffrn.crystal_id                       1 
_diffrn.crystal_support                  ? 
_diffrn.crystal_treatment                ? 
_diffrn.details                          ? 
_diffrn.id                               1 
_diffrn.ambient_pressure                 ? 
_diffrn.ambient_pressure_esd             ? 
_diffrn.ambient_pressure_gt              ? 
_diffrn.ambient_pressure_lt              ? 
_diffrn.ambient_temp_gt                  ? 
_diffrn.ambient_temp_lt                  ? 
_diffrn.pdbx_serial_crystal_experiment   N 
# 
_diffrn_detector.details                      ? 
_diffrn_detector.detector                     PIXEL 
_diffrn_detector.diffrn_id                    1 
_diffrn_detector.type                         'DECTRIS EIGER X 16M' 
_diffrn_detector.area_resol_mean              ? 
_diffrn_detector.dtime                        ? 
_diffrn_detector.pdbx_frames_total            ? 
_diffrn_detector.pdbx_collection_time_total   ? 
_diffrn_detector.pdbx_collection_date         2024-03-04 
_diffrn_detector.pdbx_frequency               ? 
_diffrn_detector.id                           ? 
_diffrn_detector.number_of_axes               ? 
# 
_diffrn_radiation.collimation                      ? 
_diffrn_radiation.diffrn_id                        1 
_diffrn_radiation.filter_edge                      ? 
_diffrn_radiation.inhomogeneity                    ? 
_diffrn_radiation.monochromator                    ? 
_diffrn_radiation.polarisn_norm                    ? 
_diffrn_radiation.polarisn_ratio                   ? 
_diffrn_radiation.probe                            ? 
_diffrn_radiation.type                             ? 
_diffrn_radiation.xray_symbol                      ? 
_diffrn_radiation.wavelength_id                    1 
_diffrn_radiation.pdbx_monochromatic_or_laue_m_l   M 
_diffrn_radiation.pdbx_wavelength_list             ? 
_diffrn_radiation.pdbx_wavelength                  ? 
_diffrn_radiation.pdbx_diffrn_protocol             'SINGLE WAVELENGTH' 
_diffrn_radiation.pdbx_analyzer                    ? 
_diffrn_radiation.pdbx_scattering_type             x-ray 
# 
_diffrn_radiation_wavelength.id           1 
_diffrn_radiation_wavelength.wavelength   0.72932 
_diffrn_radiation_wavelength.wt           1.0 
# 
_diffrn_source.current                     ? 
_diffrn_source.details                     ? 
_diffrn_source.diffrn_id                   1 
_diffrn_source.power                       ? 
_diffrn_source.size                        ? 
_diffrn_source.source                      SYNCHROTRON 
_diffrn_source.target                      ? 
_diffrn_source.type                        'PETRA III, EMBL c/o DESY BEAMLINE P13 (MX1)' 
_diffrn_source.voltage                     ? 
_diffrn_source.take-off_angle              ? 
_diffrn_source.pdbx_wavelength_list        0.72932 
_diffrn_source.pdbx_wavelength             ? 
_diffrn_source.pdbx_synchrotron_beamline   'P13 (MX1)' 
_diffrn_source.pdbx_synchrotron_site       'PETRA III, EMBL c/o DESY' 
# 
_reflns.B_iso_Wilson_estimate                          ? 
_reflns.entry_id                                       9EN6 
_reflns.data_reduction_details                         ? 
_reflns.data_reduction_method                          ? 
_reflns.d_resolution_high                              0.918 
_reflns.d_resolution_low                               25.75 
_reflns.details                                        ? 
_reflns.limit_h_max                                    ? 
_reflns.limit_h_min                                    ? 
_reflns.limit_k_max                                    ? 
_reflns.limit_k_min                                    ? 
_reflns.limit_l_max                                    ? 
_reflns.limit_l_min                                    ? 
_reflns.number_all                                     ? 
_reflns.number_obs                                     34769 
_reflns.observed_criterion                             ? 
_reflns.observed_criterion_F_max                       ? 
_reflns.observed_criterion_F_min                       ? 
_reflns.observed_criterion_I_max                       ? 
_reflns.observed_criterion_I_min                       ? 
_reflns.observed_criterion_sigma_F                     ? 
_reflns.observed_criterion_sigma_I                     ? 
_reflns.percent_possible_obs                           99.9 
_reflns.R_free_details                                 ? 
_reflns.Rmerge_F_all                                   ? 
_reflns.Rmerge_F_obs                                   ? 
_reflns.Friedel_coverage                               ? 
_reflns.number_gt                                      ? 
_reflns.threshold_expression                           ? 
_reflns.pdbx_redundancy                                13.3 
_reflns.pdbx_netI_over_av_sigmaI                       ? 
_reflns.pdbx_netI_over_sigmaI                          17.2 
_reflns.pdbx_res_netI_over_av_sigmaI_2                 ? 
_reflns.pdbx_res_netI_over_sigmaI_2                    ? 
_reflns.pdbx_chi_squared                               ? 
_reflns.pdbx_scaling_rejects                           ? 
_reflns.pdbx_d_res_high_opt                            ? 
_reflns.pdbx_d_res_low_opt                             ? 
_reflns.pdbx_d_res_opt_method                          ? 
_reflns.phase_calculation_details                      ? 
_reflns.pdbx_Rrim_I_all                                ? 
_reflns.pdbx_Rpim_I_all                                ? 
_reflns.pdbx_d_opt                                     ? 
_reflns.pdbx_number_measured_all                       ? 
_reflns.pdbx_diffrn_id                                 1 
_reflns.pdbx_ordinal                                   1 
_reflns.pdbx_CC_half                                   0.99 
_reflns.pdbx_CC_star                                   ? 
_reflns.pdbx_R_split                                   ? 
_reflns.pdbx_Rmerge_I_obs                              ? 
_reflns.pdbx_Rmerge_I_all                              ? 
_reflns.pdbx_Rsym_value                                ? 
_reflns.pdbx_CC_split_method                           ? 
_reflns.pdbx_aniso_diffraction_limit_axis_1_ortho[1]   ? 
_reflns.pdbx_aniso_diffraction_limit_axis_1_ortho[2]   ? 
_reflns.pdbx_aniso_diffraction_limit_axis_1_ortho[3]   ? 
_reflns.pdbx_aniso_diffraction_limit_axis_2_ortho[1]   ? 
_reflns.pdbx_aniso_diffraction_limit_axis_2_ortho[2]   ? 
_reflns.pdbx_aniso_diffraction_limit_axis_2_ortho[3]   ? 
_reflns.pdbx_aniso_diffraction_limit_axis_3_ortho[1]   ? 
_reflns.pdbx_aniso_diffraction_limit_axis_3_ortho[2]   ? 
_reflns.pdbx_aniso_diffraction_limit_axis_3_ortho[3]   ? 
_reflns.pdbx_aniso_diffraction_limit_1                 ? 
_reflns.pdbx_aniso_diffraction_limit_2                 ? 
_reflns.pdbx_aniso_diffraction_limit_3                 ? 
_reflns.pdbx_aniso_B_tensor_eigenvector_1_ortho[1]     ? 
_reflns.pdbx_aniso_B_tensor_eigenvector_1_ortho[2]     ? 
_reflns.pdbx_aniso_B_tensor_eigenvector_1_ortho[3]     ? 
_reflns.pdbx_aniso_B_tensor_eigenvector_2_ortho[1]     ? 
_reflns.pdbx_aniso_B_tensor_eigenvector_2_ortho[2]     ? 
_reflns.pdbx_aniso_B_tensor_eigenvector_2_ortho[3]     ? 
_reflns.pdbx_aniso_B_tensor_eigenvector_3_ortho[1]     ? 
_reflns.pdbx_aniso_B_tensor_eigenvector_3_ortho[2]     ? 
_reflns.pdbx_aniso_B_tensor_eigenvector_3_ortho[3]     ? 
_reflns.pdbx_aniso_B_tensor_eigenvalue_1               ? 
_reflns.pdbx_aniso_B_tensor_eigenvalue_2               ? 
_reflns.pdbx_aniso_B_tensor_eigenvalue_3               ? 
_reflns.pdbx_orthogonalization_convention              ? 
_reflns.pdbx_percent_possible_ellipsoidal              ? 
_reflns.pdbx_percent_possible_spherical                ? 
_reflns.pdbx_percent_possible_ellipsoidal_anomalous    ? 
_reflns.pdbx_percent_possible_spherical_anomalous      ? 
_reflns.pdbx_redundancy_anomalous                      ? 
_reflns.pdbx_CC_half_anomalous                         ? 
_reflns.pdbx_absDiff_over_sigma_anomalous              ? 
_reflns.pdbx_percent_possible_anomalous                ? 
_reflns.pdbx_observed_signal_threshold                 ? 
_reflns.pdbx_signal_type                               ? 
_reflns.pdbx_signal_details                            ? 
_reflns.pdbx_signal_software_id                        ? 
# 
_reflns_shell.d_res_high                                    0.92 
_reflns_shell.d_res_low                                     0.97 
_reflns_shell.meanI_over_sigI_all                           ? 
_reflns_shell.meanI_over_sigI_obs                           1.59 
_reflns_shell.number_measured_all                           ? 
_reflns_shell.number_measured_obs                           ? 
_reflns_shell.number_possible                               ? 
_reflns_shell.number_unique_all                             ? 
_reflns_shell.number_unique_obs                             5565 
_reflns_shell.percent_possible_obs                          ? 
_reflns_shell.Rmerge_F_all                                  ? 
_reflns_shell.Rmerge_F_obs                                  ? 
_reflns_shell.meanI_over_sigI_gt                            ? 
_reflns_shell.meanI_over_uI_all                             ? 
_reflns_shell.meanI_over_uI_gt                              ? 
_reflns_shell.number_measured_gt                            ? 
_reflns_shell.number_unique_gt                              ? 
_reflns_shell.percent_possible_gt                           ? 
_reflns_shell.Rmerge_F_gt                                   ? 
_reflns_shell.Rmerge_I_gt                                   ? 
_reflns_shell.pdbx_redundancy                               ? 
_reflns_shell.pdbx_chi_squared                              ? 
_reflns_shell.pdbx_netI_over_sigmaI_all                     ? 
_reflns_shell.pdbx_netI_over_sigmaI_obs                     ? 
_reflns_shell.pdbx_Rrim_I_all                               ? 
_reflns_shell.pdbx_Rpim_I_all                               ? 
_reflns_shell.pdbx_rejects                                  ? 
_reflns_shell.pdbx_ordinal                                  1 
_reflns_shell.pdbx_diffrn_id                                1 
_reflns_shell.pdbx_CC_half                                  0.73 
_reflns_shell.pdbx_CC_star                                  ? 
_reflns_shell.pdbx_R_split                                  ? 
_reflns_shell.percent_possible_all                          99.8 
_reflns_shell.Rmerge_I_all                                  ? 
_reflns_shell.Rmerge_I_obs                                  ? 
_reflns_shell.pdbx_Rsym_value                               ? 
_reflns_shell.pdbx_percent_possible_ellipsoidal             ? 
_reflns_shell.pdbx_percent_possible_spherical               ? 
_reflns_shell.pdbx_percent_possible_ellipsoidal_anomalous   ? 
_reflns_shell.pdbx_percent_possible_spherical_anomalous     ? 
_reflns_shell.pdbx_redundancy_anomalous                     ? 
_reflns_shell.pdbx_CC_half_anomalous                        ? 
_reflns_shell.pdbx_absDiff_over_sigma_anomalous             ? 
_reflns_shell.pdbx_percent_possible_anomalous               ? 
# 
_refine.aniso_B[1][1]                            0.200 
_refine.aniso_B[1][2]                            -0.000 
_refine.aniso_B[1][3]                            -0.000 
_refine.aniso_B[2][2]                            0.050 
_refine.aniso_B[2][3]                            -0.000 
_refine.aniso_B[3][3]                            -0.251 
_refine.B_iso_max                                ? 
_refine.B_iso_mean                               12.556 
_refine.B_iso_min                                ? 
_refine.correlation_coeff_Fo_to_Fc               0.983 
_refine.correlation_coeff_Fo_to_Fc_free          0.982 
_refine.details                                  'Hydrogens have been added in their riding positions' 
_refine.diff_density_max                         ? 
_refine.diff_density_max_esd                     ? 
_refine.diff_density_min                         ? 
_refine.diff_density_min_esd                     ? 
_refine.diff_density_rms                         ? 
_refine.diff_density_rms_esd                     ? 
_refine.entry_id                                 9EN6 
_refine.pdbx_refine_id                           'X-RAY DIFFRACTION' 
_refine.ls_abs_structure_details                 ? 
_refine.ls_abs_structure_Flack                   ? 
_refine.ls_abs_structure_Flack_esd               ? 
_refine.ls_abs_structure_Rogers                  ? 
_refine.ls_abs_structure_Rogers_esd              ? 
_refine.ls_d_res_high                            0.918 
_refine.ls_d_res_low                             25.750 
_refine.ls_extinction_coef                       ? 
_refine.ls_extinction_coef_esd                   ? 
_refine.ls_extinction_expression                 ? 
_refine.ls_extinction_method                     ? 
_refine.ls_goodness_of_fit_all                   ? 
_refine.ls_goodness_of_fit_all_esd               ? 
_refine.ls_goodness_of_fit_obs                   ? 
_refine.ls_goodness_of_fit_obs_esd               ? 
_refine.ls_hydrogen_treatment                    ? 
_refine.ls_matrix_type                           ? 
_refine.ls_number_constraints                    ? 
_refine.ls_number_parameters                     ? 
_refine.ls_number_reflns_all                     ? 
_refine.ls_number_reflns_obs                     34766 
_refine.ls_number_reflns_R_free                  1726 
_refine.ls_number_reflns_R_work                  33040 
_refine.ls_number_restraints                     ? 
_refine.ls_percent_reflns_obs                    99.940 
_refine.ls_percent_reflns_R_free                 4.965 
_refine.ls_R_factor_all                          0.119 
_refine.ls_R_factor_obs                          ? 
_refine.ls_R_factor_R_free                       0.1294 
_refine.ls_R_factor_R_free_error                 ? 
_refine.ls_R_factor_R_free_error_details         ? 
_refine.ls_R_factor_R_work                       0.1184 
_refine.ls_R_Fsqd_factor_obs                     ? 
_refine.ls_R_I_factor_obs                        ? 
_refine.ls_redundancy_reflns_all                 ? 
_refine.ls_redundancy_reflns_obs                 ? 
_refine.ls_restrained_S_all                      ? 
_refine.ls_restrained_S_obs                      ? 
_refine.ls_shift_over_esd_max                    ? 
_refine.ls_shift_over_esd_mean                   ? 
_refine.ls_structure_factor_coef                 ? 
_refine.ls_weighting_details                     ? 
_refine.ls_weighting_scheme                      ? 
_refine.ls_wR_factor_all                         ? 
_refine.ls_wR_factor_obs                         ? 
_refine.ls_wR_factor_R_free                      0.128 
_refine.ls_wR_factor_R_work                      0.116 
_refine.occupancy_max                            ? 
_refine.occupancy_min                            ? 
_refine.solvent_model_details                    'BABINET MODEL PLUS MASK' 
_refine.solvent_model_param_bsol                 ? 
_refine.solvent_model_param_ksol                 ? 
_refine.pdbx_R_complete                          ? 
_refine.ls_R_factor_gt                           ? 
_refine.ls_goodness_of_fit_gt                    ? 
_refine.ls_goodness_of_fit_ref                   ? 
_refine.ls_shift_over_su_max                     ? 
_refine.ls_shift_over_su_max_lt                  ? 
_refine.ls_shift_over_su_mean                    ? 
_refine.ls_shift_over_su_mean_lt                 ? 
_refine.pdbx_ls_sigma_I                          ? 
_refine.pdbx_ls_sigma_F                          ? 
_refine.pdbx_ls_sigma_Fsqd                       ? 
_refine.pdbx_data_cutoff_high_absF               ? 
_refine.pdbx_data_cutoff_high_rms_absF           ? 
_refine.pdbx_data_cutoff_low_absF                ? 
_refine.pdbx_isotropic_thermal_model             ? 
_refine.pdbx_ls_cross_valid_method               'FREE R-VALUE' 
_refine.pdbx_method_to_determine_struct          'MOLECULAR REPLACEMENT' 
_refine.pdbx_starting_model                      ? 
_refine.pdbx_stereochemistry_target_values       ? 
_refine.pdbx_R_Free_selection_details            ? 
_refine.pdbx_stereochem_target_val_spec_case     ? 
_refine.pdbx_overall_ESU_R                       0.019 
_refine.pdbx_overall_ESU_R_Free                  0.018 
_refine.pdbx_solvent_vdw_probe_radii             1.200 
_refine.pdbx_solvent_ion_probe_radii             0.800 
_refine.pdbx_solvent_shrinkage_radii             0.800 
_refine.pdbx_real_space_R                        ? 
_refine.pdbx_density_correlation                 ? 
_refine.pdbx_pd_number_of_powder_patterns        ? 
_refine.pdbx_pd_number_of_points                 ? 
_refine.pdbx_pd_meas_number_of_points            ? 
_refine.pdbx_pd_proc_ls_prof_R_factor            ? 
_refine.pdbx_pd_proc_ls_prof_wR_factor           ? 
_refine.pdbx_pd_Marquardt_correlation_coeff      ? 
_refine.pdbx_pd_Fsqrd_R_factor                   ? 
_refine.pdbx_pd_ls_matrix_band_width             ? 
_refine.pdbx_overall_phase_error                 ? 
_refine.pdbx_overall_SU_R_free_Cruickshank_DPI   ? 
_refine.pdbx_overall_SU_R_free_Blow_DPI          ? 
_refine.pdbx_overall_SU_R_Blow_DPI               ? 
_refine.pdbx_TLS_residual_ADP_flag               ? 
_refine.pdbx_diffrn_id                           1 
_refine.overall_SU_B                             ? 
_refine.overall_SU_ML                            ? 
_refine.overall_SU_R_Cruickshank_DPI             ? 
_refine.overall_SU_R_free                        ? 
_refine.overall_FOM_free_R_set                   ? 
_refine.overall_FOM_work_R_set                   ? 
_refine.pdbx_average_fsc_overall                 ? 
_refine.pdbx_average_fsc_work                    0.9589 
_refine.pdbx_average_fsc_free                    0.9567 
# 
_refine_hist.pdbx_refine_id                   'X-RAY DIFFRACTION' 
_refine_hist.cycle_id                         LAST 
_refine_hist.details                          ? 
_refine_hist.d_res_high                       0.918 
_refine_hist.d_res_low                        25.750 
_refine_hist.number_atoms_solvent             128 
_refine_hist.number_atoms_total               623 
_refine_hist.number_reflns_all                ? 
_refine_hist.number_reflns_obs                ? 
_refine_hist.number_reflns_R_free             ? 
_refine_hist.number_reflns_R_work             ? 
_refine_hist.R_factor_all                     ? 
_refine_hist.R_factor_obs                     ? 
_refine_hist.R_factor_R_free                  ? 
_refine_hist.R_factor_R_work                  ? 
_refine_hist.pdbx_number_residues_total       ? 
_refine_hist.pdbx_B_iso_mean_ligand           ? 
_refine_hist.pdbx_B_iso_mean_solvent          ? 
_refine_hist.pdbx_number_atoms_protein        0 
_refine_hist.pdbx_number_atoms_nucleic_acid   492 
_refine_hist.pdbx_number_atoms_ligand         3 
_refine_hist.pdbx_number_atoms_lipid          ? 
_refine_hist.pdbx_number_atoms_carb           ? 
_refine_hist.pdbx_pseudo_atom_details         ? 
# 
loop_
_refine_ls_restr.pdbx_refine_id 
_refine_ls_restr.criterion 
_refine_ls_restr.dev_ideal 
_refine_ls_restr.dev_ideal_target 
_refine_ls_restr.number 
_refine_ls_restr.rejects 
_refine_ls_restr.type 
_refine_ls_restr.weight 
_refine_ls_restr.pdbx_restraint_function 
'X-RAY DIFFRACTION' ? 0.019 0.011  677  ? r_bond_refined_d               ? ? 
'X-RAY DIFFRACTION' ? 0.001 0.020  304  ? r_bond_other_d                 ? ? 
'X-RAY DIFFRACTION' ? 2.749 1.281  1048 ? r_angle_refined_deg            ? ? 
'X-RAY DIFFRACTION' ? 2.446 3.000  724  ? r_angle_other_deg              ? ? 
'X-RAY DIFFRACTION' ? 0.157 0.200  120  ? r_chiral_restr                 ? ? 
'X-RAY DIFFRACTION' ? 0.035 0.020  354  ? r_gen_planes_refined           ? ? 
'X-RAY DIFFRACTION' ? 0.032 0.020  180  ? r_gen_planes_other             ? ? 
'X-RAY DIFFRACTION' ? 0.423 0.200  99   ? r_nbd_refined                  ? ? 
'X-RAY DIFFRACTION' ? 0.252 0.200  335  ? r_symmetry_nbd_other           ? ? 
'X-RAY DIFFRACTION' ? 0.246 0.200  190  ? r_nbtor_refined                ? ? 
'X-RAY DIFFRACTION' ? 0.094 0.200  104  ? r_symmetry_nbtor_other         ? ? 
'X-RAY DIFFRACTION' ? 0.272 0.200  80   ? r_xyhbond_nbd_refined          ? ? 
'X-RAY DIFFRACTION' ? 0.012 0.200  1    ? r_symmetry_xyhbond_nbd_other   ? ? 
'X-RAY DIFFRACTION' ? 0.036 0.200  2    ? r_metal_ion_refined            ? ? 
'X-RAY DIFFRACTION' ? 0.190 0.200  34   ? r_symmetry_nbd_refined         ? ? 
'X-RAY DIFFRACTION' ? 0.227 0.200  74   ? r_nbd_other                    ? ? 
'X-RAY DIFFRACTION' ? 0.325 0.200  43   ? r_symmetry_xyhbond_nbd_refined ? ? 
'X-RAY DIFFRACTION' ? 0.006 0.200  1    ? r_symmetry_metal_ion_refined   ? ? 
'X-RAY DIFFRACTION' ? 1.695 1.182  675  ? r_scbond_it                    ? ? 
'X-RAY DIFFRACTION' ? 1.693 1.182  672  ? r_scbond_other                 ? ? 
'X-RAY DIFFRACTION' ? 2.154 1.786  1047 ? r_scangle_it                   ? ? 
'X-RAY DIFFRACTION' ? 2.154 1.786  1046 ? r_scangle_other                ? ? 
'X-RAY DIFFRACTION' ? 1.976 12.516 888  ? r_lrange_it                    ? ? 
'X-RAY DIFFRACTION' ? 1.876 11.711 853  ? r_lrange_other                 ? ? 
'X-RAY DIFFRACTION' ? 8.598 3.000  978  ? r_rigid_bond_restr             ? ? 
# 
loop_
_refine_ls_shell.pdbx_refine_id 
_refine_ls_shell.d_res_high 
_refine_ls_shell.d_res_low 
_refine_ls_shell.number_reflns_all 
_refine_ls_shell.number_reflns_obs 
_refine_ls_shell.number_reflns_R_free 
_refine_ls_shell.number_reflns_R_work 
_refine_ls_shell.percent_reflns_obs 
_refine_ls_shell.percent_reflns_R_free 
_refine_ls_shell.R_factor_all 
_refine_ls_shell.R_factor_obs 
_refine_ls_shell.R_factor_R_free_error 
_refine_ls_shell.R_factor_R_work 
_refine_ls_shell.redundancy_reflns_all 
_refine_ls_shell.redundancy_reflns_obs 
_refine_ls_shell.wR_factor_all 
_refine_ls_shell.wR_factor_obs 
_refine_ls_shell.wR_factor_R_free 
_refine_ls_shell.wR_factor_R_work 
_refine_ls_shell.pdbx_R_complete 
_refine_ls_shell.pdbx_total_number_of_bins_used 
_refine_ls_shell.pdbx_phase_error 
_refine_ls_shell.pdbx_fsc_work 
_refine_ls_shell.pdbx_fsc_free 
_refine_ls_shell.R_factor_R_free 
'X-RAY DIFFRACTION' 0.918 0.942 . . 130 2422 99.6486  . . . . 0.336 . . . . . . . . . . . 0.360 
'X-RAY DIFFRACTION' 0.942 0.967 . . 104 2374 99.9597  . . . . 0.256 . . . . . . . . . . . 0.247 
'X-RAY DIFFRACTION' 0.967 0.995 . . 132 2272 99.9584  . . . . 0.198 . . . . . . . . . . . 0.236 
'X-RAY DIFFRACTION' 0.995 1.026 . . 102 2212 100.0000 . . . . 0.150 . . . . . . . . . . . 0.149 
'X-RAY DIFFRACTION' 1.026 1.060 . . 100 2174 100.0000 . . . . 0.119 . . . . . . . . . . . 0.130 
'X-RAY DIFFRACTION' 1.060 1.097 . . 112 2101 100.0000 . . . . 0.089 . . . . . . . . . . . 0.123 
'X-RAY DIFFRACTION' 1.097 1.138 . . 115 1997 100.0000 . . . . 0.085 . . . . . . . . . . . 0.114 
'X-RAY DIFFRACTION' 1.138 1.185 . . 122 1934 99.9514  . . . . 0.085 . . . . . . . . . . . 0.106 
'X-RAY DIFFRACTION' 1.185 1.237 . . 109 1862 99.8986  . . . . 0.085 . . . . . . . . . . . 0.104 
'X-RAY DIFFRACTION' 1.237 1.297 . . 88  1794 99.9469  . . . . 0.093 . . . . . . . . . . . 0.106 
'X-RAY DIFFRACTION' 1.297 1.367 . . 83  1684 100.0000 . . . . 0.096 . . . . . . . . . . . 0.121 
'X-RAY DIFFRACTION' 1.367 1.450 . . 73  1627 100.0000 . . . . 0.093 . . . . . . . . . . . 0.122 
'X-RAY DIFFRACTION' 1.450 1.550 . . 88  1542 100.0000 . . . . 0.084 . . . . . . . . . . . 0.110 
'X-RAY DIFFRACTION' 1.550 1.674 . . 75  1407 100.0000 . . . . 0.087 . . . . . . . . . . . 0.097 
'X-RAY DIFFRACTION' 1.674 1.833 . . 70  1324 100.0000 . . . . 0.092 . . . . . . . . . . . 0.114 
'X-RAY DIFFRACTION' 1.833 2.049 . . 57  1196 100.0000 . . . . 0.109 . . . . . . . . . . . 0.112 
'X-RAY DIFFRACTION' 2.049 2.364 . . 59  1062 99.9109  . . . . 0.130 . . . . . . . . . . . 0.120 
'X-RAY DIFFRACTION' 2.364 2.891 . . 49  907  100.0000 . . . . 0.148 . . . . . . . . . . . 0.134 
'X-RAY DIFFRACTION' 2.891 4.071 . . 32  721  99.8674  . . . . 0.129 . . . . . . . . . . . 0.127 
'X-RAY DIFFRACTION' 4.071 25.75 . . 26  428  99.1266  . . . . 0.163 . . . . . . . . . . . 0.200 
# 
_struct.entry_id                     9EN6 
_struct.title                        'Crystal structure of RNA G2C4 repeats - native model pH 6.5' 
_struct.pdbx_model_details           ? 
_struct.pdbx_formula_weight          ? 
_struct.pdbx_formula_weight_method   ? 
_struct.pdbx_model_type_details      ? 
_struct.pdbx_CASP_flag               N 
# 
_struct_keywords.entry_id        9EN6 
_struct_keywords.text            'RNA, G2C4 repeats, ALS, FTD, hexanucleotide repeats' 
_struct_keywords.pdbx_keywords   RNA 
# 
loop_
_struct_asym.id 
_struct_asym.pdbx_blank_PDB_chainid_flag 
_struct_asym.pdbx_modified 
_struct_asym.entity_id 
_struct_asym.details 
A N N 1 ? 
B N N 1 ? 
C N N 1 ? 
D N N 1 ? 
E N N 2 ? 
F N N 2 ? 
G N N 2 ? 
H N N 3 ? 
I N N 3 ? 
J N N 3 ? 
K N N 3 ? 
# 
_struct_ref.id                         1 
_struct_ref.db_name                    PDB 
_struct_ref.db_code                    9EN6 
_struct_ref.pdbx_db_accession          9EN6 
_struct_ref.pdbx_db_isoform            ? 
_struct_ref.entity_id                  1 
_struct_ref.pdbx_seq_one_letter_code   ? 
_struct_ref.pdbx_align_begin           1 
# 
loop_
_struct_ref_seq.align_id 
_struct_ref_seq.ref_id 
_struct_ref_seq.pdbx_PDB_id_code 
_struct_ref_seq.pdbx_strand_id 
_struct_ref_seq.seq_align_beg 
_struct_ref_seq.pdbx_seq_align_beg_ins_code 
_struct_ref_seq.seq_align_end 
_struct_ref_seq.pdbx_seq_align_end_ins_code 
_struct_ref_seq.pdbx_db_accession 
_struct_ref_seq.db_align_beg 
_struct_ref_seq.pdbx_db_align_beg_ins_code 
_struct_ref_seq.db_align_end 
_struct_ref_seq.pdbx_db_align_end_ins_code 
_struct_ref_seq.pdbx_auth_seq_align_beg 
_struct_ref_seq.pdbx_auth_seq_align_end 
1 1 9EN6 AAA 1 ? 6 ? 9EN6 1 ? 6 ? 1 6 
2 1 9EN6 BBB 1 ? 6 ? 9EN6 1 ? 6 ? 1 6 
3 1 9EN6 CCC 1 ? 6 ? 9EN6 1 ? 6 ? 1 6 
4 1 9EN6 DDD 1 ? 6 ? 9EN6 1 ? 6 ? 1 6 
# 
_pdbx_struct_assembly.id                   1 
_pdbx_struct_assembly.details              author_defined_assembly 
_pdbx_struct_assembly.method_details       ? 
_pdbx_struct_assembly.oligomeric_details   tetrameric 
_pdbx_struct_assembly.oligomeric_count     4 
# 
loop_
_pdbx_struct_assembly_prop.biol_id 
_pdbx_struct_assembly_prop.type 
_pdbx_struct_assembly_prop.value 
_pdbx_struct_assembly_prop.details 
1 'ABSA (A^2)' 2030 ? 
1 MORE         -28  ? 
1 'SSA (A^2)'  4390 ? 
# 
_pdbx_struct_assembly_gen.assembly_id       1 
_pdbx_struct_assembly_gen.oper_expression   1 
_pdbx_struct_assembly_gen.asym_id_list      A,B,C,D,E,F,G,H,I,J,K 
# 
_pdbx_struct_assembly_auth_evidence.id                     1 
_pdbx_struct_assembly_auth_evidence.assembly_id            1 
_pdbx_struct_assembly_auth_evidence.experimental_support   none 
_pdbx_struct_assembly_auth_evidence.details                ? 
# 
_pdbx_struct_oper_list.id                   1 
_pdbx_struct_oper_list.type                 'identity operation' 
_pdbx_struct_oper_list.name                 1_555 
_pdbx_struct_oper_list.symmetry_operation   x,y,z 
_pdbx_struct_oper_list.matrix[1][1]         1.0000000000 
_pdbx_struct_oper_list.matrix[1][2]         0.0000000000 
_pdbx_struct_oper_list.matrix[1][3]         0.0000000000 
_pdbx_struct_oper_list.vector[1]            0.0000000000 
_pdbx_struct_oper_list.matrix[2][1]         0.0000000000 
_pdbx_struct_oper_list.matrix[2][2]         1.0000000000 
_pdbx_struct_oper_list.matrix[2][3]         0.0000000000 
_pdbx_struct_oper_list.vector[2]            0.0000000000 
_pdbx_struct_oper_list.matrix[3][1]         0.0000000000 
_pdbx_struct_oper_list.matrix[3][2]         0.0000000000 
_pdbx_struct_oper_list.matrix[3][3]         1.0000000000 
_pdbx_struct_oper_list.vector[3]            0.0000000000 
# 
loop_
_struct_conn.id 
_struct_conn.conn_type_id 
_struct_conn.pdbx_leaving_atom_flag 
_struct_conn.pdbx_PDB_id 
_struct_conn.ptnr1_label_asym_id 
_struct_conn.ptnr1_label_comp_id 
_struct_conn.ptnr1_label_seq_id 
_struct_conn.ptnr1_label_atom_id 
_struct_conn.pdbx_ptnr1_label_alt_id 
_struct_conn.pdbx_ptnr1_PDB_ins_code 
_struct_conn.pdbx_ptnr1_standard_comp_id 
_struct_conn.ptnr1_symmetry 
_struct_conn.ptnr2_label_asym_id 
_struct_conn.ptnr2_label_comp_id 
_struct_conn.ptnr2_label_seq_id 
_struct_conn.ptnr2_label_atom_id 
_struct_conn.pdbx_ptnr2_label_alt_id 
_struct_conn.pdbx_ptnr2_PDB_ins_code 
_struct_conn.ptnr1_auth_asym_id 
_struct_conn.ptnr1_auth_comp_id 
_struct_conn.ptnr1_auth_seq_id 
_struct_conn.ptnr2_auth_asym_id 
_struct_conn.ptnr2_auth_comp_id 
_struct_conn.ptnr2_auth_seq_id 
_struct_conn.ptnr2_symmetry 
_struct_conn.pdbx_ptnr3_label_atom_id 
_struct_conn.pdbx_ptnr3_label_seq_id 
_struct_conn.pdbx_ptnr3_label_comp_id 
_struct_conn.pdbx_ptnr3_label_asym_id 
_struct_conn.pdbx_ptnr3_label_alt_id 
_struct_conn.pdbx_ptnr3_PDB_ins_code 
_struct_conn.details 
_struct_conn.pdbx_dist_value 
_struct_conn.pdbx_value_order 
_struct_conn.pdbx_role 
metalc1  metalc ? ? A C  4 OP2 A ? ? 1_555 E MG  . MG ? ? AAA C  4   AAA MG  101 1_555 ? ? ? ? ? ? ?            2.021 ? ? 
metalc2  metalc ? ? E MG . MG  ? ? ? 1_555 H HOH . O  ? ? AAA MG 101 AAA HOH 205 1_555 ? ? ? ? ? ? ?            2.533 ? ? 
metalc3  metalc ? ? E MG . MG  ? ? ? 1_555 H HOH . O  ? ? AAA MG 101 AAA HOH 215 1_555 ? ? ? ? ? ? ?            2.041 ? ? 
metalc4  metalc ? ? E MG . MG  ? ? ? 1_555 H HOH . O  ? ? AAA MG 101 AAA HOH 222 1_555 ? ? ? ? ? ? ?            2.074 ? ? 
metalc5  metalc ? ? E MG . MG  ? ? ? 1_555 I HOH . O  ? ? AAA MG 101 BBB HOH 206 6_445 ? ? ? ? ? ? ?            2.228 ? ? 
metalc6  metalc ? ? E MG . MG  ? ? ? 1_555 I HOH . O  ? ? AAA MG 101 BBB HOH 229 6_445 ? ? ? ? ? ? ?            2.162 ? ? 
metalc7  metalc ? ? B C  4 OP1 A ? ? 1_555 F MG  . MG ? ? BBB C  4   BBB MG  101 1_555 ? ? ? ? ? ? ?            2.065 ? ? 
metalc8  metalc ? ? B C  4 OP1 B ? ? 1_555 F MG  . MG ? ? BBB C  4   BBB MG  101 1_555 ? ? ? ? ? ? ?            2.022 ? ? 
metalc9  metalc ? ? F MG . MG  ? ? ? 1_555 I HOH . O  ? ? BBB MG 101 BBB HOH 204 1_555 ? ? ? ? ? ? ?            1.940 ? ? 
metalc10 metalc ? ? F MG . MG  ? ? ? 1_555 I HOH . O  ? ? BBB MG 101 BBB HOH 210 1_555 ? ? ? ? ? ? ?            2.018 ? ? 
metalc11 metalc ? ? F MG . MG  ? ? ? 1_555 I HOH . O  ? ? BBB MG 101 BBB HOH 213 1_555 ? ? ? ? ? ? ?            2.167 ? ? 
metalc12 metalc ? ? F MG . MG  ? ? ? 1_555 I HOH . O  ? ? BBB MG 101 BBB HOH 214 1_555 ? ? ? ? ? ? ?            2.045 ? ? 
metalc13 metalc ? ? F MG . MG  ? ? ? 1_555 I HOH . O  ? ? BBB MG 101 BBB HOH 234 1_555 ? ? ? ? ? ? ?            2.196 ? ? 
metalc14 metalc ? ? C C  6 OP1 ? ? ? 1_555 G MG  . MG ? ? CCC C  6   CCC MG  101 1_555 ? ? ? ? ? ? ?            1.984 ? ? 
metalc15 metalc ? ? C C  6 OP1 ? ? ? 1_555 G MG  . MG ? ? CCC C  6   CCC MG  101 3_555 ? ? ? ? ? ? ?            1.984 ? ? 
metalc16 metalc ? ? G MG . MG  ? ? ? 1_555 J HOH . O  ? ? CCC MG 101 CCC HOH 219 1_555 ? ? ? ? ? ? ?            2.116 ? ? 
metalc17 metalc ? ? G MG . MG  ? ? ? 1_555 J HOH . O  ? ? CCC MG 101 CCC HOH 219 3_555 ? ? ? ? ? ? ?            2.117 ? ? 
metalc18 metalc ? ? G MG . MG  ? ? ? 1_555 K HOH . O  ? ? CCC MG 101 DDD HOH 125 4_555 ? ? ? ? ? ? ?            2.066 ? ? 
hydrog1  hydrog ? ? A G  1 N1  ? ? ? 1_555 B C   4 N3 A ? AAA G  1   BBB C   4   1_555 ? ? ? ? ? ? WATSON-CRICK ?     ? ? 
hydrog2  hydrog ? ? A G  1 N1  ? ? ? 1_555 B C   4 N3 B ? AAA G  1   BBB C   4   1_555 ? ? ? ? ? ? WATSON-CRICK ?     ? ? 
hydrog3  hydrog ? ? A G  1 N2  ? ? ? 1_555 B C   4 O2 A ? AAA G  1   BBB C   4   1_555 ? ? ? ? ? ? WATSON-CRICK ?     ? ? 
hydrog4  hydrog ? ? A G  1 N2  ? ? ? 1_555 B C   4 O2 B ? AAA G  1   BBB C   4   1_555 ? ? ? ? ? ? WATSON-CRICK ?     ? ? 
hydrog5  hydrog ? ? A G  1 O6  ? ? ? 1_555 B C   4 N4 A ? AAA G  1   BBB C   4   1_555 ? ? ? ? ? ? WATSON-CRICK ?     ? ? 
hydrog6  hydrog ? ? A G  1 O6  ? ? ? 1_555 B C   4 N4 B ? AAA G  1   BBB C   4   1_555 ? ? ? ? ? ? WATSON-CRICK ?     ? ? 
hydrog7  hydrog ? ? A G  1 O6  ? ? ? 1_555 C C   5 N4 ? ? AAA G  1   CCC C   5   1_555 ? ? ? ? ? ? 'G-C PAIR'   ?     ? ? 
hydrog8  hydrog ? ? A G  2 N1  ? ? ? 1_555 B C   3 N3 ? ? AAA G  2   BBB C   3   1_555 ? ? ? ? ? ? WATSON-CRICK ?     ? ? 
hydrog9  hydrog ? ? A G  2 N2  ? ? ? 1_555 B C   3 O2 ? ? AAA G  2   BBB C   3   1_555 ? ? ? ? ? ? WATSON-CRICK ?     ? ? 
hydrog10 hydrog ? ? A G  2 O6  ? ? ? 1_555 B C   3 N4 ? ? AAA G  2   BBB C   3   1_555 ? ? ? ? ? ? WATSON-CRICK ?     ? ? 
hydrog11 hydrog ? ? A G  2 O6  ? ? ? 1_555 C C   6 N4 ? ? AAA G  2   CCC C   6   1_555 ? ? ? ? ? ? 'G-C PAIR'   ?     ? ? 
hydrog12 hydrog ? ? A C  3 N3  ? ? ? 1_555 B G   2 N1 ? ? AAA C  3   BBB G   2   1_555 ? ? ? ? ? ? WATSON-CRICK ?     ? ? 
hydrog13 hydrog ? ? A C  3 N4  ? ? ? 1_555 B G   2 O6 ? ? AAA C  3   BBB G   2   1_555 ? ? ? ? ? ? WATSON-CRICK ?     ? ? 
hydrog14 hydrog ? ? A C  3 O2  ? ? ? 1_555 B G   2 N2 ? ? AAA C  3   BBB G   2   1_555 ? ? ? ? ? ? WATSON-CRICK ?     ? ? 
hydrog15 hydrog ? ? A C  4 N3  A ? ? 1_555 B G   1 N1 ? ? AAA C  4   BBB G   1   1_555 ? ? ? ? ? ? WATSON-CRICK ?     ? ? 
hydrog16 hydrog ? ? A C  4 N3  B ? ? 1_555 B G   1 N1 ? ? AAA C  4   BBB G   1   1_555 ? ? ? ? ? ? WATSON-CRICK ?     ? ? 
hydrog17 hydrog ? ? A C  4 N4  A ? ? 1_555 B G   1 O6 ? ? AAA C  4   BBB G   1   1_555 ? ? ? ? ? ? WATSON-CRICK ?     ? ? 
hydrog18 hydrog ? ? A C  4 N4  B ? ? 1_555 B G   1 O6 ? ? AAA C  4   BBB G   1   1_555 ? ? ? ? ? ? WATSON-CRICK ?     ? ? 
hydrog19 hydrog ? ? A C  4 O2  A ? ? 1_555 B G   1 N2 ? ? AAA C  4   BBB G   1   1_555 ? ? ? ? ? ? WATSON-CRICK ?     ? ? 
hydrog20 hydrog ? ? A C  4 O2  B ? ? 1_555 B G   1 N2 ? ? AAA C  4   BBB G   1   1_555 ? ? ? ? ? ? WATSON-CRICK ?     ? ? 
hydrog21 hydrog ? ? B C  5 N4  A ? ? 1_555 D G   1 O6 ? ? BBB C  5   DDD G   1   1_555 ? ? ? ? ? ? 'C-G PAIR'   ?     ? ? 
hydrog22 hydrog ? ? B C  5 N4  B ? ? 1_555 D G   1 O6 ? ? BBB C  5   DDD G   1   1_555 ? ? ? ? ? ? 'C-G PAIR'   ?     ? ? 
hydrog23 hydrog ? ? B C  6 N4  ? ? ? 1_555 D G   2 O6 ? ? BBB C  6   DDD G   2   1_555 ? ? ? ? ? ? 'C-G PAIR'   ?     ? ? 
hydrog24 hydrog ? ? C G  1 N1  ? ? ? 1_555 D C   4 N3 ? ? CCC G  1   DDD C   4   1_555 ? ? ? ? ? ? WATSON-CRICK ?     ? ? 
hydrog25 hydrog ? ? C G  1 N2  ? ? ? 1_555 D C   4 O2 ? ? CCC G  1   DDD C   4   1_555 ? ? ? ? ? ? WATSON-CRICK ?     ? ? 
hydrog26 hydrog ? ? C G  1 O6  ? ? ? 1_555 D C   4 N4 ? ? CCC G  1   DDD C   4   1_555 ? ? ? ? ? ? WATSON-CRICK ?     ? ? 
hydrog27 hydrog ? ? C G  2 N1  ? ? ? 1_555 D C   3 N3 ? ? CCC G  2   DDD C   3   1_555 ? ? ? ? ? ? WATSON-CRICK ?     ? ? 
hydrog28 hydrog ? ? C G  2 N2  ? ? ? 1_555 D C   3 O2 ? ? CCC G  2   DDD C   3   1_555 ? ? ? ? ? ? WATSON-CRICK ?     ? ? 
hydrog29 hydrog ? ? C G  2 O6  ? ? ? 1_555 D C   3 N4 ? ? CCC G  2   DDD C   3   1_555 ? ? ? ? ? ? WATSON-CRICK ?     ? ? 
hydrog30 hydrog ? ? C C  3 N3  ? ? ? 1_555 D G   2 N1 ? ? CCC C  3   DDD G   2   1_555 ? ? ? ? ? ? WATSON-CRICK ?     ? ? 
hydrog31 hydrog ? ? C C  3 N4  ? ? ? 1_555 D G   2 O6 ? ? CCC C  3   DDD G   2   1_555 ? ? ? ? ? ? WATSON-CRICK ?     ? ? 
hydrog32 hydrog ? ? C C  3 O2  ? ? ? 1_555 D G   2 N2 ? ? CCC C  3   DDD G   2   1_555 ? ? ? ? ? ? WATSON-CRICK ?     ? ? 
hydrog33 hydrog ? ? C C  4 N3  ? ? ? 1_555 D G   1 N1 ? ? CCC C  4   DDD G   1   1_555 ? ? ? ? ? ? WATSON-CRICK ?     ? ? 
hydrog34 hydrog ? ? C C  4 N4  ? ? ? 1_555 D G   1 O6 ? ? CCC C  4   DDD G   1   1_555 ? ? ? ? ? ? WATSON-CRICK ?     ? ? 
hydrog35 hydrog ? ? C C  4 O2  ? ? ? 1_555 D G   1 N2 ? ? CCC C  4   DDD G   1   1_555 ? ? ? ? ? ? WATSON-CRICK ?     ? ? 
# 
loop_
_struct_conn_type.id 
_struct_conn_type.criteria 
_struct_conn_type.reference 
metalc ? ? 
hydrog ? ? 
# 
loop_
_pdbx_struct_conn_angle.id 
_pdbx_struct_conn_angle.ptnr1_label_atom_id 
_pdbx_struct_conn_angle.ptnr1_label_alt_id 
_pdbx_struct_conn_angle.ptnr1_label_asym_id 
_pdbx_struct_conn_angle.ptnr1_label_comp_id 
_pdbx_struct_conn_angle.ptnr1_label_seq_id 
_pdbx_struct_conn_angle.ptnr1_auth_atom_id 
_pdbx_struct_conn_angle.ptnr1_auth_asym_id 
_pdbx_struct_conn_angle.ptnr1_auth_comp_id 
_pdbx_struct_conn_angle.ptnr1_auth_seq_id 
_pdbx_struct_conn_angle.ptnr1_PDB_ins_code 
_pdbx_struct_conn_angle.ptnr1_symmetry 
_pdbx_struct_conn_angle.ptnr2_label_atom_id 
_pdbx_struct_conn_angle.ptnr2_label_alt_id 
_pdbx_struct_conn_angle.ptnr2_label_asym_id 
_pdbx_struct_conn_angle.ptnr2_label_comp_id 
_pdbx_struct_conn_angle.ptnr2_label_seq_id 
_pdbx_struct_conn_angle.ptnr2_auth_atom_id 
_pdbx_struct_conn_angle.ptnr2_auth_asym_id 
_pdbx_struct_conn_angle.ptnr2_auth_comp_id 
_pdbx_struct_conn_angle.ptnr2_auth_seq_id 
_pdbx_struct_conn_angle.ptnr2_PDB_ins_code 
_pdbx_struct_conn_angle.ptnr2_symmetry 
_pdbx_struct_conn_angle.ptnr3_label_atom_id 
_pdbx_struct_conn_angle.ptnr3_label_alt_id 
_pdbx_struct_conn_angle.ptnr3_label_asym_id 
_pdbx_struct_conn_angle.ptnr3_label_comp_id 
_pdbx_struct_conn_angle.ptnr3_label_seq_id 
_pdbx_struct_conn_angle.ptnr3_auth_atom_id 
_pdbx_struct_conn_angle.ptnr3_auth_asym_id 
_pdbx_struct_conn_angle.ptnr3_auth_comp_id 
_pdbx_struct_conn_angle.ptnr3_auth_seq_id 
_pdbx_struct_conn_angle.ptnr3_PDB_ins_code 
_pdbx_struct_conn_angle.ptnr3_symmetry 
_pdbx_struct_conn_angle.value 
_pdbx_struct_conn_angle.value_esd 
1  OP2 A A C   4 ? AAA C   4   ? 1_555 MG ? E MG . ? AAA MG 101 ? 1_555 O   ? H HOH . ? AAA HOH 205 ? 1_555 85.3  ? 
2  OP2 A A C   4 ? AAA C   4   ? 1_555 MG ? E MG . ? AAA MG 101 ? 1_555 O   ? H HOH . ? AAA HOH 215 ? 1_555 89.7  ? 
3  O   ? H HOH . ? AAA HOH 205 ? 1_555 MG ? E MG . ? AAA MG 101 ? 1_555 O   ? H HOH . ? AAA HOH 215 ? 1_555 168.1 ? 
4  OP2 A A C   4 ? AAA C   4   ? 1_555 MG ? E MG . ? AAA MG 101 ? 1_555 O   ? H HOH . ? AAA HOH 222 ? 1_555 97.0  ? 
5  O   ? H HOH . ? AAA HOH 205 ? 1_555 MG ? E MG . ? AAA MG 101 ? 1_555 O   ? H HOH . ? AAA HOH 222 ? 1_555 79.7  ? 
6  O   ? H HOH . ? AAA HOH 215 ? 1_555 MG ? E MG . ? AAA MG 101 ? 1_555 O   ? H HOH . ? AAA HOH 222 ? 1_555 90.2  ? 
7  OP2 A A C   4 ? AAA C   4   ? 1_555 MG ? E MG . ? AAA MG 101 ? 1_555 O   ? I HOH . ? BBB HOH 206 ? 6_445 174.0 ? 
8  O   ? H HOH . ? AAA HOH 205 ? 1_555 MG ? E MG . ? AAA MG 101 ? 1_555 O   ? I HOH . ? BBB HOH 206 ? 6_445 100.3 ? 
9  O   ? H HOH . ? AAA HOH 215 ? 1_555 MG ? E MG . ? AAA MG 101 ? 1_555 O   ? I HOH . ? BBB HOH 206 ? 6_445 84.4  ? 
10 O   ? H HOH . ? AAA HOH 222 ? 1_555 MG ? E MG . ? AAA MG 101 ? 1_555 O   ? I HOH . ? BBB HOH 206 ? 6_445 82.1  ? 
11 OP2 A A C   4 ? AAA C   4   ? 1_555 MG ? E MG . ? AAA MG 101 ? 1_555 O   ? I HOH . ? BBB HOH 229 ? 6_445 91.5  ? 
12 O   ? H HOH . ? AAA HOH 205 ? 1_555 MG ? E MG . ? AAA MG 101 ? 1_555 O   ? I HOH . ? BBB HOH 229 ? 6_445 98.3  ? 
13 O   ? H HOH . ? AAA HOH 215 ? 1_555 MG ? E MG . ? AAA MG 101 ? 1_555 O   ? I HOH . ? BBB HOH 229 ? 6_445 92.6  ? 
14 O   ? H HOH . ? AAA HOH 222 ? 1_555 MG ? E MG . ? AAA MG 101 ? 1_555 O   ? I HOH . ? BBB HOH 229 ? 6_445 171.0 ? 
15 O   ? I HOH . ? BBB HOH 206 ? 6_445 MG ? E MG . ? AAA MG 101 ? 1_555 O   ? I HOH . ? BBB HOH 229 ? 6_445 89.7  ? 
16 OP1 A B C   4 ? BBB C   4   ? 1_555 MG ? F MG . ? BBB MG 101 ? 1_555 OP1 B B C   4 ? BBB C   4   ? 1_555 2.2   ? 
17 OP1 A B C   4 ? BBB C   4   ? 1_555 MG ? F MG . ? BBB MG 101 ? 1_555 O   ? I HOH . ? BBB HOH 204 ? 1_555 99.6  ? 
18 OP1 B B C   4 ? BBB C   4   ? 1_555 MG ? F MG . ? BBB MG 101 ? 1_555 O   ? I HOH . ? BBB HOH 204 ? 1_555 97.4  ? 
19 OP1 A B C   4 ? BBB C   4   ? 1_555 MG ? F MG . ? BBB MG 101 ? 1_555 O   ? I HOH . ? BBB HOH 210 ? 1_555 88.8  ? 
20 OP1 B B C   4 ? BBB C   4   ? 1_555 MG ? F MG . ? BBB MG 101 ? 1_555 O   ? I HOH . ? BBB HOH 210 ? 1_555 88.4  ? 
21 O   ? I HOH . ? BBB HOH 204 ? 1_555 MG ? F MG . ? BBB MG 101 ? 1_555 O   ? I HOH . ? BBB HOH 210 ? 1_555 81.4  ? 
22 OP1 A B C   4 ? BBB C   4   ? 1_555 MG ? F MG . ? BBB MG 101 ? 1_555 O   ? I HOH . ? BBB HOH 213 ? 1_555 81.0  ? 
23 OP1 B B C   4 ? BBB C   4   ? 1_555 MG ? F MG . ? BBB MG 101 ? 1_555 O   ? I HOH . ? BBB HOH 213 ? 1_555 83.1  ? 
24 O   ? I HOH . ? BBB HOH 204 ? 1_555 MG ? F MG . ? BBB MG 101 ? 1_555 O   ? I HOH . ? BBB HOH 213 ? 1_555 170.6 ? 
25 O   ? I HOH . ? BBB HOH 210 ? 1_555 MG ? F MG . ? BBB MG 101 ? 1_555 O   ? I HOH . ? BBB HOH 213 ? 1_555 89.2  ? 
26 OP1 A B C   4 ? BBB C   4   ? 1_555 MG ? F MG . ? BBB MG 101 ? 1_555 O   ? I HOH . ? BBB HOH 214 ? 1_555 85.4  ? 
27 OP1 B B C   4 ? BBB C   4   ? 1_555 MG ? F MG . ? BBB MG 101 ? 1_555 O   ? I HOH . ? BBB HOH 214 ? 1_555 85.5  ? 
28 O   ? I HOH . ? BBB HOH 204 ? 1_555 MG ? F MG . ? BBB MG 101 ? 1_555 O   ? I HOH . ? BBB HOH 214 ? 1_555 93.8  ? 
29 O   ? I HOH . ? BBB HOH 210 ? 1_555 MG ? F MG . ? BBB MG 101 ? 1_555 O   ? I HOH . ? BBB HOH 214 ? 1_555 171.7 ? 
30 O   ? I HOH . ? BBB HOH 213 ? 1_555 MG ? F MG . ? BBB MG 101 ? 1_555 O   ? I HOH . ? BBB HOH 214 ? 1_555 95.6  ? 
31 OP1 A B C   4 ? BBB C   4   ? 1_555 MG ? F MG . ? BBB MG 101 ? 1_555 O   ? I HOH . ? BBB HOH 234 ? 1_555 173.1 ? 
32 OP1 B B C   4 ? BBB C   4   ? 1_555 MG ? F MG . ? BBB MG 101 ? 1_555 O   ? I HOH . ? BBB HOH 234 ? 1_555 175.3 ? 
33 O   ? I HOH . ? BBB HOH 204 ? 1_555 MG ? F MG . ? BBB MG 101 ? 1_555 O   ? I HOH . ? BBB HOH 234 ? 1_555 87.3  ? 
34 O   ? I HOH . ? BBB HOH 210 ? 1_555 MG ? F MG . ? BBB MG 101 ? 1_555 O   ? I HOH . ? BBB HOH 234 ? 1_555 91.5  ? 
35 O   ? I HOH . ? BBB HOH 213 ? 1_555 MG ? F MG . ? BBB MG 101 ? 1_555 O   ? I HOH . ? BBB HOH 234 ? 1_555 92.1  ? 
36 O   ? I HOH . ? BBB HOH 214 ? 1_555 MG ? F MG . ? BBB MG 101 ? 1_555 O   ? I HOH . ? BBB HOH 234 ? 1_555 94.9  ? 
37 OP1 ? C C   6 ? CCC C   6   ? 1_555 MG ? G MG . ? CCC MG 101 ? 1_555 OP1 ? C C   6 ? CCC C   6   ? 1_555 0.0   ? 
38 OP1 ? C C   6 ? CCC C   6   ? 1_555 MG ? G MG . ? CCC MG 101 ? 1_555 O   ? J HOH . ? CCC HOH 219 ? 1_555 92.8  ? 
39 OP1 ? C C   6 ? CCC C   6   ? 1_555 MG ? G MG . ? CCC MG 101 ? 1_555 O   ? J HOH . ? CCC HOH 219 ? 1_555 92.8  ? 
40 OP1 ? C C   6 ? CCC C   6   ? 1_555 MG ? G MG . ? CCC MG 101 ? 1_555 O   ? J HOH . ? CCC HOH 219 ? 3_555 86.5  ? 
41 OP1 ? C C   6 ? CCC C   6   ? 1_555 MG ? G MG . ? CCC MG 101 ? 1_555 O   ? J HOH . ? CCC HOH 219 ? 3_555 86.5  ? 
42 O   ? J HOH . ? CCC HOH 219 ? 1_555 MG ? G MG . ? CCC MG 101 ? 1_555 O   ? J HOH . ? CCC HOH 219 ? 3_555 179.0 ? 
43 OP1 ? C C   6 ? CCC C   6   ? 1_555 MG ? G MG . ? CCC MG 101 ? 1_555 O   ? K HOH . ? DDD HOH 125 ? 4_555 92.0  ? 
44 OP1 ? C C   6 ? CCC C   6   ? 1_555 MG ? G MG . ? CCC MG 101 ? 1_555 O   ? K HOH . ? DDD HOH 125 ? 4_555 92.0  ? 
45 O   ? J HOH . ? CCC HOH 219 ? 1_555 MG ? G MG . ? CCC MG 101 ? 1_555 O   ? K HOH . ? DDD HOH 125 ? 4_555 93.7  ? 
46 O   ? J HOH . ? CCC HOH 219 ? 3_555 MG ? G MG . ? CCC MG 101 ? 1_555 O   ? K HOH . ? DDD HOH 125 ? 4_555 87.1  ? 
# 
_pdbx_entry_details.entry_id                   9EN6 
_pdbx_entry_details.nonpolymer_details         ? 
_pdbx_entry_details.sequence_details           ? 
_pdbx_entry_details.compound_details           ? 
_pdbx_entry_details.source_details             ? 
_pdbx_entry_details.has_ligand_of_interest     Y 
_pdbx_entry_details.has_protein_modification   N 
# 
loop_
_pdbx_validate_rmsd_bond.id 
_pdbx_validate_rmsd_bond.PDB_model_num 
_pdbx_validate_rmsd_bond.auth_atom_id_1 
_pdbx_validate_rmsd_bond.auth_asym_id_1 
_pdbx_validate_rmsd_bond.auth_comp_id_1 
_pdbx_validate_rmsd_bond.auth_seq_id_1 
_pdbx_validate_rmsd_bond.PDB_ins_code_1 
_pdbx_validate_rmsd_bond.label_alt_id_1 
_pdbx_validate_rmsd_bond.auth_atom_id_2 
_pdbx_validate_rmsd_bond.auth_asym_id_2 
_pdbx_validate_rmsd_bond.auth_comp_id_2 
_pdbx_validate_rmsd_bond.auth_seq_id_2 
_pdbx_validate_rmsd_bond.PDB_ins_code_2 
_pdbx_validate_rmsd_bond.label_alt_id_2 
_pdbx_validate_rmsd_bond.bond_value 
_pdbx_validate_rmsd_bond.bond_target_value 
_pdbx_validate_rmsd_bond.bond_deviation 
_pdbx_validate_rmsd_bond.bond_standard_deviation 
_pdbx_validate_rmsd_bond.linker_flag 
1  1 "O3'" AAA C 3 ? ? P     AAA C 4 ? B 1.691 1.607 0.084  0.012 Y 
2  1 "O5'" AAA C 5 ? A "C5'" AAA C 5 ? A 1.320 1.420 -0.100 0.009 N 
3  1 "O5'" AAA C 5 ? B "C5'" AAA C 5 ? B 1.583 1.440 0.143  0.016 N 
4  1 "C5'" AAA C 5 ? A "C4'" AAA C 5 ? A 1.451 1.508 -0.057 0.007 N 
5  1 "C5'" AAA C 5 ? B "C4'" AAA C 5 ? B 1.609 1.509 0.100  0.012 N 
6  1 "O3'" AAA C 5 ? A "C3'" AAA C 5 ? A 1.327 1.417 -0.090 0.014 N 
7  1 "O3'" AAA C 5 ? B P     AAA C 6 ? B 1.688 1.607 0.081  0.012 Y 
8  1 "O3'" BBB C 4 ? B P     BBB C 5 ? B 1.505 1.607 -0.102 0.012 Y 
9  1 "O5'" BBB C 5 ? A "C5'" BBB C 5 ? A 1.363 1.420 -0.057 0.009 N 
10 1 "O5'" DDD G 1 ? ? "C5'" DDD G 1 ? ? 1.348 1.420 -0.072 0.009 N 
# 
loop_
_pdbx_validate_rmsd_angle.id 
_pdbx_validate_rmsd_angle.PDB_model_num 
_pdbx_validate_rmsd_angle.auth_atom_id_1 
_pdbx_validate_rmsd_angle.auth_asym_id_1 
_pdbx_validate_rmsd_angle.auth_comp_id_1 
_pdbx_validate_rmsd_angle.auth_seq_id_1 
_pdbx_validate_rmsd_angle.PDB_ins_code_1 
_pdbx_validate_rmsd_angle.label_alt_id_1 
_pdbx_validate_rmsd_angle.auth_atom_id_2 
_pdbx_validate_rmsd_angle.auth_asym_id_2 
_pdbx_validate_rmsd_angle.auth_comp_id_2 
_pdbx_validate_rmsd_angle.auth_seq_id_2 
_pdbx_validate_rmsd_angle.PDB_ins_code_2 
_pdbx_validate_rmsd_angle.label_alt_id_2 
_pdbx_validate_rmsd_angle.auth_atom_id_3 
_pdbx_validate_rmsd_angle.auth_asym_id_3 
_pdbx_validate_rmsd_angle.auth_comp_id_3 
_pdbx_validate_rmsd_angle.auth_seq_id_3 
_pdbx_validate_rmsd_angle.PDB_ins_code_3 
_pdbx_validate_rmsd_angle.label_alt_id_3 
_pdbx_validate_rmsd_angle.angle_value 
_pdbx_validate_rmsd_angle.angle_target_value 
_pdbx_validate_rmsd_angle.angle_deviation 
_pdbx_validate_rmsd_angle.angle_standard_deviation 
_pdbx_validate_rmsd_angle.linker_flag 
1  1 "O5'" AAA C 5 ? B P     AAA C 5 ? B OP1   AAA C 5 ? B 122.49 110.70 11.79  1.20 N 
2  1 "O5'" AAA C 5 ? A "C5'" AAA C 5 ? A "C4'" AAA C 5 ? A 100.64 109.40 -8.76  0.80 N 
3  1 "O5'" AAA C 5 ? B "C5'" AAA C 5 ? B "C4'" AAA C 5 ? B 123.86 111.70 12.16  1.90 N 
4  1 P     AAA C 5 ? A "O5'" AAA C 5 ? A "C5'" AAA C 5 ? A 110.04 120.90 -10.86 1.60 N 
5  1 P     AAA C 5 ? B "O5'" AAA C 5 ? B "C5'" AAA C 5 ? B 134.27 120.90 13.37  1.60 N 
6  1 "O4'" AAA C 5 ? B "C1'" AAA C 5 ? B N1    AAA C 5 ? B 103.29 108.20 -4.91  0.80 N 
7  1 "C3'" AAA C 5 ? A "O3'" AAA C 5 ? A P     AAA C 6 ? A 109.10 119.70 -10.60 1.20 Y 
8  1 "O5'" AAA C 6 ? B P     AAA C 6 ? B OP1   AAA C 6 ? B 97.12  105.70 -8.58  0.90 N 
9  1 "O5'" AAA C 6 ? B "C5'" AAA C 6 ? B "C4'" AAA C 6 ? B 103.82 109.40 -5.58  0.80 N 
10 1 "O5'" BBB C 5 ? B P     BBB C 5 ? B OP1   BBB C 5 ? B 123.10 110.70 12.40  1.20 N 
11 1 "O5'" BBB C 5 ? B P     BBB C 5 ? B OP2   BBB C 5 ? B 95.70  105.70 -10.00 0.90 N 
12 1 C2    CCC C 5 ? ? N3    CCC C 5 ? ? C4    CCC C 5 ? ? 123.08 119.90 3.18   0.50 N 
13 1 "C4'" DDD C 6 ? A "C3'" DDD C 6 ? A "O3'" DDD C 6 ? A 143.24 113.00 30.24  2.00 N 
14 1 "C2'" DDD C 6 ? A "C3'" DDD C 6 ? A "O3'" DDD C 6 ? A 83.83  109.50 -25.67 2.20 N 
# 
loop_
_pdbx_validate_planes.id 
_pdbx_validate_planes.PDB_model_num 
_pdbx_validate_planes.auth_comp_id 
_pdbx_validate_planes.auth_asym_id 
_pdbx_validate_planes.auth_seq_id 
_pdbx_validate_planes.PDB_ins_code 
_pdbx_validate_planes.label_alt_id 
_pdbx_validate_planes.rmsd 
_pdbx_validate_planes.type 
1 1 C BBB 5 ? A 0.076 'SIDE CHAIN' 
2 1 C DDD 6 ? A 0.087 'SIDE CHAIN' 
# 
_pdbx_struct_special_symmetry.id              1 
_pdbx_struct_special_symmetry.PDB_model_num   1 
_pdbx_struct_special_symmetry.auth_asym_id    CCC 
_pdbx_struct_special_symmetry.auth_comp_id    MG 
_pdbx_struct_special_symmetry.auth_seq_id     101 
_pdbx_struct_special_symmetry.PDB_ins_code    ? 
_pdbx_struct_special_symmetry.label_asym_id   G 
_pdbx_struct_special_symmetry.label_comp_id   MG 
_pdbx_struct_special_symmetry.label_seq_id    . 
# 
loop_
_pdbx_distant_solvent_atoms.id 
_pdbx_distant_solvent_atoms.PDB_model_num 
_pdbx_distant_solvent_atoms.auth_atom_id 
_pdbx_distant_solvent_atoms.label_alt_id 
_pdbx_distant_solvent_atoms.auth_asym_id 
_pdbx_distant_solvent_atoms.auth_comp_id 
_pdbx_distant_solvent_atoms.auth_seq_id 
_pdbx_distant_solvent_atoms.PDB_ins_code 
_pdbx_distant_solvent_atoms.neighbor_macromolecule_distance 
_pdbx_distant_solvent_atoms.neighbor_ligand_distance 
1 1 O ? BBB HOH 239 ? 6.61 . 
2 1 O ? BBB HOH 240 ? 8.75 . 
# 
loop_
_chem_comp_atom.comp_id 
_chem_comp_atom.atom_id 
_chem_comp_atom.type_symbol 
_chem_comp_atom.pdbx_aromatic_flag 
_chem_comp_atom.pdbx_stereo_config 
_chem_comp_atom.pdbx_ordinal 
C   OP3    O  N N 1  
C   P      P  N N 2  
C   OP1    O  N N 3  
C   OP2    O  N N 4  
C   "O5'"  O  N N 5  
C   "C5'"  C  N N 6  
C   "C4'"  C  N R 7  
C   "O4'"  O  N N 8  
C   "C3'"  C  N S 9  
C   "O3'"  O  N N 10 
C   "C2'"  C  N R 11 
C   "O2'"  O  N N 12 
C   "C1'"  C  N R 13 
C   N1     N  N N 14 
C   C2     C  N N 15 
C   O2     O  N N 16 
C   N3     N  N N 17 
C   C4     C  N N 18 
C   N4     N  N N 19 
C   C5     C  N N 20 
C   C6     C  N N 21 
C   HOP3   H  N N 22 
C   HOP2   H  N N 23 
C   "H5'"  H  N N 24 
C   "H5''" H  N N 25 
C   "H4'"  H  N N 26 
C   "H3'"  H  N N 27 
C   "HO3'" H  N N 28 
C   "H2'"  H  N N 29 
C   "HO2'" H  N N 30 
C   "H1'"  H  N N 31 
C   H41    H  N N 32 
C   H42    H  N N 33 
C   H5     H  N N 34 
C   H6     H  N N 35 
G   OP3    O  N N 36 
G   P      P  N N 37 
G   OP1    O  N N 38 
G   OP2    O  N N 39 
G   "O5'"  O  N N 40 
G   "C5'"  C  N N 41 
G   "C4'"  C  N R 42 
G   "O4'"  O  N N 43 
G   "C3'"  C  N S 44 
G   "O3'"  O  N N 45 
G   "C2'"  C  N R 46 
G   "O2'"  O  N N 47 
G   "C1'"  C  N R 48 
G   N9     N  Y N 49 
G   C8     C  Y N 50 
G   N7     N  Y N 51 
G   C5     C  Y N 52 
G   C6     C  N N 53 
G   O6     O  N N 54 
G   N1     N  N N 55 
G   C2     C  N N 56 
G   N2     N  N N 57 
G   N3     N  N N 58 
G   C4     C  Y N 59 
G   HOP3   H  N N 60 
G   HOP2   H  N N 61 
G   "H5'"  H  N N 62 
G   "H5''" H  N N 63 
G   "H4'"  H  N N 64 
G   "H3'"  H  N N 65 
G   "HO3'" H  N N 66 
G   "H2'"  H  N N 67 
G   "HO2'" H  N N 68 
G   "H1'"  H  N N 69 
G   H8     H  N N 70 
G   H1     H  N N 71 
G   H21    H  N N 72 
G   H22    H  N N 73 
HOH O      O  N N 74 
HOH H1     H  N N 75 
HOH H2     H  N N 76 
MG  MG     MG N N 77 
# 
loop_
_chem_comp_bond.comp_id 
_chem_comp_bond.atom_id_1 
_chem_comp_bond.atom_id_2 
_chem_comp_bond.value_order 
_chem_comp_bond.pdbx_aromatic_flag 
_chem_comp_bond.pdbx_stereo_config 
_chem_comp_bond.pdbx_ordinal 
C   OP3   P      sing N N 1  
C   OP3   HOP3   sing N N 2  
C   P     OP1    doub N N 3  
C   P     OP2    sing N N 4  
C   P     "O5'"  sing N N 5  
C   OP2   HOP2   sing N N 6  
C   "O5'" "C5'"  sing N N 7  
C   "C5'" "C4'"  sing N N 8  
C   "C5'" "H5'"  sing N N 9  
C   "C5'" "H5''" sing N N 10 
C   "C4'" "O4'"  sing N N 11 
C   "C4'" "C3'"  sing N N 12 
C   "C4'" "H4'"  sing N N 13 
C   "O4'" "C1'"  sing N N 14 
C   "C3'" "O3'"  sing N N 15 
C   "C3'" "C2'"  sing N N 16 
C   "C3'" "H3'"  sing N N 17 
C   "O3'" "HO3'" sing N N 18 
C   "C2'" "O2'"  sing N N 19 
C   "C2'" "C1'"  sing N N 20 
C   "C2'" "H2'"  sing N N 21 
C   "O2'" "HO2'" sing N N 22 
C   "C1'" N1     sing N N 23 
C   "C1'" "H1'"  sing N N 24 
C   N1    C2     sing N N 25 
C   N1    C6     sing N N 26 
C   C2    O2     doub N N 27 
C   C2    N3     sing N N 28 
C   N3    C4     doub N N 29 
C   C4    N4     sing N N 30 
C   C4    C5     sing N N 31 
C   N4    H41    sing N N 32 
C   N4    H42    sing N N 33 
C   C5    C6     doub N N 34 
C   C5    H5     sing N N 35 
C   C6    H6     sing N N 36 
G   OP3   P      sing N N 37 
G   OP3   HOP3   sing N N 38 
G   P     OP1    doub N N 39 
G   P     OP2    sing N N 40 
G   P     "O5'"  sing N N 41 
G   OP2   HOP2   sing N N 42 
G   "O5'" "C5'"  sing N N 43 
G   "C5'" "C4'"  sing N N 44 
G   "C5'" "H5'"  sing N N 45 
G   "C5'" "H5''" sing N N 46 
G   "C4'" "O4'"  sing N N 47 
G   "C4'" "C3'"  sing N N 48 
G   "C4'" "H4'"  sing N N 49 
G   "O4'" "C1'"  sing N N 50 
G   "C3'" "O3'"  sing N N 51 
G   "C3'" "C2'"  sing N N 52 
G   "C3'" "H3'"  sing N N 53 
G   "O3'" "HO3'" sing N N 54 
G   "C2'" "O2'"  sing N N 55 
G   "C2'" "C1'"  sing N N 56 
G   "C2'" "H2'"  sing N N 57 
G   "O2'" "HO2'" sing N N 58 
G   "C1'" N9     sing N N 59 
G   "C1'" "H1'"  sing N N 60 
G   N9    C8     sing Y N 61 
G   N9    C4     sing Y N 62 
G   C8    N7     doub Y N 63 
G   C8    H8     sing N N 64 
G   N7    C5     sing Y N 65 
G   C5    C6     sing N N 66 
G   C5    C4     doub Y N 67 
G   C6    O6     doub N N 68 
G   C6    N1     sing N N 69 
G   N1    C2     sing N N 70 
G   N1    H1     sing N N 71 
G   C2    N2     sing N N 72 
G   C2    N3     doub N N 73 
G   N2    H21    sing N N 74 
G   N2    H22    sing N N 75 
G   N3    C4     sing N N 76 
HOH O     H1     sing N N 77 
HOH O     H2     sing N N 78 
# 
loop_
_ndb_struct_conf_na.entry_id 
_ndb_struct_conf_na.feature 
9EN6 'double helix'        
9EN6 'a-form double helix' 
# 
loop_
_ndb_struct_na_base_pair.model_number 
_ndb_struct_na_base_pair.i_label_asym_id 
_ndb_struct_na_base_pair.i_label_comp_id 
_ndb_struct_na_base_pair.i_label_seq_id 
_ndb_struct_na_base_pair.i_symmetry 
_ndb_struct_na_base_pair.j_label_asym_id 
_ndb_struct_na_base_pair.j_label_comp_id 
_ndb_struct_na_base_pair.j_label_seq_id 
_ndb_struct_na_base_pair.j_symmetry 
_ndb_struct_na_base_pair.shear 
_ndb_struct_na_base_pair.stretch 
_ndb_struct_na_base_pair.stagger 
_ndb_struct_na_base_pair.buckle 
_ndb_struct_na_base_pair.propeller 
_ndb_struct_na_base_pair.opening 
_ndb_struct_na_base_pair.pair_number 
_ndb_struct_na_base_pair.pair_name 
_ndb_struct_na_base_pair.i_auth_asym_id 
_ndb_struct_na_base_pair.i_auth_seq_id 
_ndb_struct_na_base_pair.i_PDB_ins_code 
_ndb_struct_na_base_pair.j_auth_asym_id 
_ndb_struct_na_base_pair.j_auth_seq_id 
_ndb_struct_na_base_pair.j_PDB_ins_code 
_ndb_struct_na_base_pair.hbond_type_28 
_ndb_struct_na_base_pair.hbond_type_12 
1 B G 1 1_555 A C 4 1_555 -0.041 -0.118 -0.062 -6.128 -6.975  1.142  1 BBB_G1:C4_AAA BBB 1 ? AAA 4 ? 19 1 
1 B G 2 1_555 A C 3 1_555 -0.242 -0.089 -0.156 -5.652 -13.989 2.499  2 BBB_G2:C3_AAA BBB 2 ? AAA 3 ? 19 1 
1 B C 3 1_555 A G 2 1_555 0.348  -0.238 -0.226 0.548  -10.384 -1.656 3 BBB_C3:G2_AAA BBB 3 ? AAA 2 ? 19 1 
1 B C 4 1_555 A G 1 1_555 0.260  -0.046 0.057  -3.025 -4.604  -1.427 4 BBB_C4:G1_AAA BBB 4 ? AAA 1 ? 19 1 
1 D G 1 1_555 C C 4 1_555 -0.244 -0.128 -0.077 -6.206 -10.647 0.564  5 DDD_G1:C4_CCC DDD 1 ? CCC 4 ? 19 1 
1 D G 2 1_555 C C 3 1_555 -0.286 -0.220 -0.115 -2.062 -5.307  -3.036 6 DDD_G2:C3_CCC DDD 2 ? CCC 3 ? 19 1 
1 D C 3 1_555 C G 2 1_555 0.346  -0.138 -0.199 6.445  -9.526  0.539  7 DDD_C3:G2_CCC DDD 3 ? CCC 2 ? 19 1 
1 D C 4 1_555 C G 1 1_555 0.173  -0.168 -0.050 3.291  -12.995 -0.959 8 DDD_C4:G1_CCC DDD 4 ? CCC 1 ? 19 1 
# 
loop_
_ndb_struct_na_base_pair_step.model_number 
_ndb_struct_na_base_pair_step.i_label_asym_id_1 
_ndb_struct_na_base_pair_step.i_label_comp_id_1 
_ndb_struct_na_base_pair_step.i_label_seq_id_1 
_ndb_struct_na_base_pair_step.i_symmetry_1 
_ndb_struct_na_base_pair_step.j_label_asym_id_1 
_ndb_struct_na_base_pair_step.j_label_comp_id_1 
_ndb_struct_na_base_pair_step.j_label_seq_id_1 
_ndb_struct_na_base_pair_step.j_symmetry_1 
_ndb_struct_na_base_pair_step.i_label_asym_id_2 
_ndb_struct_na_base_pair_step.i_label_comp_id_2 
_ndb_struct_na_base_pair_step.i_label_seq_id_2 
_ndb_struct_na_base_pair_step.i_symmetry_2 
_ndb_struct_na_base_pair_step.j_label_asym_id_2 
_ndb_struct_na_base_pair_step.j_label_comp_id_2 
_ndb_struct_na_base_pair_step.j_label_seq_id_2 
_ndb_struct_na_base_pair_step.j_symmetry_2 
_ndb_struct_na_base_pair_step.shift 
_ndb_struct_na_base_pair_step.slide 
_ndb_struct_na_base_pair_step.rise 
_ndb_struct_na_base_pair_step.tilt 
_ndb_struct_na_base_pair_step.roll 
_ndb_struct_na_base_pair_step.twist 
_ndb_struct_na_base_pair_step.x_displacement 
_ndb_struct_na_base_pair_step.y_displacement 
_ndb_struct_na_base_pair_step.helical_rise 
_ndb_struct_na_base_pair_step.inclination 
_ndb_struct_na_base_pair_step.tip 
_ndb_struct_na_base_pair_step.helical_twist 
_ndb_struct_na_base_pair_step.step_number 
_ndb_struct_na_base_pair_step.step_name 
_ndb_struct_na_base_pair_step.i_auth_asym_id_1 
_ndb_struct_na_base_pair_step.i_auth_seq_id_1 
_ndb_struct_na_base_pair_step.i_PDB_ins_code_1 
_ndb_struct_na_base_pair_step.j_auth_asym_id_1 
_ndb_struct_na_base_pair_step.j_auth_seq_id_1 
_ndb_struct_na_base_pair_step.j_PDB_ins_code_1 
_ndb_struct_na_base_pair_step.i_auth_asym_id_2 
_ndb_struct_na_base_pair_step.i_auth_seq_id_2 
_ndb_struct_na_base_pair_step.i_PDB_ins_code_2 
_ndb_struct_na_base_pair_step.j_auth_asym_id_2 
_ndb_struct_na_base_pair_step.j_auth_seq_id_2 
_ndb_struct_na_base_pair_step.j_PDB_ins_code_2 
1 B G 1 1_555 A C 4 1_555 B G 2 1_555 A C 3 1_555 0.479  -2.389 3.199 2.113  7.432  30.259 -5.709 -0.529 2.580 13.953 -3.966 
31.208 1 BBBBBB_G1G2:C3C4_AAAAAA BBB 1 ? AAA 4 ? BBB 2 ? AAA 3 ? 
1 B G 2 1_555 A C 3 1_555 B C 3 1_555 A G 2 1_555 -0.615 -1.437 3.103 -0.281 2.960  33.801 -2.905 1.012  2.975 5.079  0.482  
33.928 2 BBBBBB_G2C3:G2C3_AAAAAA BBB 2 ? AAA 3 ? BBB 3 ? AAA 2 ? 
1 B C 3 1_555 A G 2 1_555 B C 4 1_555 A G 1 1_555 0.360  -2.143 3.348 0.998  9.877  31.758 -5.285 -0.474 2.593 17.522 -1.770 
33.235 3 BBBBBB_C3C4:G1G2_AAAAAA BBB 3 ? AAA 2 ? BBB 4 ? AAA 1 ? 
1 B C 4 1_555 A G 1 1_555 D G 1 1_555 C C 4 1_555 1.273  -4.725 2.990 2.573  9.927  95.099 -3.341 -0.821 2.634 6.712  -1.740 
95.518 4 BBBDDD_C4G1:C4G1_CCCAAA BBB 4 ? AAA 1 ? DDD 1 ? CCC 4 ? 
1 D G 1 1_555 C C 4 1_555 D G 2 1_555 C C 3 1_555 -1.064 -2.019 3.106 -2.271 5.420  28.498 -5.096 1.668  2.757 10.865 4.551  
29.086 5 DDDDDD_G1G2:C3C4_CCCCCC DDD 1 ? CCC 4 ? DDD 2 ? CCC 3 ? 
1 D G 2 1_555 C C 3 1_555 D C 3 1_555 C G 2 1_555 0.429  -1.209 3.139 1.374  6.072  32.950 -3.026 -0.535 2.892 10.587 -2.395 
33.516 6 DDDDDD_G2C3:G2C3_CCCCCC DDD 2 ? CCC 3 ? DDD 3 ? CCC 2 ? 
1 D C 3 1_555 C G 2 1_555 D C 4 1_555 C G 1 1_555 0.130  -1.780 3.317 -0.462 10.275 32.286 -4.604 -0.293 2.641 17.919 0.806  
33.843 7 DDDDDD_C3C4:G1G2_CCCCCC DDD 3 ? CCC 2 ? DDD 4 ? CCC 1 ? 
# 
loop_
_pdbx_audit_support.funding_organization 
_pdbx_audit_support.country 
_pdbx_audit_support.grant_number 
_pdbx_audit_support.ordinal 
'Polish National Science Centre' Poland UMO-2022/45/B/NZ7/03543 1 
'Polish National Science Centre' Poland UMO-2017/26/E/NZ1/00950 2 
# 
_pdbx_initial_refinement_model.id               1 
_pdbx_initial_refinement_model.entity_id_list   ? 
_pdbx_initial_refinement_model.type             'experimental model' 
_pdbx_initial_refinement_model.source_name      PDB 
_pdbx_initial_refinement_model.accession_code   8QMI 
_pdbx_initial_refinement_model.details          ? 
# 
_pdbx_related_exp_data_set.ordinal              1 
_pdbx_related_exp_data_set.data_reference       10.18150/FRXAN8 
_pdbx_related_exp_data_set.metadata_reference   ? 
_pdbx_related_exp_data_set.data_set_type        'diffraction image data' 
_pdbx_related_exp_data_set.details              ? 
# 
_atom_sites.entry_id                    9EN6 
_atom_sites.Cartn_transf_matrix[1][1]   ? 
_atom_sites.Cartn_transf_matrix[1][2]   ? 
_atom_sites.Cartn_transf_matrix[1][3]   ? 
_atom_sites.Cartn_transf_matrix[2][1]   ? 
_atom_sites.Cartn_transf_matrix[2][2]   ? 
_atom_sites.Cartn_transf_matrix[2][3]   ? 
_atom_sites.Cartn_transf_matrix[3][1]   ? 
_atom_sites.Cartn_transf_matrix[3][2]   ? 
_atom_sites.Cartn_transf_matrix[3][3]   ? 
_atom_sites.Cartn_transf_vector[1]      ? 
_atom_sites.Cartn_transf_vector[2]      ? 
_atom_sites.Cartn_transf_vector[3]      ? 
_atom_sites.Cartn_transform_axes        ? 
_atom_sites.fract_transf_matrix[1][1]   -0.02340562 
_atom_sites.fract_transf_matrix[1][2]   0.00531764 
_atom_sites.fract_transf_matrix[1][3]   -0.00043303 
_atom_sites.fract_transf_matrix[2][1]   -0.00007055 
_atom_sites.fract_transf_matrix[2][2]   -0.00207889 
_atom_sites.fract_transf_matrix[2][3]   -0.02171560 
_atom_sites.fract_transf_matrix[3][1]   -0.00431712 
_atom_sites.fract_transf_matrix[3][2]   -0.01885371 
_atom_sites.fract_transf_matrix[3][3]   0.00181894 
_atom_sites.fract_transf_vector[1]      -0.076296 
_atom_sites.fract_transf_vector[2]      -0.270820 
_atom_sites.fract_transf_vector[3]      0.043411 
_atom_sites.solution_primary            ? 
_atom_sites.solution_secondary          ? 
_atom_sites.solution_hydrogens          ? 
_atom_sites.special_details             ? 
# 
loop_
_atom_type.symbol 
_atom_type.pdbx_scat_Z 
_atom_type.pdbx_N_electrons 
_atom_type.scat_Cromer_Mann_a1 
_atom_type.scat_Cromer_Mann_b1 
_atom_type.scat_Cromer_Mann_a2 
_atom_type.scat_Cromer_Mann_b2 
_atom_type.scat_Cromer_Mann_a3 
_atom_type.scat_Cromer_Mann_b3 
_atom_type.scat_Cromer_Mann_a4 
_atom_type.scat_Cromer_Mann_b4 
_atom_type.scat_Cromer_Mann_c 
C  6  6  2.310  20.844 1.020 10.208 1.589 0.569  0.865 51.651 0.216   
H  1  1  0.493  10.511 0.323 26.126 0.140 3.142  0.041 57.800 0.003   
MG 12 12 5.427  2.828  2.176 79.261 1.228 0.381  2.310 7.194  0.897   
N  7  7  12.222 0.006  3.135 9.893  2.014 28.997 1.167 0.583  -11.538 
O  8  8  3.049  13.277 2.287 5.701  1.546 0.324  0.867 32.909 0.251   
P  15 15 6.435  1.907  4.179 27.157 1.780 0.526  1.491 68.164 1.202   
# 
loop_
_atom_site.group_PDB 
_atom_site.id 
_atom_site.type_symbol 
_atom_site.label_atom_id 
_atom_site.label_alt_id 
_atom_site.label_comp_id 
_atom_site.label_asym_id 
_atom_site.label_entity_id 
_atom_site.label_seq_id 
_atom_site.pdbx_PDB_ins_code 
_atom_site.Cartn_x 
_atom_site.Cartn_y 
_atom_site.Cartn_z 
_atom_site.occupancy 
_atom_site.B_iso_or_equiv 
_atom_site.pdbx_formal_charge 
_atom_site.auth_seq_id 
_atom_site.auth_comp_id 
_atom_site.auth_asym_id 
_atom_site.auth_atom_id 
_atom_site.pdbx_PDB_model_num 
_atom_site.calc_flag 
ATOM   1   O  "O5'" . G   A 1 1 ? 3.446   -6.521  -8.632  1.000 13.873 ? 1   G   AAA "O5'" 1 ? 
ATOM   2   C  "C5'" . G   A 1 1 ? 4.745   -6.481  -9.102  1.000 12.125 ? 1   G   AAA "C5'" 1 ? 
ATOM   3   C  "C4'" . G   A 1 1 ? 5.734   -5.882  -8.144  1.000 9.901  ? 1   G   AAA "C4'" 1 ? 
ATOM   4   O  "O4'" . G   A 1 1 ? 5.388   -4.525  -7.823  1.000 10.035 ? 1   G   AAA "O4'" 1 ? 
ATOM   5   C  "C3'" . G   A 1 1 ? 5.811   -6.537  -6.760  1.000 8.998  ? 1   G   AAA "C3'" 1 ? 
ATOM   6   O  "O3'" . G   A 1 1 ? 6.583   -7.763  -6.863  1.000 9.446  ? 1   G   AAA "O3'" 1 ? 
ATOM   7   C  "C2'" . G   A 1 1 ? 6.527   -5.447  -5.962  1.000 9.141  ? 1   G   AAA "C2'" 1 ? 
ATOM   8   O  "O2'" . G   A 1 1 ? 7.907   -5.409  -6.238  1.000 10.196 ? 1   G   AAA "O2'" 1 ? 
ATOM   9   C  "C1'" . G   A 1 1 ? 5.838   -4.201  -6.532  1.000 9.027  ? 1   G   AAA "C1'" 1 ? 
ATOM   10  N  N9    . G   A 1 1 ? 4.673   -3.799  -5.728  1.000 8.267  ? 1   G   AAA N9    1 ? 
ATOM   11  C  C8    . G   A 1 1 ? 3.351   -3.794  -6.076  1.000 8.417  ? 1   G   AAA C8    1 ? 
ATOM   12  N  N7    . G   A 1 1 ? 2.582   -3.314  -5.128  1.000 7.946  ? 1   G   AAA N7    1 ? 
ATOM   13  C  C5    . G   A 1 1 ? 3.469   -2.972  -4.096  1.000 7.925  ? 1   G   AAA C5    1 ? 
ATOM   14  C  C6    . G   A 1 1 ? 3.228   -2.380  -2.842  1.000 7.914  ? 1   G   AAA C6    1 ? 
ATOM   15  O  O6    . G   A 1 1 ? 2.130   -2.048  -2.360  1.000 8.333  ? 1   G   AAA O6    1 ? 
ATOM   16  N  N1    . G   A 1 1 ? 4.398   -2.212  -2.110  1.000 7.996  ? 1   G   AAA N1    1 ? 
ATOM   17  C  C2    . G   A 1 1 ? 5.647   -2.579  -2.546  1.000 8.264  ? 1   G   AAA C2    1 ? 
ATOM   18  N  N2    . G   A 1 1 ? 6.659   -2.393  -1.684  1.000 9.125  ? 1   G   AAA N2    1 ? 
ATOM   19  N  N3    . G   A 1 1 ? 5.883   -3.084  -3.753  1.000 8.738  ? 1   G   AAA N3    1 ? 
ATOM   20  C  C4    . G   A 1 1 ? 4.750   -3.265  -4.458  1.000 8.138  ? 1   G   AAA C4    1 ? 
ATOM   21  P  P     . G   A 1 2 ? 6.314   -8.971  -5.868  1.000 9.685  ? 2   G   AAA P     1 ? 
ATOM   22  O  OP1   . G   A 1 2 ? 7.274   -10.034 -6.319  1.000 11.570 ? 2   G   AAA OP1   1 ? 
ATOM   23  O  OP2   . G   A 1 2 ? 4.886   -9.281  -5.736  1.000 11.246 ? 2   G   AAA OP2   1 ? 
ATOM   24  O  "O5'" . G   A 1 2 ? 6.729   -8.430  -4.436  1.000 9.296  ? 2   G   AAA "O5'" 1 ? 
ATOM   25  C  "C5'" . G   A 1 2 ? 8.115   -8.293  -4.126  1.000 9.227  ? 2   G   AAA "C5'" 1 ? 
ATOM   26  C  "C4'" . G   A 1 2 ? 8.317   -7.840  -2.720  1.000 8.946  ? 2   G   AAA "C4'" 1 ? 
ATOM   27  O  "O4'" . G   A 1 2 ? 7.815   -6.485  -2.562  1.000 9.020  ? 2   G   AAA "O4'" 1 ? 
ATOM   28  C  "C3'" . G   A 1 2 ? 7.538   -8.571  -1.640  1.000 9.033  ? 2   G   AAA "C3'" 1 ? 
ATOM   29  O  "O3'" . G   A 1 2 ? 8.068   -9.879  -1.416  1.000 9.604  ? 2   G   AAA "O3'" 1 ? 
ATOM   30  C  "C2'" . G   A 1 2 ? 7.686   -7.614  -0.477  1.000 8.901  ? 2   G   AAA "C2'" 1 ? 
ATOM   31  O  "O2'" . G   A 1 2 ? 9.016   -7.708  0.016   1.000 9.467  ? 2   G   AAA "O2'" 1 ? 
ATOM   32  C  "C1'" . G   A 1 2 ? 7.436   -6.292  -1.207  1.000 8.946  ? 2   G   AAA "C1'" 1 ? 
ATOM   33  N  N9    . G   A 1 2 ? 6.027   -5.914  -1.172  1.000 8.467  ? 2   G   AAA N9    1 ? 
ATOM   34  C  C8    . G   A 1 2 ? 5.066   -6.079  -2.157  1.000 8.580  ? 2   G   AAA C8    1 ? 
ATOM   35  N  N7    . G   A 1 2 ? 3.894   -5.629  -1.796  1.000 8.504  ? 2   G   AAA N7    1 ? 
ATOM   36  C  C5    . G   A 1 2 ? 4.084   -5.150  -0.510  1.000 8.743  ? 2   G   AAA C5    1 ? 
ATOM   37  C  C6    . G   A 1 2 ? 3.168   -4.574  0.387   1.000 8.996  ? 2   G   AAA C6    1 ? 
ATOM   38  O  O6    . G   A 1 2 ? 1.965   -4.349  0.197   1.000 9.530  ? 2   G   AAA O6    1 ? 
ATOM   39  N  N1    . G   A 1 2 ? 3.751   -4.293  1.635   1.000 9.309  ? 2   G   AAA N1    1 ? 
ATOM   40  C  C2    . G   A 1 2 ? 5.074   -4.510  1.938   1.000 9.383  ? 2   G   AAA C2    1 ? 
ATOM   41  N  N2    . G   A 1 2 ? 5.459   -4.171  3.184   1.000 10.783 ? 2   G   AAA N2    1 ? 
ATOM   42  N  N3    . G   A 1 2 ? 5.957   -5.025  1.086   1.000 9.141  ? 2   G   AAA N3    1 ? 
ATOM   43  C  C4    . G   A 1 2 ? 5.398   -5.323  -0.115  1.000 8.572  ? 2   G   AAA C4    1 ? 
ATOM   44  P  P     . C   A 1 3 ? 7.120   -11.061 -0.889  1.000 10.235 ? 3   C   AAA P     1 ? 
ATOM   45  O  OP1   . C   A 1 3 ? 7.972   -12.275 -0.994  1.000 12.233 ? 3   C   AAA OP1   1 ? 
ATOM   46  O  OP2   . C   A 1 3 ? 5.828   -11.022 -1.574  1.000 11.183 ? 3   C   AAA OP2   1 ? 
ATOM   47  O  "O5'" . C   A 1 3 ? 6.806   -10.701 0.609   1.000 10.764 ? 3   C   AAA "O5'" 1 ? 
ATOM   48  C  "C5'" . C   A 1 3 ? 7.861   -10.643 1.610   1.000 10.585 ? 3   C   AAA "C5'" 1 ? 
ATOM   49  C  "C4'" . C   A 1 3 ? 7.344   -9.960  2.859   1.000 10.693 ? 3   C   AAA "C4'" 1 ? 
ATOM   50  O  "O4'" . C   A 1 3 ? 6.961   -8.589  2.508   1.000 10.872 ? 3   C   AAA "O4'" 1 ? 
ATOM   51  C  "C3'" . C   A 1 3 ? 6.081   -10.488 3.532   1.000 10.238 ? 3   C   AAA "C3'" 1 ? 
ATOM   52  O  "O3'" . C   A 1 3 ? 6.374   -11.654 4.260   1.000 11.486 ? 3   C   AAA "O3'" 1 ? 
ATOM   53  C  "C2'" . C   A 1 3 ? 5.690   -9.278  4.359   1.000 10.920 ? 3   C   AAA "C2'" 1 ? 
ATOM   54  O  "O2'" . C   A 1 3 ? 6.586   -9.124  5.438   1.000 12.559 ? 3   C   AAA "O2'" 1 ? 
ATOM   55  C  "C1'" . C   A 1 3 ? 5.870   -8.174  3.317   1.000 10.925 ? 3   C   AAA "C1'" 1 ? 
ATOM   56  N  N1    . C   A 1 3 ? 4.646   -8.024  2.497   1.000 10.749 ? 3   C   AAA N1    1 ? 
ATOM   57  C  C2    . C   A 1 3 ? 3.570   -7.361  3.078   1.000 10.772 ? 3   C   AAA C2    1 ? 
ATOM   58  O  O2    . C   A 1 3 ? 3.706   -6.915  4.217   1.000 12.278 ? 3   C   AAA O2    1 ? 
ATOM   59  N  N3    . C   A 1 3 ? 2.403   -7.226  2.393   1.000 10.899 ? 3   C   AAA N3    1 ? 
ATOM   60  C  C4    . C   A 1 3 ? 2.297   -7.729  1.166   1.000 10.414 ? 3   C   AAA C4    1 ? 
ATOM   61  N  N4    . C   A 1 3 ? 1.149   -7.574  0.529   1.000 11.093 ? 3   C   AAA N4    1 ? 
ATOM   62  C  C5    . C   A 1 3 ? 3.375   -8.430  0.552   1.000 10.638 ? 3   C   AAA C5    1 ? 
ATOM   63  C  C6    . C   A 1 3 ? 4.505   -8.566  1.259   1.000 10.485 ? 3   C   AAA C6    1 ? 
ATOM   64  P  P     A C   A 1 4 ? 5.152   -12.548 4.829   0.500 8.812  ? 4   C   AAA P     1 ? 
ATOM   65  P  P     B C   A 1 4 ? 5.272   -12.934 4.172   0.500 14.160 ? 4   C   AAA P     1 ? 
ATOM   66  O  OP1   A C   A 1 4 ? 5.892   -13.660 5.487   0.500 9.949  ? 4   C   AAA OP1   1 ? 
ATOM   67  O  OP1   B C   A 1 4 ? 5.936   -14.195 4.619   0.500 17.815 ? 4   C   AAA OP1   1 ? 
ATOM   68  O  OP2   A C   A 1 4 ? 4.246   -12.796 3.696   0.500 10.101 ? 4   C   AAA OP2   1 ? 
ATOM   69  O  OP2   B C   A 1 4 ? 4.527   -12.941 2.902   0.500 16.497 ? 4   C   AAA OP2   1 ? 
ATOM   70  O  "O5'" A C   A 1 4 ? 4.304   -11.733 5.868   0.500 9.354  ? 4   C   AAA "O5'" 1 ? 
ATOM   71  O  "O5'" B C   A 1 4 ? 4.277   -12.403 5.258   0.500 16.157 ? 4   C   AAA "O5'" 1 ? 
ATOM   72  C  "C5'" A C   A 1 4 ? 4.857   -11.336 7.120   0.500 9.091  ? 4   C   AAA "C5'" 1 ? 
ATOM   73  C  "C5'" B C   A 1 4 ? 4.822   -12.045 6.519   0.500 17.273 ? 4   C   AAA "C5'" 1 ? 
ATOM   74  C  "C4'" A C   A 1 4 ? 3.759   -10.745 7.957   0.500 9.472  ? 4   C   AAA "C4'" 1 ? 
ATOM   75  C  "C4'" B C   A 1 4 ? 3.762   -11.409 7.356   0.500 16.284 ? 4   C   AAA "C4'" 1 ? 
ATOM   76  O  "O4'" A C   A 1 4 ? 3.228   -9.567  7.258   0.500 9.925  ? 4   C   AAA "O4'" 1 ? 
ATOM   77  O  "O4'" B C   A 1 4 ? 3.278   -10.228 6.681   0.500 15.370 ? 4   C   AAA "O4'" 1 ? 
ATOM   78  C  "C3'" A C   A 1 4 ? 2.532   -11.630 8.162   0.500 10.635 ? 4   C   AAA "C3'" 1 ? 
ATOM   79  C  "C3'" B C   A 1 4 ? 2.510   -12.239 7.566   0.500 16.297 ? 4   C   AAA "C3'" 1 ? 
ATOM   80  O  "O3'" A C   A 1 4 ? 2.838   -12.597 9.208   0.500 13.246 ? 4   C   AAA "O3'" 1 ? 
ATOM   81  O  "O3'" B C   A 1 4 ? 2.788   -13.233 8.564   0.500 19.723 ? 4   C   AAA "O3'" 1 ? 
ATOM   82  C  "C2'" A C   A 1 4 ? 1.472   -10.574 8.492   0.500 11.941 ? 4   C   AAA "C2'" 1 ? 
ATOM   83  C  "C2'" B C   A 1 4 ? 1.492   -11.153 7.936   0.500 13.454 ? 4   C   AAA "C2'" 1 ? 
ATOM   84  O  "O2'" A C   A 1 4 ? 1.677   -10.007 9.794   0.500 14.683 ? 4   C   AAA "O2'" 1 ? 
ATOM   85  O  "O2'" B C   A 1 4 ? 1.582   -10.678 9.268   0.500 17.128 ? 4   C   AAA "O2'" 1 ? 
ATOM   86  C  "C1'" A C   A 1 4 ? 1.838   -9.472  7.514   0.500 10.364 ? 4   C   AAA "C1'" 1 ? 
ATOM   87  C  "C1'" B C   A 1 4 ? 1.912   -10.030 6.984   0.500 12.904 ? 4   C   AAA "C1'" 1 ? 
ATOM   88  N  N1    A C   A 1 4 ? 1.130   -9.536  6.248   0.500 10.064 ? 4   C   AAA N1    1 ? 
ATOM   89  N  N1    B C   A 1 4 ? 1.158   -9.992  5.717   0.500 12.086 ? 4   C   AAA N1    1 ? 
ATOM   90  C  C2    A C   A 1 4 ? -0.166  -9.061  6.190   0.500 10.120 ? 4   C   AAA C2    1 ? 
ATOM   91  C  C2    B C   A 1 4 ? -0.130  -9.443  5.727   0.500 11.694 ? 4   C   AAA C2    1 ? 
ATOM   92  O  O2    A C   A 1 4 ? -0.686  -8.628  7.231   0.500 10.957 ? 4   C   AAA O2    1 ? 
ATOM   93  O  O2    B C   A 1 4 ? -0.630  -9.080  6.815   0.500 13.438 ? 4   C   AAA O2    1 ? 
ATOM   94  N  N3    A C   A 1 4 ? -0.790  -8.970  4.992   0.500 9.946  ? 4   C   AAA N3    1 ? 
ATOM   95  N  N3    B C   A 1 4 ? -0.814  -9.349  4.556   0.500 11.822 ? 4   C   AAA N3    1 ? 
ATOM   96  C  C4    A C   A 1 4 ? -0.215  -9.478  3.904   0.500 9.259  ? 4   C   AAA C4    1 ? 
ATOM   97  C  C4    B C   A 1 4 ? -0.267  -9.804  3.420   0.500 13.791 ? 4   C   AAA C4    1 ? 
ATOM   98  N  N4    A C   A 1 4 ? -0.888  -9.413  2.749   0.500 10.522 ? 4   C   AAA N4    1 ? 
ATOM   99  N  N4    B C   A 1 4 ? -0.971  -9.681  2.280   0.500 14.002 ? 4   C   AAA N4    1 ? 
ATOM   100 C  C5    A C   A 1 4 ? 1.092   -10.038 3.946   0.500 9.999  ? 4   C   AAA C5    1 ? 
ATOM   101 C  C5    B C   A 1 4 ? 1.023   -10.405 3.396   0.500 12.423 ? 4   C   AAA C5    1 ? 
ATOM   102 C  C6    A C   A 1 4 ? 1.722   -10.053 5.132   0.500 9.956  ? 4   C   AAA C6    1 ? 
ATOM   103 C  C6    B C   A 1 4 ? 1.703   -10.458 4.552   0.500 12.673 ? 4   C   AAA C6    1 ? 
ATOM   104 P  P     A C   A 1 5 ? 2.015   -14.009 9.388   0.700 19.676 ? 5   C   AAA P     1 ? 
ATOM   105 P  P     B C   A 1 5 ? 1.838   -14.524 8.854   0.300 20.105 ? 5   C   AAA P     1 ? 
ATOM   106 O  OP1   A C   A 1 5 ? 2.826   -14.822 10.448  0.700 21.695 ? 5   C   AAA OP1   1 ? 
ATOM   107 O  OP1   B C   A 1 5 ? 2.627   -15.392 9.840   0.300 19.494 ? 5   C   AAA OP1   1 ? 
ATOM   108 O  OP2   A C   A 1 5 ? 1.747   -14.570 7.988   0.700 24.598 ? 5   C   AAA OP2   1 ? 
ATOM   109 O  OP2   B C   A 1 5 ? 1.524   -15.090 7.537   0.300 19.463 ? 5   C   AAA OP2   1 ? 
ATOM   110 O  "O5'" A C   A 1 5 ? 0.645   -13.508 9.919   0.700 17.955 ? 5   C   AAA "O5'" 1 ? 
ATOM   111 O  "O5'" B C   A 1 5 ? 0.468   -13.746 9.275   0.300 21.203 ? 5   C   AAA "O5'" 1 ? 
ATOM   112 C  "C5'" A C   A 1 5 ? 0.771   -13.077 11.160  0.700 18.513 ? 5   C   AAA "C5'" 1 ? 
ATOM   113 C  "C5'" B C   A 1 5 ? -0.531  -13.850 10.499  0.300 16.849 ? 5   C   AAA "C5'" 1 ? 
ATOM   114 C  "C4'" A C   A 1 5 ? -0.557  -12.543 11.395  0.700 15.025 ? 5   C   AAA "C4'" 1 ? 
ATOM   115 C  "C4'" B C   A 1 5 ? -1.409  -12.618 11.047  0.300 14.512 ? 5   C   AAA "C4'" 1 ? 
ATOM   116 O  "O4'" A C   A 1 5 ? -1.541  -13.593 11.387  0.700 17.826 ? 5   C   AAA "O4'" 1 ? 
ATOM   117 O  "O4'" B C   A 1 5 ? -2.834  -13.030 11.145  0.300 13.715 ? 5   C   AAA "O4'" 1 ? 
ATOM   118 C  "C3'" A C   A 1 5 ? -0.697  -11.938 12.761  0.700 17.126 ? 5   C   AAA "C3'" 1 ? 
ATOM   119 C  "C3'" B C   A 1 5 ? -1.140  -11.999 12.435  0.300 14.528 ? 5   C   AAA "C3'" 1 ? 
ATOM   120 O  "O3'" A C   A 1 5 ? -0.960  -10.645 12.615  0.700 21.608 ? 5   C   AAA "O3'" 1 ? 
ATOM   121 O  "O3'" B C   A 1 5 ? -1.585  -10.621 12.552  0.300 16.749 ? 5   C   AAA "O3'" 1 ? 
ATOM   122 C  "C2'" A C   A 1 5 ? -1.760  -12.707 13.494  0.700 18.613 ? 5   C   AAA "C2'" 1 ? 
ATOM   123 C  "C2'" B C   A 1 5 ? -2.041  -12.875 13.334  0.300 13.544 ? 5   C   AAA "C2'" 1 ? 
ATOM   124 O  "O2'" A C   A 1 5 ? -2.611  -11.997 14.379  0.700 20.329 ? 5   C   AAA "O2'" 1 ? 
ATOM   125 O  "O2'" B C   A 1 5 ? -2.101  -12.473 14.693  0.300 14.675 ? 5   C   AAA "O2'" 1 ? 
ATOM   126 C  "C1'" A C   A 1 5 ? -2.502  -13.280 12.318  0.700 14.757 ? 5   C   AAA "C1'" 1 ? 
ATOM   127 C  "C1'" B C   A 1 5 ? -3.324  -12.982 12.480  0.300 13.852 ? 5   C   AAA "C1'" 1 ? 
ATOM   128 N  N1    A C   A 1 5 ? -3.186  -14.467 12.728  0.700 14.441 ? 5   C   AAA N1    1 ? 
ATOM   129 N  N1    B C   A 1 5 ? -4.060  -14.265 12.620  0.300 18.055 ? 5   C   AAA N1    1 ? 
ATOM   130 C  C2    A C   A 1 5 ? -4.550  -14.535 12.525  0.700 17.263 ? 5   C   AAA C2    1 ? 
ATOM   131 C  C2    B C   A 1 5 ? -5.439  -14.279 12.867  0.300 17.381 ? 5   C   AAA C2    1 ? 
ATOM   132 O  O2    A C   A 1 5 ? -5.134  -13.551 12.033  0.700 21.400 ? 5   C   AAA O2    1 ? 
ATOM   133 O  O2    B C   A 1 5 ? -6.032  -13.202 12.998  0.300 19.065 ? 5   C   AAA O2    1 ? 
ATOM   134 N  N3    A C   A 1 5 ? -5.211  -15.658 12.860  0.700 17.360 ? 5   C   AAA N3    1 ? 
ATOM   135 N  N3    B C   A 1 5 ? -6.089  -15.467 12.934  0.300 19.426 ? 5   C   AAA N3    1 ? 
ATOM   136 C  C4    A C   A 1 5 ? -4.563  -16.675 13.427  0.700 20.903 ? 5   C   AAA C4    1 ? 
ATOM   137 C  C4    B C   A 1 5 ? -5.427  -16.599 12.687  0.300 26.951 ? 5   C   AAA C4    1 ? 
ATOM   138 N  N4    A C   A 1 5 ? -5.261  -17.768 13.743  0.700 24.692 ? 5   C   AAA N4    1 ? 
ATOM   139 N  N4    B C   A 1 5 ? -6.106  -17.746 12.753  0.300 28.124 ? 5   C   AAA N4    1 ? 
ATOM   140 C  C5    A C   A 1 5 ? -3.161  -16.636 13.647  0.700 22.890 ? 5   C   AAA C5    1 ? 
ATOM   141 C  C5    B C   A 1 5 ? -4.031  -16.610 12.392  0.300 22.858 ? 5   C   AAA C5    1 ? 
ATOM   142 C  C6    A C   A 1 5 ? -2.518  -15.510 13.309  0.700 18.481 ? 5   C   AAA C6    1 ? 
ATOM   143 C  C6    B C   A 1 5 ? -3.401  -15.429 12.340  0.300 20.792 ? 5   C   AAA C6    1 ? 
ATOM   144 P  P     A C   A 1 6 ? 0.296   -9.831  12.981  0.600 22.845 ? 6   C   AAA P     1 ? 
ATOM   145 P  P     B C   A 1 6 ? -0.612  -9.282  12.882  0.400 18.847 ? 6   C   AAA P     1 ? 
ATOM   146 O  OP1   A C   A 1 6 ? 0.211   -8.520  12.281  0.600 23.287 ? 6   C   AAA OP1   1 ? 
ATOM   147 O  OP1   B C   A 1 6 ? -1.450  -8.066  12.819  0.400 21.371 ? 6   C   AAA OP1   1 ? 
ATOM   148 O  OP2   A C   A 1 6 ? 1.538   -10.715 12.703  0.600 24.571 ? 6   C   AAA OP2   1 ? 
ATOM   149 O  OP2   B C   A 1 6 ? 0.714   -9.388  12.166  0.400 20.616 ? 6   C   AAA OP2   1 ? 
ATOM   150 O  "O5'" A C   A 1 6 ? 0.165   -9.795  14.556  0.600 17.694 ? 6   C   AAA "O5'" 1 ? 
ATOM   151 O  "O5'" B C   A 1 6 ? -0.406  -9.296  14.429  0.400 19.773 ? 6   C   AAA "O5'" 1 ? 
ATOM   152 C  "C5'" A C   A 1 6 ? 1.094   -9.051  15.298  0.600 16.599 ? 6   C   AAA "C5'" 1 ? 
ATOM   153 C  "C5'" B C   A 1 6 ? 0.426   -8.297  14.978  0.400 23.787 ? 6   C   AAA "C5'" 1 ? 
ATOM   154 C  "C4'" A C   A 1 6 ? 0.606   -8.885  16.704  0.600 12.638 ? 6   C   AAA "C4'" 1 ? 
ATOM   155 C  "C4'" B C   A 1 6 ? 0.345   -8.535  16.451  0.400 21.239 ? 6   C   AAA "C4'" 1 ? 
ATOM   156 O  "O4'" A C   A 1 6 ? -0.673  -8.210  16.777  0.600 11.741 ? 6   C   AAA "O4'" 1 ? 
ATOM   157 O  "O4'" B C   A 1 6 ? -0.953  -8.080  16.939  0.400 22.471 ? 6   C   AAA "O4'" 1 ? 
ATOM   158 C  "C3'" A C   A 1 6 ? 0.420   -10.108 17.608  0.600 12.170 ? 6   C   AAA "C3'" 1 ? 
ATOM   159 C  "C3'" B C   A 1 6 ? 0.371   -10.003 16.829  0.400 18.102 ? 6   C   AAA "C3'" 1 ? 
ATOM   160 O  "O3'" A C   A 1 6 ? 1.604   -10.632 18.073  0.600 13.557 ? 6   C   AAA "O3'" 1 ? 
ATOM   161 O  "O3'" B C   A 1 6 ? 1.660   -10.519 17.156  0.400 25.593 ? 6   C   AAA "O3'" 1 ? 
ATOM   162 C  "C2'" A C   A 1 6 ? -0.403  -9.483  18.742  0.600 10.009 ? 6   C   AAA "C2'" 1 ? 
ATOM   163 C  "C2'" B C   A 1 6 ? -0.343  -10.001 18.176  0.400 19.300 ? 6   C   AAA "C2'" 1 ? 
ATOM   164 O  "O2'" A C   A 1 6 ? 0.427   -8.696  19.557  0.600 11.170 ? 6   C   AAA "O2'" 1 ? 
ATOM   165 O  "O2'" B C   A 1 6 ? 0.562   -9.593  19.198  0.400 25.416 ? 6   C   AAA "O2'" 1 ? 
ATOM   166 C  "C1'" A C   A 1 6 ? -1.306  -8.524  17.961  0.600 10.920 ? 6   C   AAA "C1'" 1 ? 
ATOM   167 C  "C1'" B C   A 1 6 ? -1.409  -8.922  17.977  0.400 19.413 ? 6   C   AAA "C1'" 1 ? 
ATOM   168 N  N1    A C   A 1 6 ? -2.656  -9.054  17.652  0.600 10.699 ? 6   C   AAA N1    1 ? 
ATOM   169 N  N1    B C   A 1 6 ? -2.801  -9.315  17.678  0.400 17.123 ? 6   C   AAA N1    1 ? 
ATOM   170 C  C2    A C   A 1 6 ? -3.538  -9.139  18.736  0.600 10.285 ? 6   C   AAA C2    1 ? 
ATOM   171 C  C2    B C   A 1 6 ? -3.711  -9.390  18.741  0.400 15.957 ? 6   C   AAA C2    1 ? 
ATOM   172 O  O2    A C   A 1 6 ? -3.110  -8.847  19.862  0.600 10.607 ? 6   C   AAA O2    1 ? 
ATOM   173 O  O2    B C   A 1 6 ? -3.304  -9.196  19.890  0.400 22.382 ? 6   C   AAA O2    1 ? 
ATOM   174 N  N3    A C   A 1 6 ? -4.839  -9.466  18.517  0.600 10.243 ? 6   C   AAA N3    1 ? 
ATOM   175 N  N3    B C   A 1 6 ? -5.020  -9.643  18.480  0.400 19.971 ? 6   C   AAA N3    1 ? 
ATOM   176 C  C4    A C   A 1 6 ? -5.262  -9.759  17.291  0.600 10.836 ? 6   C   AAA C4    1 ? 
ATOM   177 C  C4    B C   A 1 6 ? -5.422  -9.844  17.224  0.400 19.100 ? 6   C   AAA C4    1 ? 
ATOM   178 N  N4    A C   A 1 6 ? -6.563  -10.045 17.139  0.600 10.983 ? 6   C   AAA N4    1 ? 
ATOM   179 N  N4    B C   A 1 6 ? -6.716  -10.119 17.012  0.400 21.711 ? 6   C   AAA N4    1 ? 
ATOM   180 C  C5    A C   A 1 6 ? -4.370  -9.737  16.162  0.600 12.225 ? 6   C   AAA C5    1 ? 
ATOM   181 C  C5    B C   A 1 6 ? -4.519  -9.759  16.123  0.400 19.568 ? 6   C   AAA C5    1 ? 
ATOM   182 C  C6    A C   A 1 6 ? -3.077  -9.392  16.395  0.600 11.404 ? 6   C   AAA C6    1 ? 
ATOM   183 C  C6    B C   A 1 6 ? -3.232  -9.478  16.391  0.400 20.260 ? 6   C   AAA C6    1 ? 
ATOM   184 O  "O5'" . G   B 1 1 ? -10.082 -5.060  2.992   1.000 21.045 ? 1   G   BBB "O5'" 1 ? 
ATOM   185 C  "C5'" . G   B 1 1 ? -10.620 -4.611  4.219   1.000 18.960 ? 1   G   BBB "C5'" 1 ? 
ATOM   186 C  "C4'" . G   B 1 1 ? -9.743  -4.895  5.367   1.000 17.381 ? 1   G   BBB "C4'" 1 ? 
ATOM   187 O  "O4'" . G   B 1 1 ? -9.497  -6.304  5.422   1.000 16.841 ? 1   G   BBB "O4'" 1 ? 
ATOM   188 C  "C3'" . G   B 1 1 ? -8.376  -4.244  5.406   1.000 15.886 ? 1   G   BBB "C3'" 1 ? 
ATOM   189 O  "O3'" . G   B 1 1 ? -8.528  -2.906  5.868   1.000 17.710 ? 1   G   BBB "O3'" 1 ? 
ATOM   190 C  "C2'" . G   B 1 1 ? -7.704  -5.126  6.419   1.000 15.244 ? 1   G   BBB "C2'" 1 ? 
ATOM   191 O  "O2'" . G   B 1 1 ? -8.215  -4.872  7.720   1.000 18.473 ? 1   G   BBB "O2'" 1 ? 
ATOM   192 C  "C1'" . G   B 1 1 ? -8.203  -6.512  5.948   1.000 15.004 ? 1   G   BBB "C1'" 1 ? 
ATOM   193 N  N9    . G   B 1 1 ? -7.328  -6.990  4.886   1.000 13.852 ? 1   G   BBB N9    1 ? 
ATOM   194 C  C8    . G   B 1 1 ? -7.558  -7.048  3.536   1.000 13.654 ? 1   G   BBB C8    1 ? 
ATOM   195 N  N7    . G   B 1 1 ? -6.518  -7.410  2.842   1.000 13.665 ? 1   G   BBB N7    1 ? 
ATOM   196 C  C5    . G   B 1 1 ? -5.531  -7.610  3.793   1.000 13.096 ? 1   G   BBB C5    1 ? 
ATOM   197 C  C6    . G   B 1 1 ? -4.179  -7.992  3.645   1.000 12.838 ? 1   G   BBB C6    1 ? 
ATOM   198 O  O6    . G   B 1 1 ? -3.558  -8.275  2.606   1.000 13.923 ? 1   G   BBB O6    1 ? 
ATOM   199 N  N1    . G   B 1 1 ? -3.538  -8.094  4.869   1.000 13.167 ? 1   G   BBB N1    1 ? 
ATOM   200 C  C2    . G   B 1 1 ? -4.104  -7.807  6.077   1.000 13.717 ? 1   G   BBB C2    1 ? 
ATOM   201 N  N2    . G   B 1 1 ? -3.324  -7.931  7.121   1.000 14.728 ? 1   G   BBB N2    1 ? 
ATOM   202 N  N3    . G   B 1 1 ? -5.352  -7.432  6.240   1.000 14.154 ? 1   G   BBB N3    1 ? 
ATOM   203 C  C4    . G   B 1 1 ? -6.014  -7.355  5.064   1.000 13.436 ? 1   G   BBB C4    1 ? 
ATOM   204 P  P     . G   B 1 2 ? -7.439  -1.812  5.487   1.000 19.981 ? 2   G   BBB P     1 ? 
ATOM   205 O  OP1   . G   B 1 2 ? -7.932  -0.546  6.151   1.000 21.737 ? 2   G   BBB OP1   1 ? 
ATOM   206 O  OP2   . G   B 1 2 ? -7.249  -1.829  4.068   1.000 21.808 ? 2   G   BBB OP2   1 ? 
ATOM   207 O  "O5'" . G   B 1 2 ? -6.067  -2.250  6.170   1.000 15.436 ? 2   G   BBB "O5'" 1 ? 
ATOM   208 C  "C5'" . G   B 1 2 ? -6.000  -2.256  7.588   1.000 15.736 ? 2   G   BBB "C5'" 1 ? 
ATOM   209 C  "C4'" . G   B 1 2 ? -4.652  -2.739  8.015   1.000 14.912 ? 2   G   BBB "C4'" 1 ? 
ATOM   210 O  "O4'" . G   B 1 2 ? -4.509  -4.101  7.549   1.000 15.097 ? 2   G   BBB "O4'" 1 ? 
ATOM   211 C  "C3'" . G   B 1 2 ? -3.432  -2.069  7.469   1.000 14.733 ? 2   G   BBB "C3'" 1 ? 
ATOM   212 O  "O3'" . G   B 1 2 ? -3.243  -0.819  8.152   1.000 16.105 ? 2   G   BBB "O3'" 1 ? 
ATOM   213 C  "C2'" . G   B 1 2 ? -2.373  -3.145  7.733   1.000 14.144 ? 2   G   BBB "C2'" 1 ? 
ATOM   214 O  "O2'" . G   B 1 2 ? -2.088  -3.183  9.117   1.000 16.749 ? 2   G   BBB "O2'" 1 ? 
ATOM   215 C  "C1'" . G   B 1 2 ? -3.147  -4.381  7.295   1.000 14.194 ? 2   G   BBB "C1'" 1 ? 
ATOM   216 N  N9    . G   B 1 2 ? -2.946  -4.696  5.880   1.000 13.023 ? 2   G   BBB N9    1 ? 
ATOM   217 C  C8    . G   B 1 2 ? -3.803  -4.465  4.827   1.000 13.196 ? 2   G   BBB C8    1 ? 
ATOM   218 N  N7    . G   B 1 2 ? -3.304  -4.853  3.675   1.000 12.838 ? 2   G   BBB N7    1 ? 
ATOM   219 C  C5    . G   B 1 2 ? -2.030  -5.304  3.979   1.000 12.015 ? 2   G   BBB C5    1 ? 
ATOM   220 C  C6    . G   B 1 2 ? -1.004  -5.850  3.151   1.000 11.654 ? 2   G   BBB C6    1 ? 
ATOM   221 O  O6    . G   B 1 2 ? -1.028  -6.075  1.918   1.000 12.280 ? 2   G   BBB O6    1 ? 
ATOM   222 N  N1    . G   B 1 2 ? 0.143   -6.131  3.883   1.000 11.491 ? 2   G   BBB N1    1 ? 
ATOM   223 C  C2    . G   B 1 2 ? 0.289   -5.964  5.246   1.000 11.751 ? 2   G   BBB C2    1 ? 
ATOM   224 N  N2    . G   B 1 2 ? 1.477   -6.297  5.777   1.000 12.957 ? 2   G   BBB N2    1 ? 
ATOM   225 N  N3    . G   B 1 2 ? -0.688  -5.513  6.029   1.000 12.051 ? 2   G   BBB N3    1 ? 
ATOM   226 C  C4    . G   B 1 2 ? -1.792  -5.208  5.337   1.000 11.817 ? 2   G   BBB C4    1 ? 
ATOM   227 P  P     . C   B 1 3 ? -2.447  0.403   7.418   1.000 16.960 ? 3   C   BBB P     1 ? 
ATOM   228 O  OP1   . C   B 1 3 ? -2.685  1.601   8.258   1.000 20.200 ? 3   C   BBB OP1   1 ? 
ATOM   229 O  OP2   . C   B 1 3 ? -2.754  0.443   5.949   1.000 17.442 ? 3   C   BBB OP2   1 ? 
ATOM   230 O  "O5'" . C   B 1 3 ? -0.923  -0.040  7.484   1.000 14.925 ? 3   C   BBB "O5'" 1 ? 
ATOM   231 C  "C5'" . C   B 1 3 ? -0.208  -0.194  8.719   1.000 15.749 ? 3   C   BBB "C5'" 1 ? 
ATOM   232 C  "C4'" . C   B 1 3 ? 1.162   -0.780  8.489   1.000 14.375 ? 3   C   BBB "C4'" 1 ? 
ATOM   233 O  "O4'" . C   B 1 3 ? 1.009   -2.120  7.993   1.000 14.412 ? 3   C   BBB "O4'" 1 ? 
ATOM   234 C  "C3'" . C   B 1 3 ? 2.047   -0.120  7.433   1.000 13.846 ? 3   C   BBB "C3'" 1 ? 
ATOM   235 O  "O3'" . C   B 1 3 ? 2.627   1.083   7.911   1.000 14.568 ? 3   C   BBB "O3'" 1 ? 
ATOM   236 C  "C2'" . C   B 1 3 ? 3.031   -1.228  7.138   1.000 13.554 ? 3   C   BBB "C2'" 1 ? 
ATOM   237 O  "O2'" . C   B 1 3 ? 3.897   -1.343  8.205   1.000 15.697 ? 3   C   BBB "O2'" 1 ? 
ATOM   238 C  "C1'" . C   B 1 3 ? 2.057   -2.399  7.084   1.000 13.788 ? 3   C   BBB "C1'" 1 ? 
ATOM   239 N  N1    . C   B 1 3 ? 1.493   -2.564  5.722   1.000 11.917 ? 3   C   BBB N1    1 ? 
ATOM   240 C  C2    . C   B 1 3 ? 2.302   -3.154  4.756   1.000 11.212 ? 3   C   BBB C2    1 ? 
ATOM   241 O  O2    . C   B 1 3 ? 3.444   -3.503  5.086   1.000 12.315 ? 3   C   BBB O2    1 ? 
ATOM   242 N  N3    . C   B 1 3 ? 1.822   -3.333  3.507   1.000 10.846 ? 3   C   BBB N3    1 ? 
ATOM   243 C  C4    . C   B 1 3 ? 0.606   -2.885  3.191   1.000 10.951 ? 3   C   BBB C4    1 ? 
ATOM   244 N  N4    . C   B 1 3 ? 0.138   -3.095  1.948   1.000 10.925 ? 3   C   BBB N4    1 ? 
ATOM   245 C  C5    . C   B 1 3 ? -0.238  -2.254  4.156   1.000 12.544 ? 3   C   BBB C5    1 ? 
ATOM   246 C  C6    . C   B 1 3 ? 0.260   -2.083  5.387   1.000 12.630 ? 3   C   BBB C6    1 ? 
ATOM   247 P  P     A C   B 1 4 ? 3.030   2.223   6.873   0.500 12.130 ? 4   C   BBB P     1 ? 
ATOM   248 P  P     B C   B 1 4 ? 3.101   2.178   6.903   0.500 20.163 ? 4   C   BBB P     1 ? 
ATOM   249 O  OP1   A C   B 1 4 ? 3.564   3.340   7.733   0.500 17.473 ? 4   C   BBB OP1   1 ? 
ATOM   250 O  OP1   B C   B 1 4 ? 3.651   3.350   7.714   0.500 24.040 ? 4   C   BBB OP1   1 ? 
ATOM   251 O  OP2   A C   B 1 4 ? 1.899   2.500   5.992   0.500 14.807 ? 4   C   BBB OP2   1 ? 
ATOM   252 O  OP2   B C   B 1 4 ? 2.062   2.442   5.921   0.500 18.634 ? 4   C   BBB OP2   1 ? 
ATOM   253 O  "O5'" A C   B 1 4 ? 4.137   1.566   5.973   0.500 11.538 ? 4   C   BBB "O5'" 1 ? 
ATOM   254 O  "O5'" B C   B 1 4 ? 4.290   1.506   6.078   0.500 16.536 ? 4   C   BBB "O5'" 1 ? 
ATOM   255 C  "C5'" A C   B 1 4 ? 5.440   1.310   6.526   0.500 11.728 ? 4   C   BBB "C5'" 1 ? 
ATOM   256 C  "C5'" B C   B 1 4 ? 5.549   1.009   6.620   0.500 14.239 ? 4   C   BBB "C5'" 1 ? 
ATOM   257 C  "C4'" A C   B 1 4 ? 6.327   0.770   5.481   0.500 10.380 ? 4   C   BBB "C4'" 1 ? 
ATOM   258 C  "C4'" B C   B 1 4 ? 6.397   0.459   5.516   0.500 13.375 ? 4   C   BBB "C4'" 1 ? 
ATOM   259 O  "O4'" A C   B 1 4 ? 5.785   -0.446  4.939   0.500 10.364 ? 4   C   BBB "O4'" 1 ? 
ATOM   260 O  "O4'" B C   B 1 4 ? 5.798   -0.685  4.883   0.500 12.981 ? 4   C   BBB "O4'" 1 ? 
ATOM   261 C  "C3'" A C   B 1 4 ? 6.546   1.641   4.237   0.500 10.478 ? 4   C   BBB "C3'" 1 ? 
ATOM   262 C  "C3'" B C   B 1 4 ? 6.751   1.378   4.368   0.500 15.631 ? 4   C   BBB "C3'" 1 ? 
ATOM   263 O  "O3'" A C   B 1 4 ? 7.354   2.767   4.558   0.500 10.951 ? 4   C   BBB "O3'" 1 ? 
ATOM   264 O  "O3'" B C   B 1 4 ? 7.937   2.061   4.737   0.500 19.655 ? 4   C   BBB "O3'" 1 ? 
ATOM   265 C  "C2'" A C   B 1 4 ? 7.114   0.603   3.259   0.500 9.754  ? 4   C   BBB "C2'" 1 ? 
ATOM   266 C  "C2'" B C   B 1 4 ? 7.197   0.399   3.301   0.500 15.849 ? 4   C   BBB "C2'" 1 ? 
ATOM   267 O  "O2'" A C   B 1 4 ? 8.424   0.141   3.528   0.500 13.212 ? 4   C   BBB "O2'" 1 ? 
ATOM   268 O  "O2'" B C   B 1 4 ? 8.483   -0.064  3.654   0.500 19.415 ? 4   C   BBB "O2'" 1 ? 
ATOM   269 C  "C1'" A C   B 1 4 ? 6.170   -0.541  3.572   0.500 9.759  ? 4   C   BBB "C1'" 1 ? 
ATOM   270 C  "C1'" B C   B 1 4 ? 6.222   -0.742  3.531   0.500 11.588 ? 4   C   BBB "C1'" 1 ? 
ATOM   271 N  N1    A C   B 1 4 ? 4.961   -0.508  2.732   0.500 9.509  ? 4   C   BBB N1    1 ? 
ATOM   272 N  N1    B C   B 1 4 ? 5.034   -0.693  2.645   0.500 10.114 ? 4   C   BBB N1    1 ? 
ATOM   273 C  C2    A C   B 1 4 ? 5.088   -1.005  1.429   0.500 8.675  ? 4   C   BBB C2    1 ? 
ATOM   274 C  C2    B C   B 1 4 ? 5.169   -1.158  1.330   0.500 9.783  ? 4   C   BBB C2    1 ? 
ATOM   275 O  O2    A C   B 1 4 ? 6.219   -1.331  1.043   0.500 9.541  ? 4   C   BBB O2    1 ? 
ATOM   276 O  O2    B C   B 1 4 ? 6.285   -1.501  0.945   0.500 10.822 ? 4   C   BBB O2    1 ? 
ATOM   277 N  N3    A C   B 1 4 ? 3.987   -1.078  0.642   0.500 8.375  ? 4   C   BBB N3    1 ? 
ATOM   278 N  N3    B C   B 1 4 ? 4.085   -1.178  0.523   0.500 9.633  ? 4   C   BBB N3    1 ? 
ATOM   279 C  C4    A C   B 1 4 ? 2.796   -0.689  1.118   0.500 8.791  ? 4   C   BBB C4    1 ? 
ATOM   280 C  C4    B C   B 1 4 ? 2.903   -0.775  0.990   0.500 9.635  ? 4   C   BBB C4    1 ? 
ATOM   281 N  N4    A C   B 1 4 ? 1.732   -0.788  0.316   0.500 8.838  ? 4   C   BBB N4    1 ? 
ATOM   282 N  N4    B C   B 1 4 ? 1.846   -0.875  0.182   0.500 10.164 ? 4   C   BBB N4    1 ? 
ATOM   283 C  C5    A C   B 1 4 ? 2.655   -0.115  2.407   0.500 9.443  ? 4   C   BBB C5    1 ? 
ATOM   284 C  C5    B C   B 1 4 ? 2.743   -0.271  2.303   0.500 10.520 ? 4   C   BBB C5    1 ? 
ATOM   285 C  C6    A C   B 1 4 ? 3.744   -0.101  3.201   0.500 9.888  ? 4   C   BBB C6    1 ? 
ATOM   286 C  C6    B C   B 1 4 ? 3.828   -0.252  3.097   0.500 9.854  ? 4   C   BBB C6    1 ? 
ATOM   287 P  P     A C   B 1 5 ? 6.978   4.248   4.158   0.700 12.291 ? 5   C   BBB P     1 ? 
ATOM   288 P  P     B C   B 1 5 ? 7.966   3.565   4.686   0.300 17.263 ? 5   C   BBB P     1 ? 
ATOM   289 O  OP1   A C   B 1 5 ? 7.968   5.085   4.901   0.700 17.215 ? 5   C   BBB OP1   1 ? 
ATOM   290 O  OP1   B C   B 1 5 ? 9.200   4.079   5.393   0.300 21.961 ? 5   C   BBB OP1   1 ? 
ATOM   291 O  OP2   A C   B 1 5 ? 5.550   4.501   4.287   0.700 14.715 ? 5   C   BBB OP2   1 ? 
ATOM   292 O  OP2   B C   B 1 5 ? 6.646   4.091   5.148   0.300 17.152 ? 5   C   BBB OP2   1 ? 
ATOM   293 O  "O5'" A C   B 1 5 ? 7.264   4.285   2.602   0.700 10.967 ? 5   C   BBB "O5'" 1 ? 
ATOM   294 O  "O5'" B C   B 1 5 ? 7.691   3.796   3.117   0.300 21.276 ? 5   C   BBB "O5'" 1 ? 
ATOM   295 C  "C5'" A C   B 1 5 ? 8.551   4.168   2.170   0.700 12.509 ? 5   C   BBB "C5'" 1 ? 
ATOM   296 C  "C5'" B C   B 1 5 ? 8.712   4.118   2.157   0.300 18.144 ? 5   C   BBB "C5'" 1 ? 
ATOM   297 C  "C4'" A C   B 1 5 ? 8.552   3.680   0.776   0.700 11.307 ? 5   C   BBB "C4'" 1 ? 
ATOM   298 C  "C4'" B C   B 1 5 ? 8.489   3.559   0.751   0.300 16.207 ? 5   C   BBB "C4'" 1 ? 
ATOM   299 O  "O4'" A C   B 1 5 ? 7.918   2.403   0.689   0.700 10.693 ? 5   C   BBB "O4'" 1 ? 
ATOM   300 O  "O4'" B C   B 1 5 ? 7.759   2.306   0.697   0.300 15.378 ? 5   C   BBB "O4'" 1 ? 
ATOM   301 C  "C3'" A C   B 1 5 ? 7.816   4.505   -0.264  0.700 10.954 ? 5   C   BBB "C3'" 1 ? 
ATOM   302 C  "C3'" B C   B 1 5 ? 7.775   4.375   -0.317  0.300 14.994 ? 5   C   BBB "C3'" 1 ? 
ATOM   303 O  "O3'" A C   B 1 5 ? 8.551   5.678   -0.551  0.700 12.828 ? 5   C   BBB "O3'" 1 ? 
ATOM   304 O  "O3'" B C   B 1 5 ? 8.513   5.562   -0.631  0.300 13.138 ? 5   C   BBB "O3'" 1 ? 
ATOM   305 C  "C2'" A C   B 1 5 ? 7.817   3.501   -1.405  0.700 11.425 ? 5   C   BBB "C2'" 1 ? 
ATOM   306 C  "C2'" B C   B 1 5 ? 7.720   3.340   -1.448  0.300 15.349 ? 5   C   BBB "C2'" 1 ? 
ATOM   307 O  "O2'" A C   B 1 5 ? 9.141   3.296   -1.930  0.700 12.296 ? 5   C   BBB "O2'" 1 ? 
ATOM   308 O  "O2'" B C   B 1 5 ? 8.858   3.231   -2.306  0.300 13.981 ? 5   C   BBB "O2'" 1 ? 
ATOM   309 C  "C1'" A C   B 1 5 ? 7.414   2.222   -0.613  0.700 11.036 ? 5   C   BBB "C1'" 1 ? 
ATOM   310 C  "C1'" B C   B 1 5 ? 7.354   2.068   -0.659  0.300 14.328 ? 5   C   BBB "C1'" 1 ? 
ATOM   311 N  N1    A C   B 1 5 ? 5.956   2.096   -0.583  0.700 10.480 ? 5   C   BBB N1    1 ? 
ATOM   312 N  N1    B C   B 1 5 ? 5.884   1.942   -0.718  0.300 12.875 ? 5   C   BBB N1    1 ? 
ATOM   313 C  C2    A C   B 1 5 ? 5.362   1.512   -1.699  0.700 9.917  ? 5   C   BBB C2    1 ? 
ATOM   314 C  C2    B C   B 1 5 ? 5.322   1.442   -1.891  0.300 12.804 ? 5   C   BBB C2    1 ? 
ATOM   315 O  O2    A C   B 1 5 ? 6.065   1.023   -2.585  0.700 12.233 ? 5   C   BBB O2    1 ? 
ATOM   316 O  O2    B C   B 1 5 ? 6.071   1.028   -2.787  0.300 12.862 ? 5   C   BBB O2    1 ? 
ATOM   317 N  N3    A C   B 1 5 ? 4.023   1.507   -1.796  0.700 9.625  ? 5   C   BBB N3    1 ? 
ATOM   318 N  N3    B C   B 1 5 ? 3.973   1.440   -2.030  0.300 12.580 ? 5   C   BBB N3    1 ? 
ATOM   319 C  C4    A C   B 1 5 ? 3.256   2.102   -0.864  0.700 9.546  ? 5   C   BBB C4    1 ? 
ATOM   320 C  C4    B C   B 1 5 ? 3.192   1.920   -1.048  0.300 11.396 ? 5   C   BBB C4    1 ? 
ATOM   321 N  N4    A C   B 1 5 ? 1.916   2.191   -1.107  0.700 10.091 ? 5   C   BBB N4    1 ? 
ATOM   322 N  N4    B C   B 1 5 ? 1.853   1.897   -1.226  0.300 10.696 ? 5   C   BBB N4    1 ? 
ATOM   323 C  C5    A C   B 1 5 ? 3.840   2.684   0.301   0.700 10.446 ? 5   C   BBB C5    1 ? 
ATOM   324 C  C5    B C   B 1 5 ? 3.746   2.427   0.162   0.300 9.943  ? 5   C   BBB C5    1 ? 
ATOM   325 C  C6    A C   B 1 5 ? 5.178   2.630   0.408   0.700 10.285 ? 5   C   BBB C6    1 ? 
ATOM   326 C  C6    B C   B 1 5 ? 5.083   2.429   0.278   0.300 10.936 ? 5   C   BBB C6    1 ? 
ATOM   327 P  P     . C   B 1 6 ? 7.767   6.932   -1.126  1.000 12.870 ? 6   C   BBB P     1 ? 
ATOM   328 O  OP1   . C   B 1 6 ? 8.843   7.957   -1.074  1.000 15.852 ? 6   C   BBB OP1   1 ? 
ATOM   329 O  OP2   . C   B 1 6 ? 6.501   7.131   -0.410  1.000 16.041 ? 6   C   BBB OP2   1 ? 
ATOM   330 O  "O5'" . C   B 1 6 ? 7.383   6.577   -2.613  1.000 11.941 ? 6   C   BBB "O5'" 1 ? 
ATOM   331 C  "C5'" . C   B 1 6 ? 8.476   6.269   -3.516  1.000 12.773 ? 6   C   BBB "C5'" 1 ? 
ATOM   332 C  "C4'" . C   B 1 6 ? 7.941   5.578   -4.774  1.000 12.549 ? 6   C   BBB "C4'" 1 ? 
ATOM   333 O  "O4'" . C   B 1 6 ? 7.178   4.429   -4.379  1.000 10.722 ? 6   C   BBB "O4'" 1 ? 
ATOM   334 C  "C3'" . C   B 1 6 ? 6.987   6.304   -5.693  1.000 14.104 ? 6   C   BBB "C3'" 1 ? 
ATOM   335 O  "O3'" . C   B 1 6 ? 7.775   7.120   -6.581  1.000 17.718 ? 6   C   BBB "O3'" 1 ? 
ATOM   336 C  "C2'" . C   B 1 6 ? 6.354   5.141   -6.451  1.000 11.865 ? 6   C   BBB "C2'" 1 ? 
ATOM   337 O  "O2'" . C   B 1 6 ? 7.251   4.709   -7.432  1.000 16.089 ? 6   C   BBB "O2'" 1 ? 
ATOM   338 C  "C1'" . C   B 1 6 ? 6.194   4.112   -5.357  1.000 10.293 ? 6   C   BBB "C1'" 1 ? 
ATOM   339 N  N1    . C   B 1 6 ? 4.846   4.186   -4.715  1.000 9.009  ? 6   C   BBB N1    1 ? 
ATOM   340 C  C2    . C   B 1 6 ? 3.812   3.592   -5.422  1.000 8.504  ? 6   C   BBB C2    1 ? 
ATOM   341 O  O2    . C   B 1 6 ? 4.033   3.026   -6.502  1.000 9.070  ? 6   C   BBB O2    1 ? 
ATOM   342 N  N3    . C   B 1 6 ? 2.553   3.747   -4.933  1.000 8.546  ? 6   C   BBB N3    1 ? 
ATOM   343 C  C4    . C   B 1 6 ? 2.290   4.421   -3.797  1.000 8.869  ? 6   C   BBB C4    1 ? 
ATOM   344 N  N4    . C   B 1 6 ? 1.036   4.588   -3.442  1.000 9.114  ? 6   C   BBB N4    1 ? 
ATOM   345 C  C5    . C   B 1 6 ? 3.355   4.989   -3.052  1.000 9.485  ? 6   C   BBB C5    1 ? 
ATOM   346 C  C6    . C   B 1 6 ? 4.606   4.856   -3.539  1.000 9.693  ? 6   C   BBB C6    1 ? 
ATOM   347 O  "O5'" . G   C 1 1 ? -1.161  9.903   4.606   1.000 17.210 ? 1   G   CCC "O5'" 1 ? 
ATOM   348 C  "C5'" . G   C 1 1 ? -2.107  10.738  5.285   1.000 14.897 ? 1   G   CCC "C5'" 1 ? 
ATOM   349 C  "C4'" . G   C 1 1 ? -3.163  11.246  4.367   1.000 12.638 ? 1   G   CCC "C4'" 1 ? 
ATOM   350 O  "O4'" . G   C 1 1 ? -2.595  12.132  3.391   1.000 13.438 ? 1   G   CCC "O4'" 1 ? 
ATOM   351 C  "C3'" . G   C 1 1 ? -3.919  10.215  3.564   1.000 10.862 ? 1   G   CCC "C3'" 1 ? 
ATOM   352 O  "O3'" . G   C 1 1 ? -4.897  9.557   4.360   1.000 12.504 ? 1   G   CCC "O3'" 1 ? 
ATOM   353 C  "C2'" . G   C 1 1 ? -4.467  11.043  2.420   1.000 10.814 ? 1   G   CCC "C2'" 1 ? 
ATOM   354 O  "O2'" . G   C 1 1 ? -5.592  11.809  2.802   1.000 13.199 ? 1   G   CCC "O2'" 1 ? 
ATOM   355 C  "C1'" . G   C 1 1 ? -3.269  11.970  2.161   1.000 11.430 ? 1   G   CCC "C1'" 1 ? 
ATOM   356 N  N9    . G   C 1 1 ? -2.346  11.383  1.201   1.000 11.051 ? 1   G   CCC N9    1 ? 
ATOM   357 C  C8    . G   C 1 1 ? -1.099  10.828  1.407   1.000 11.694 ? 1   G   CCC C8    1 ? 
ATOM   358 N  N7    . G   C 1 1 ? -0.547  10.370  0.305   1.000 12.091 ? 1   G   CCC N7    1 ? 
ATOM   359 C  C5    . G   C 1 1 ? -1.475  10.660  -0.682  1.000 10.580 ? 1   G   CCC C5    1 ? 
ATOM   360 C  C6    . G   C 1 1 ? -1.426  10.420  -2.068  1.000 10.209 ? 1   G   CCC C6    1 ? 
ATOM   361 O  O6    . G   C 1 1 ? -0.532  9.908   -2.722  1.000 11.241 ? 1   G   CCC O6    1 ? 
ATOM   362 N  N1    . G   C 1 1 ? -2.603  10.843  -2.695  1.000 10.225 ? 1   G   CCC N1    1 ? 
ATOM   363 C  C2    . G   C 1 1 ? -3.673  11.431  -2.069  1.000 10.204 ? 1   G   CCC C2    1 ? 
ATOM   364 N  N2    . G   C 1 1 ? -4.730  11.726  -2.826  1.000 10.775 ? 1   G   CCC N2    1 ? 
ATOM   365 N  N3    . G   C 1 1 ? -3.714  11.692  -0.775  1.000 10.441 ? 1   G   CCC N3    1 ? 
ATOM   366 C  C4    . G   C 1 1 ? -2.595  11.278  -0.140  1.000 10.438 ? 1   G   CCC C4    1 ? 
ATOM   367 P  P     . G   C 1 2 ? -5.309  8.026   4.015   1.000 14.031 ? 2   G   CCC P     1 ? 
ATOM   368 O  OP1   . G   C 1 2 ? -6.217  7.622   5.107   1.000 18.147 ? 2   G   CCC OP1   1 ? 
ATOM   369 O  OP2   . G   C 1 2 ? -4.100  7.171   3.693   1.000 17.576 ? 2   G   CCC OP2   1 ? 
ATOM   370 O  "O5'" . G   C 1 2 ? -6.084  8.131   2.638   1.000 10.293 ? 2   G   CCC "O5'" 1 ? 
ATOM   371 C  "C5'" . G   C 1 2 ? -7.378  8.746   2.573   1.000 9.796  ? 2   G   CCC "C5'" 1 ? 
ATOM   372 C  "C4'" . G   C 1 2 ? -7.910  8.616   1.174   1.000 9.167  ? 2   G   CCC "C4'" 1 ? 
ATOM   373 O  "O4'" . G   C 1 2 ? -7.071  9.395   0.278   1.000 9.056  ? 2   G   CCC "O4'" 1 ? 
ATOM   374 C  "C3'" . G   C 1 2 ? -7.877  7.230   0.548   1.000 8.875  ? 2   G   CCC "C3'" 1 ? 
ATOM   375 O  "O3'" . G   C 1 2 ? -8.925  6.425   1.069   1.000 9.462  ? 2   G   CCC "O3'" 1 ? 
ATOM   376 C  "C2'" . G   C 1 2 ? -7.983  7.571   -0.936  1.000 8.962  ? 2   G   CCC "C2'" 1 ? 
ATOM   377 O  "O2'" . G   C 1 2 ? -9.315  7.952   -1.218  1.000 9.559  ? 2   G   CCC "O2'" 1 ? 
ATOM   378 C  "C1'" . G   C 1 2 ? -7.050  8.769   -1.005  1.000 8.859  ? 2   G   CCC "C1'" 1 ? 
ATOM   379 N  N9    . G   C 1 2 ? -5.648  8.366   -1.270  1.000 8.556  ? 2   G   CCC N9    1 ? 
ATOM   380 C  C8    . G   C 1 2 ? -4.619  8.190   -0.372  1.000 9.188  ? 2   G   CCC C8    1 ? 
ATOM   381 N  N7    . G   C 1 2 ? -3.500  7.833   -0.947  1.000 9.009  ? 2   G   CCC N7    1 ? 
ATOM   382 C  C5    . G   C 1 2 ? -3.819  7.744   -2.290  1.000 8.622  ? 2   G   CCC C5    1 ? 
ATOM   383 C  C6    . G   C 1 2 ? -3.012  7.403   -3.419  1.000 8.748  ? 2   G   CCC C6    1 ? 
ATOM   384 O  O6    . G   C 1 2 ? -1.808  7.101   -3.447  1.000 9.193  ? 2   G   CCC O6    1 ? 
ATOM   385 N  N1    . G   C 1 2 ? -3.767  7.388   -4.597  1.000 8.319  ? 2   G   CCC N1    1 ? 
ATOM   386 C  C2    . G   C 1 2 ? -5.090  7.686   -4.691  1.000 8.751  ? 2   G   CCC C2    1 ? 
ATOM   387 N  N2    . G   C 1 2 ? -5.632  7.597   -5.908  1.000 9.709  ? 2   G   CCC N2    1 ? 
ATOM   388 N  N3    . G   C 1 2 ? -5.842  8.056   -3.660  1.000 8.764  ? 2   G   CCC N3    1 ? 
ATOM   389 C  C4    . G   C 1 2 ? -5.141  8.069   -2.505  1.000 8.306  ? 2   G   CCC C4    1 ? 
ATOM   390 P  P     . C   C 1 3 ? -8.762  4.858   1.152   1.000 10.183 ? 3   C   CCC P     1 ? 
ATOM   391 O  OP1   . C   C 1 3 ? -9.927  4.388   1.918   1.000 12.046 ? 3   C   CCC OP1   1 ? 
ATOM   392 O  OP2   . C   C 1 3 ? -7.417  4.484   1.575   1.000 10.928 ? 3   C   CCC OP2   1 ? 
ATOM   393 O  "O5'" . C   C 1 3 ? -8.896  4.382   -0.361  1.000 10.899 ? 3   C   CCC "O5'" 1 ? 
ATOM   394 C  "C5'" . C   C 1 3 ? -10.140 4.453   -1.060  1.000 10.912 ? 3   C   CCC "C5'" 1 ? 
ATOM   395 C  "C4'" . C   C 1 3 ? -9.958  4.101   -2.492  1.000 10.225 ? 3   C   CCC "C4'" 1 ? 
ATOM   396 O  "O4'" . C   C 1 3 ? -9.132  5.072   -3.175  1.000 10.278 ? 3   C   CCC "O4'" 1 ? 
ATOM   397 C  "C3'" . C   C 1 3 ? -9.225  2.778   -2.820  1.000 10.254 ? 3   C   CCC "C3'" 1 ? 
ATOM   398 O  "O3'" . C   C 1 3 ? -10.062 1.665   -2.600  1.000 11.204 ? 3   C   CCC "O3'" 1 ? 
ATOM   399 C  "C2'" . C   C 1 3 ? -8.862  2.996   -4.271  1.000 10.128 ? 3   C   CCC "C2'" 1 ? 
ATOM   400 O  "O2'" . C   C 1 3 ? -9.995  2.946   -5.096  1.000 11.309 ? 3   C   CCC "O2'" 1 ? 
ATOM   401 C  "C1'" . C   C 1 3 ? -8.339  4.435   -4.159  1.000 10.254 ? 3   C   CCC "C1'" 1 ? 
ATOM   402 N  N1    . C   C 1 3 ? -6.919  4.441   -3.747  1.000 9.459  ? 3   C   CCC N1    1 ? 
ATOM   403 C  C2    . C   C 1 3 ? -5.945  4.174   -4.706  1.000 10.006 ? 3   C   CCC C2    1 ? 
ATOM   404 O  O2    . C   C 1 3 ? -6.317  3.973   -5.890  1.000 10.909 ? 3   C   CCC O2    1 ? 
ATOM   405 N  N3    . C   C 1 3 ? -4.654  4.128   -4.344  1.000 9.549  ? 3   C   CCC N3    1 ? 
ATOM   406 C  C4    . C   C 1 3 ? -4.310  4.297   -3.059  1.000 9.288  ? 3   C   CCC C4    1 ? 
ATOM   407 N  N4    . C   C 1 3 ? -3.018  4.222   -2.733  1.000 9.749  ? 3   C   CCC N4    1 ? 
ATOM   408 C  C5    . C   C 1 3 ? -5.281  4.539   -2.054  1.000 9.912  ? 3   C   CCC C5    1 ? 
ATOM   409 C  C6    . C   C 1 3 ? -6.564  4.587   -2.435  1.000 9.717  ? 3   C   CCC C6    1 ? 
ATOM   410 P  P     . C   C 1 4 ? -9.453  0.285   -2.039  1.000 12.128 ? 4   C   CCC P     1 ? 
ATOM   411 O  OP1   . C   C 1 4 ? -10.636 -0.550  -1.736  1.000 16.870 ? 4   C   CCC OP1   1 ? 
ATOM   412 O  OP2   . C   C 1 4 ? -8.414  0.525   -1.029  1.000 12.804 ? 4   C   CCC OP2   1 ? 
ATOM   413 O  "O5'" . C   C 1 4 ? -8.615  -0.336  -3.283  1.000 11.912 ? 4   C   CCC "O5'" 1 ? 
ATOM   414 C  "C5'" . C   C 1 4 ? -9.263  -0.634  -4.526  1.000 12.409 ? 4   C   CCC "C5'" 1 ? 
ATOM   415 C  "C4'" . C   C 1 4 ? -8.259  -0.741  -5.595  1.000 11.720 ? 4   C   CCC "C4'" 1 ? 
ATOM   416 O  "O4'" . C   C 1 4 ? -7.469  0.471   -5.664  1.000 11.138 ? 4   C   CCC "O4'" 1 ? 
ATOM   417 C  "C3'" . C   C 1 4 ? -7.204  -1.842  -5.491  1.000 10.535 ? 4   C   CCC "C3'" 1 ? 
ATOM   418 O  "O3'" . C   C 1 4 ? -7.768  -3.100  -5.846  1.000 11.457 ? 4   C   CCC "O3'" 1 ? 
ATOM   419 C  "C2'" . C   C 1 4 ? -6.170  -1.314  -6.451  1.000 10.030 ? 4   C   CCC "C2'" 1 ? 
ATOM   420 O  "O2'" . C   C 1 4 ? -6.625  -1.496  -7.768  1.000 12.525 ? 4   C   CCC "O2'" 1 ? 
ATOM   421 C  "C1'" . C   C 1 4 ? -6.175  0.157   -6.090  1.000 10.120 ? 4   C   CCC "C1'" 1 ? 
ATOM   422 N  N1    . C   C 1 4 ? -5.186  0.446   -5.017  1.000 9.546  ? 4   C   CCC N1    1 ? 
ATOM   423 C  C2    . C   C 1 4 ? -3.856  0.438   -5.384  1.000 8.917  ? 4   C   CCC C2    1 ? 
ATOM   424 O  O2    . C   C 1 4 ? -3.574  0.233   -6.577  1.000 9.551  ? 4   C   CCC O2    1 ? 
ATOM   425 N  N3    . C   C 1 4 ? -2.893  0.629   -4.445  1.000 9.201  ? 4   C   CCC N3    1 ? 
ATOM   426 C  C4    . C   C 1 4 ? -3.224  0.832   -3.182  1.000 9.564  ? 4   C   CCC C4    1 ? 
ATOM   427 N  N4    . C   C 1 4 ? -2.256  1.021   -2.301  1.000 10.059 ? 4   C   CCC N4    1 ? 
ATOM   428 C  C5    . C   C 1 4 ? -4.601  0.885   -2.766  1.000 10.206 ? 4   C   CCC C5    1 ? 
ATOM   429 C  C6    . C   C 1 4 ? -5.541  0.652   -3.708  1.000 10.143 ? 4   C   CCC C6    1 ? 
ATOM   430 P  P     . C   C 1 5 ? -7.021  -4.468  -5.476  1.000 11.646 ? 5   C   CCC P     1 ? 
ATOM   431 O  OP1   . C   C 1 5 ? -8.004  -5.550  -5.837  1.000 15.078 ? 5   C   CCC OP1   1 ? 
ATOM   432 O  OP2   . C   C 1 5 ? -6.443  -4.408  -4.138  1.000 12.707 ? 5   C   CCC OP2   1 ? 
ATOM   433 O  "O5'" . C   C 1 5 ? -5.788  -4.532  -6.453  1.000 10.188 ? 5   C   CCC "O5'" 1 ? 
ATOM   434 C  "C5'" . C   C 1 5 ? -5.924  -4.767  -7.849  1.000 10.133 ? 5   C   CCC "C5'" 1 ? 
ATOM   435 C  "C4'" . C   C 1 5 ? -4.567  -4.953  -8.469  1.000 8.719  ? 5   C   CCC "C4'" 1 ? 
ATOM   436 O  "O4'" . C   C 1 5 ? -3.782  -3.722  -8.327  1.000 8.777  ? 5   C   CCC "O4'" 1 ? 
ATOM   437 C  "C3'" . C   C 1 5 ? -3.666  -6.005  -7.853  1.000 7.509  ? 5   C   CCC "C3'" 1 ? 
ATOM   438 O  "O3'" . C   C 1 5 ? -4.069  -7.292  -8.328  1.000 7.467  ? 5   C   CCC "O3'" 1 ? 
ATOM   439 C  "C2'" . C   C 1 5 ? -2.291  -5.560  -8.357  1.000 7.390  ? 5   C   CCC "C2'" 1 ? 
ATOM   440 O  "O2'" . C   C 1 5 ? -2.226  -5.882  -9.732  1.000 8.075  ? 5   C   CCC "O2'" 1 ? 
ATOM   441 C  "C1'" . C   C 1 5 ? -2.433  -4.050  -8.170  1.000 7.767  ? 5   C   CCC "C1'" 1 ? 
ATOM   442 N  N1    . C   C 1 5 ? -1.960  -3.641  -6.821  1.000 7.580  ? 5   C   CCC N1    1 ? 
ATOM   443 C  C2    . C   C 1 5 ? -0.596  -3.546  -6.623  1.000 7.517  ? 5   C   CCC C2    1 ? 
ATOM   444 O  O2    . C   C 1 5 ? 0.207   -3.850  -7.498  1.000 8.085  ? 5   C   CCC O2    1 ? 
ATOM   445 N  N3    . C   C 1 5 ? -0.169  -3.123  -5.377  1.000 7.425  ? 5   C   CCC N3    1 ? 
ATOM   446 C  C4    . C   C 1 5 ? -1.017  -2.800  -4.379  1.000 7.833  ? 5   C   CCC C4    1 ? 
ATOM   447 N  N4    . C   C 1 5 ? -0.509  -2.388  -3.212  1.000 8.414  ? 5   C   CCC N4    1 ? 
ATOM   448 C  C5    . C   C 1 5 ? -2.408  -2.910  -4.580  1.000 8.143  ? 5   C   CCC C5    1 ? 
ATOM   449 C  C6    . C   C 1 5 ? -2.828  -3.337  -5.806  1.000 7.890  ? 5   C   CCC C6    1 ? 
ATOM   450 P  P     . C   C 1 6 ? -3.819  -8.567  -7.403  1.000 7.651  ? 6   C   CCC P     1 ? 
ATOM   451 O  OP1   . C   C 1 6 ? -4.262  -9.745  -8.201  1.000 9.062  ? 6   C   CCC OP1   1 ? 
ATOM   452 O  OP2   . C   C 1 6 ? -4.387  -8.336  -6.059  1.000 9.209  ? 6   C   CCC OP2   1 ? 
ATOM   453 O  "O5'" . C   C 1 6 ? -2.252  -8.638  -7.197  1.000 8.125  ? 6   C   CCC "O5'" 1 ? 
ATOM   454 C  "C5'" . C   C 1 6 ? -1.426  -8.980  -8.322  1.000 8.633  ? 6   C   CCC "C5'" 1 ? 
ATOM   455 C  "C4'" . C   C 1 6 ? -0.016  -8.980  -7.887  1.000 9.254  ? 6   C   CCC "C4'" 1 ? 
ATOM   456 O  "O4'" . C   C 1 6 ? 0.377   -7.646  -7.485  1.000 9.170  ? 6   C   CCC "O4'" 1 ? 
ATOM   457 C  "C3'" . C   C 1 6 ? 0.316   -9.825  -6.671  1.000 10.517 ? 6   C   CCC "C3'" 1 ? 
ATOM   458 O  "O3'" . C   C 1 6 ? 0.410   -11.222 -7.005  1.000 13.928 ? 6   C   CCC "O3'" 1 ? 
ATOM   459 C  "C2'" . C   C 1 6 ? 1.650   -9.219  -6.239  1.000 11.451 ? 6   C   CCC "C2'" 1 ? 
ATOM   460 O  "O2'" . C   C 1 6 ? 2.678   -9.694  -7.113  1.000 13.970 ? 6   C   CCC "O2'" 1 ? 
ATOM   461 C  "C1'" . C   C 1 6 ? 1.403   -7.727  -6.500  1.000 9.891  ? 6   C   CCC "C1'" 1 ? 
ATOM   462 N  N1    . C   C 1 6 ? 0.978   -7.001  -5.296  1.000 8.793  ? 6   C   CCC N1    1 ? 
ATOM   463 C  C2    . C   C 1 6 ? 1.994   -6.541  -4.450  1.000 8.422  ? 6   C   CCC C2    1 ? 
ATOM   464 O  O2    . C   C 1 6 ? 3.171   -6.677  -4.757  1.000 9.017  ? 6   C   CCC O2    1 ? 
ATOM   465 N  N3    . C   C 1 6 ? 1.631   -5.933  -3.302  1.000 8.433  ? 6   C   CCC N3    1 ? 
ATOM   466 C  C4    . C   C 1 6 ? 0.352   -5.834  -2.916  1.000 8.791  ? 6   C   CCC C4    1 ? 
ATOM   467 N  N4    . C   C 1 6 ? 0.086   -5.309  -1.710  1.000 9.654  ? 6   C   CCC N4    1 ? 
ATOM   468 C  C5    . C   C 1 6 ? -0.691  -6.287  -3.761  1.000 9.046  ? 6   C   CCC C5    1 ? 
ATOM   469 C  C6    . C   C 1 6 ? -0.338  -6.869  -4.930  1.000 8.985  ? 6   C   CCC C6    1 ? 
ATOM   470 O  "O5'" . G   D 1 1 ? 7.489   1.129   -6.542  1.000 13.702 ? 1   G   DDD "O5'" 1 ? 
ATOM   471 C  "C5'" . G   D 1 1 ? 7.668   0.305   -7.593  1.000 11.067 ? 1   G   DDD "C5'" 1 ? 
ATOM   472 C  "C4'" . G   D 1 1 ? 6.412   -0.186  -8.249  1.000 9.433  ? 1   G   DDD "C4'" 1 ? 
ATOM   473 O  "O4'" . G   D 1 1 ? 5.642   -1.000  -7.314  1.000 9.309  ? 1   G   DDD "O4'" 1 ? 
ATOM   474 C  "C3'" . G   D 1 1 ? 5.437   0.901   -8.674  1.000 8.717  ? 1   G   DDD "C3'" 1 ? 
ATOM   475 O  "O3'" . G   D 1 1 ? 5.884   1.432   -9.932  1.000 8.909  ? 1   G   DDD "O3'" 1 ? 
ATOM   476 C  "C2'" . G   D 1 1 ? 4.122   0.121   -8.765  1.000 8.335  ? 1   G   DDD "C2'" 1 ? 
ATOM   477 O  "O2'" . G   D 1 1 ? 4.049   -0.599  -9.961  1.000 9.435  ? 1   G   DDD "O2'" 1 ? 
ATOM   478 C  "C1'" . G   D 1 1 ? 4.269   -0.832  -7.570  1.000 8.498  ? 1   G   DDD "C1'" 1 ? 
ATOM   479 N  N9    . G   D 1 1 ? 3.634   -0.302  -6.352  1.000 8.367  ? 1   G   DDD N9    1 ? 
ATOM   480 C  C8    . G   D 1 1 ? 4.228   0.123   -5.187  1.000 8.669  ? 1   G   DDD C8    1 ? 
ATOM   481 N  N7    . G   D 1 1 ? 3.371   0.527   -4.286  1.000 8.669  ? 1   G   DDD N7    1 ? 
ATOM   482 C  C5    . G   D 1 1 ? 2.130   0.341   -4.882  1.000 8.140  ? 1   G   DDD C5    1 ? 
ATOM   483 C  C6    . G   D 1 1 ? 0.827   0.599   -4.392  1.000 8.296  ? 1   G   DDD C6    1 ? 
ATOM   484 O  O6    . G   D 1 1 ? 0.499   1.047   -3.275  1.000 8.954  ? 1   G   DDD O6    1 ? 
ATOM   485 N  N1    . G   D 1 1 ? -0.150  0.275   -5.313  1.000 8.167  ? 1   G   DDD N1    1 ? 
ATOM   486 C  C2    . G   D 1 1 ? 0.095   -0.207  -6.593  1.000 7.961  ? 1   G   DDD C2    1 ? 
ATOM   487 N  N2    . G   D 1 1 ? -0.983  -0.439  -7.336  1.000 8.580  ? 1   G   DDD N2    1 ? 
ATOM   488 N  N3    . G   D 1 1 ? 1.305   -0.474  -7.043  1.000 8.022  ? 1   G   DDD N3    1 ? 
ATOM   489 C  C4    . G   D 1 1 ? 2.272   -0.175  -6.150  1.000 8.030  ? 1   G   DDD C4    1 ? 
ATOM   490 P  P     . G   D 1 2 ? 5.457   2.913   -10.354 1.000 8.725  ? 2   G   DDD P     1 ? 
ATOM   491 O  OP1   . G   D 1 2 ? 6.168   3.138   -11.641 1.000 10.156 ? 2   G   DDD OP1   1 ? 
ATOM   492 O  OP2   . G   D 1 2 ? 5.629   3.883   -9.251  1.000 9.462  ? 2   G   DDD OP2   1 ? 
ATOM   493 O  "O5'" . G   D 1 2 ? 3.890   2.841   -10.586 1.000 8.469  ? 2   G   DDD "O5'" 1 ? 
ATOM   494 C  "C5'" . G   D 1 2 ? 3.387   2.208   -11.767 1.000 8.498  ? 2   G   DDD "C5'" 1 ? 
ATOM   495 C  "C4'" . G   D 1 2 ? 1.908   2.323   -11.829 1.000 8.104  ? 2   G   DDD "C4'" 1 ? 
ATOM   496 O  "O4'" . G   D 1 2 ? 1.288   1.559   -10.768 1.000 8.175  ? 2   G   DDD "O4'" 1 ? 
ATOM   497 C  "C3'" . G   D 1 2 ? 1.334   3.723   -11.590 1.000 7.933  ? 2   G   DDD "C3'" 1 ? 
ATOM   498 O  "O3'" . G   D 1 2 ? 1.572   4.554   -12.728 1.000 8.333  ? 2   G   DDD "O3'" 1 ? 
ATOM   499 C  "C2'" . G   D 1 2 ? -0.133  3.373   -11.342 1.000 8.335  ? 2   G   DDD "C2'" 1 ? 
ATOM   500 O  "O2'" . G   D 1 2 ? -0.742  3.003   -12.570 1.000 9.117  ? 2   G   DDD "O2'" 1 ? 
ATOM   501 C  "C1'" . G   D 1 2 ? 0.044   2.147   -10.428 1.000 8.146  ? 2   G   DDD "C1'" 1 ? 
ATOM   502 N  N9    . G   D 1 2 ? 0.059   2.552   -9.015  1.000 7.725  ? 2   G   DDD N9    1 ? 
ATOM   503 C  C8    . G   D 1 2 ? 1.150   2.720   -8.197  1.000 7.938  ? 2   G   DDD C8    1 ? 
ATOM   504 N  N7    . G   D 1 2 ? 0.813   3.051   -6.975  1.000 7.848  ? 2   G   DDD N7    1 ? 
ATOM   505 C  C5    . G   D 1 2 ? -0.562  3.121   -7.005  1.000 7.648  ? 2   G   DDD C5    1 ? 
ATOM   506 C  C6    . G   D 1 2 ? -1.484  3.418   -5.965  1.000 7.927  ? 2   G   DDD C6    1 ? 
ATOM   507 O  O6    . G   D 1 2 ? -1.215  3.678   -4.784  1.000 8.685  ? 2   G   DDD O6    1 ? 
ATOM   508 N  N1    . G   D 1 2 ? -2.803  3.431   -6.418  1.000 8.335  ? 2   G   DDD N1    1 ? 
ATOM   509 C  C2    . G   D 1 2 ? -3.185  3.142   -7.695  1.000 8.383  ? 2   G   DDD C2    1 ? 
ATOM   510 N  N2    . G   D 1 2 ? -4.487  3.202   -7.941  1.000 9.380  ? 2   G   DDD N2    1 ? 
ATOM   511 N  N3    . G   D 1 2 ? -2.332  2.807   -8.667  1.000 8.180  ? 2   G   DDD N3    1 ? 
ATOM   512 C  C4    . G   D 1 2 ? -1.048  2.813   -8.256  1.000 7.883  ? 2   G   DDD C4    1 ? 
ATOM   513 P  P     . C   D 1 3 ? 1.730   6.126   -12.575 1.000 8.288  ? 3   C   DDD P     1 ? 
ATOM   514 O  OP1   . C   D 1 3 ? 2.275   6.583   -13.877 1.000 9.317  ? 3   C   DDD OP1   1 ? 
ATOM   515 O  OP2   . C   D 1 3 ? 2.473   6.459   -11.336 1.000 9.433  ? 3   C   DDD OP2   1 ? 
ATOM   516 O  "O5'" . C   D 1 3 ? 0.256   6.679   -12.338 1.000 8.351  ? 3   C   DDD "O5'" 1 ? 
ATOM   517 C  "C5'" . C   D 1 3 ? -0.810  6.468   -13.298 1.000 8.635  ? 3   C   DDD "C5'" 1 ? 
ATOM   518 C  "C4'" . C   D 1 3 ? -2.140  6.675   -12.648 1.000 8.627  ? 3   C   DDD "C4'" 1 ? 
ATOM   519 O  "O4'" . C   D 1 3 ? -2.298  5.731   -11.562 1.000 8.438  ? 3   C   DDD "O4'" 1 ? 
ATOM   520 C  "C3'" . C   D 1 3 ? -2.394  8.018   -11.964 1.000 8.317  ? 3   C   DDD "C3'" 1 ? 
ATOM   521 O  "O3'" . C   D 1 3 ? -2.741  8.987   -12.974 1.000 8.656  ? 3   C   DDD "O3'" 1 ? 
ATOM   522 C  "C2'" . C   D 1 3 ? -3.569  7.667   -11.036 1.000 8.614  ? 3   C   DDD "C2'" 1 ? 
ATOM   523 O  "O2'" . C   D 1 3 ? -4.749  7.514   -11.791 1.000 9.864  ? 3   C   DDD "O2'" 1 ? 
ATOM   524 C  "C1'" . C   D 1 3 ? -3.073  6.301   -10.517 1.000 8.525  ? 3   C   DDD "C1'" 1 ? 
ATOM   525 N  N1    . C   D 1 3 ? -2.232  6.449   -9.303  1.000 8.185  ? 3   C   DDD N1    1 ? 
ATOM   526 C  C2    . C   D 1 3 ? -2.903  6.611   -8.091  1.000 8.427  ? 3   C   DDD C2    1 ? 
ATOM   527 O  O2    . C   D 1 3 ? -4.130  6.715   -8.113  1.000 9.035  ? 3   C   DDD O2    1 ? 
ATOM   528 N  N3    . C   D 1 3 ? -2.179  6.682   -6.947  1.000 8.225  ? 3   C   DDD N3    1 ? 
ATOM   529 C  C4    . C   D 1 3 ? -0.848  6.607   -6.985  1.000 8.254  ? 3   C   DDD C4    1 ? 
ATOM   530 N  N4    . C   D 1 3 ? -0.170  6.654   -5.830  1.000 8.738  ? 3   C   DDD N4    1 ? 
ATOM   531 C  C5    . C   D 1 3 ? -0.146  6.459   -8.215  1.000 8.451  ? 3   C   DDD C5    1 ? 
ATOM   532 C  C6    . C   D 1 3 ? -0.868  6.390   -9.332  1.000 8.419  ? 3   C   DDD C6    1 ? 
ATOM   533 P  P     . C   D 1 4 ? -2.400  10.535  -12.698 1.000 9.475  ? 4   C   DDD P     1 ? 
ATOM   534 O  OP1   . C   D 1 4 ? -2.756  11.241  -13.948 1.000 11.430 ? 4   C   DDD OP1   1 ? 
ATOM   535 O  OP2   . C   D 1 4 ? -1.034  10.655  -12.144 1.000 10.467 ? 4   C   DDD OP2   1 ? 
ATOM   536 O  "O5'" . C   D 1 4 ? -3.376  10.967  -11.511 1.000 9.517  ? 4   C   DDD "O5'" 1 ? 
ATOM   537 C  "C5'" . C   D 1 4 ? -4.788  11.054  -11.748 1.000 10.125 ? 4   C   DDD "C5'" 1 ? 
ATOM   538 C  "C4'" . C   D 1 4 ? -5.518  11.307  -10.440 1.000 9.870  ? 4   C   DDD "C4'" 1 ? 
ATOM   539 O  "O4'" . C   D 1 4 ? -5.222  10.244  -9.509  1.000 9.793  ? 4   C   DDD "O4'" 1 ? 
ATOM   540 C  "C3'" . C   D 1 4 ? -5.184  12.579  -9.690  1.000 9.972  ? 4   C   DDD "C3'" 1 ? 
ATOM   541 O  "O3'" . C   D 1 4 ? -5.867  13.699  -10.238 1.000 11.338 ? 4   C   DDD "O3'" 1 ? 
ATOM   542 C  "C2'" . C   D 1 4 ? -5.654  12.233  -8.290  1.000 10.280 ? 4   C   DDD "C2'" 1 ? 
ATOM   543 O  "O2'" . C   D 1 4 ? -7.083  12.238  -8.164  1.000 12.759 ? 4   C   DDD "O2'" 1 ? 
ATOM   544 C  "C1'" . C   D 1 4 ? -5.257  10.768  -8.183  1.000 9.659  ? 4   C   DDD "C1'" 1 ? 
ATOM   545 N  N1    . C   D 1 4 ? -3.929  10.571  -7.567  1.000 9.717  ? 4   C   DDD N1    1 ? 
ATOM   546 C  C2    . C   D 1 4 ? -3.869  10.667  -6.166  1.000 9.567  ? 4   C   DDD C2    1 ? 
ATOM   547 O  O2    . C   D 1 4 ? -4.905  10.997  -5.549  1.000 10.499 ? 4   C   DDD O2    1 ? 
ATOM   548 N  N3    . C   D 1 4 ? -2.705  10.437  -5.549  1.000 10.001 ? 4   C   DDD N3    1 ? 
ATOM   549 C  C4    . C   D 1 4 ? -1.612  10.135  -6.250  1.000 9.733  ? 4   C   DDD C4    1 ? 
ATOM   550 N  N4    . C   D 1 4 ? -0.496  9.898   -5.570  1.000 10.346 ? 4   C   DDD N4    1 ? 
ATOM   551 C  C5    . C   D 1 4 ? -1.624  10.068  -7.671  1.000 9.814  ? 4   C   DDD C5    1 ? 
ATOM   552 C  C6    . C   D 1 4 ? -2.800  10.299  -8.292  1.000 9.617  ? 4   C   DDD C6    1 ? 
ATOM   553 P  P     . C   D 1 5 ? -5.082  15.027  -10.617 1.000 10.291 ? 5   C   DDD P     1 ? 
ATOM   554 O  OP1   . C   D 1 5 ? -6.095  15.886  -11.281 1.000 13.336 ? 5   C   DDD OP1   1 ? 
ATOM   555 O  OP2   . C   D 1 5 ? -3.827  14.699  -11.297 1.000 12.483 ? 5   C   DDD OP2   1 ? 
ATOM   556 O  "O5'" . C   D 1 5 ? -4.683  15.665  -9.236  1.000 9.572  ? 5   C   DDD "O5'" 1 ? 
ATOM   557 C  "C5'" . C   D 1 5 ? -5.695  16.196  -8.388  1.000 9.541  ? 5   C   DDD "C5'" 1 ? 
ATOM   558 C  "C4'" . C   D 1 5 ? -5.201  16.308  -6.992  1.000 9.641  ? 5   C   DDD "C4'" 1 ? 
ATOM   559 O  "O4'" . C   D 1 5 ? -4.880  14.986  -6.487  1.000 9.806  ? 5   C   DDD "O4'" 1 ? 
ATOM   560 C  "C3'" . C   D 1 5 ? -3.951  17.129  -6.678  1.000 8.735  ? 5   C   DDD "C3'" 1 ? 
ATOM   561 O  "O3'" . C   D 1 5 ? -4.314  18.497  -6.691  1.000 9.596  ? 5   C   DDD "O3'" 1 ? 
ATOM   562 C  "C2'" . C   D 1 5 ? -3.552  16.537  -5.329  1.000 10.209 ? 5   C   DDD "C2'" 1 ? 
ATOM   563 O  "O2'" . C   D 1 5 ? -4.392  17.042  -4.346  1.000 11.899 ? 5   C   DDD "O2'" 1 ? 
ATOM   564 C  "C1'" . C   D 1 5 ? -3.803  15.057  -5.575  1.000 10.080 ? 5   C   DDD "C1'" 1 ? 
ATOM   565 N  N1    . C   D 1 5 ? -2.616  14.364  -6.134  1.000 9.467  ? 5   C   DDD N1    1 ? 
ATOM   566 C  C2    . C   D 1 5 ? -1.669  13.938  -5.236  1.000 10.657 ? 5   C   DDD C2    1 ? 
ATOM   567 O  O2    . C   D 1 5 ? -1.887  14.184  -4.045  1.000 13.915 ? 5   C   DDD O2    1 ? 
ATOM   568 N  N3    . C   D 1 5 ? -0.548  13.318  -5.675  1.000 10.141 ? 5   C   DDD N3    1 ? 
ATOM   569 C  C4    . C   D 1 5 ? -0.353  13.151  -6.984  1.000 9.646  ? 5   C   DDD C4    1 ? 
ATOM   570 N  N4    . C   D 1 5 ? 0.739   12.528  -7.378  1.000 10.283 ? 5   C   DDD N4    1 ? 
ATOM   571 C  C5    . C   D 1 5 ? -1.294  13.614  -7.935  1.000 9.372  ? 5   C   DDD C5    1 ? 
ATOM   572 C  C6    . C   D 1 5 ? -2.423  14.197  -7.480  1.000 9.046  ? 5   C   DDD C6    1 ? 
ATOM   573 P  P     A C   D 1 6 ? -3.250  19.703  -6.539  0.500 8.796  ? 6   C   DDD P     1 ? 
ATOM   574 P  P     B C   D 1 6 ? -3.201  19.645  -6.578  0.500 9.020  ? 6   C   DDD P     1 ? 
ATOM   575 O  OP1   A C   D 1 6 ? -3.877  20.847  -7.281  0.500 9.849  ? 6   C   DDD OP1   1 ? 
ATOM   576 O  OP1   B C   D 1 6 ? -3.881  20.837  -7.166  0.500 10.546 ? 6   C   DDD OP1   1 ? 
ATOM   577 O  OP2   A C   D 1 6 ? -1.963  19.205  -7.006  0.500 9.872  ? 6   C   DDD OP2   1 ? 
ATOM   578 O  OP2   B C   D 1 6 ? -1.877  19.265  -6.975  0.500 10.280 ? 6   C   DDD OP2   1 ? 
ATOM   579 O  "O5'" A C   D 1 6 ? -3.216  19.918  -4.972  0.500 10.643 ? 6   C   DDD "O5'" 1 ? 
ATOM   580 O  "O5'" B C   D 1 6 ? -3.103  20.032  -5.050  0.500 10.562 ? 6   C   DDD "O5'" 1 ? 
ATOM   581 C  "C5'" A C   D 1 6 ? -4.475  20.285  -4.318  0.500 12.386 ? 6   C   DDD "C5'" 1 ? 
ATOM   582 C  "C5'" B C   D 1 6 ? -4.273  20.596  -4.399  0.500 12.799 ? 6   C   DDD "C5'" 1 ? 
ATOM   583 C  "C4'" A C   D 1 6 ? -4.159  20.821  -2.944  0.500 13.081 ? 6   C   DDD "C4'" 1 ? 
ATOM   584 C  "C4'" B C   D 1 6 ? -4.133  20.626  -2.898  0.500 13.788 ? 6   C   DDD "C4'" 1 ? 
ATOM   585 O  "O4'" A C   D 1 6 ? -3.678  19.745  -2.150  0.500 10.267 ? 6   C   DDD "O4'" 1 ? 
ATOM   586 O  "O4'" B C   D 1 6 ? -3.821  19.325  -2.370  0.500 13.952 ? 6   C   DDD "O4'" 1 ? 
ATOM   587 C  "C3'" A C   D 1 6 ? -3.111  21.926  -2.972  0.500 14.410 ? 6   C   DDD "C3'" 1 ? 
ATOM   588 C  "C3'" B C   D 1 6 ? -3.055  21.545  -2.374  0.500 16.384 ? 6   C   DDD "C3'" 1 ? 
ATOM   589 O  "O3'" A C   D 1 6 ? -2.660  23.023  -2.297  0.500 20.739 ? 6   C   DDD "O3'" 1 ? 
ATOM   590 O  "O3'" B C   D 1 6 ? -3.516  22.911  -1.997  0.500 15.091 ? 6   C   DDD "O3'" 1 ? 
ATOM   591 C  "C2'" A C   D 1 6 ? -1.910  21.262  -2.368  0.500 10.280 ? 6   C   DDD "C2'" 1 ? 
ATOM   592 C  "C2'" B C   D 1 6 ? -2.758  20.906  -0.992  0.500 14.918 ? 6   C   DDD "C2'" 1 ? 
ATOM   593 O  "O2'" A C   D 1 6 ? -1.012  22.073  -1.629  0.500 11.222 ? 6   C   DDD "O2'" 1 ? 
ATOM   594 O  "O2'" B C   D 1 6 ? -3.728  21.499  -0.158  0.500 17.918 ? 6   C   DDD "O2'" 1 ? 
ATOM   595 C  "C1'" A C   D 1 6 ? -2.483  20.112  -1.528  0.500 10.341 ? 6   C   DDD "C1'" 1 ? 
ATOM   596 C  "C1'" B C   D 1 6 ? -3.033  19.411  -1.199  0.500 12.159 ? 6   C   DDD "C1'" 1 ? 
ATOM   597 N  N1    A C   D 1 6 ? -1.608  18.924  -1.527  0.500 9.993  ? 6   C   DDD N1    1 ? 
ATOM   598 N  N1    B C   D 1 6 ? -1.796  18.631  -1.402  0.500 10.441 ? 6   C   DDD N1    1 ? 
ATOM   599 C  C2    A C   D 1 6 ? -1.008  18.479  -0.359  0.500 10.196 ? 6   C   DDD C2    1 ? 
ATOM   600 C  C2    B C   D 1 6 ? -1.057  18.277  -0.287  0.500 10.696 ? 6   C   DDD C2    1 ? 
ATOM   601 O  O2    A C   D 1 6 ? -1.408  18.911  0.737   0.500 11.609 ? 6   C   DDD O2    1 ? 
ATOM   602 O  O2    B C   D 1 6 ? -1.420  18.686  0.825   0.500 11.283 ? 6   C   DDD O2    1 ? 
ATOM   603 N  N3    A C   D 1 6 ? -0.076  17.490  -0.454  0.500 9.454  ? 6   C   DDD N3    1 ? 
ATOM   604 N  N3    B C   D 1 6 ? 0.086   17.552  -0.450  0.500 10.091 ? 6   C   DDD N3    1 ? 
ATOM   605 C  C4    A C   D 1 6 ? 0.403   17.113  -1.649  0.500 8.927  ? 6   C   DDD C4    1 ? 
ATOM   606 C  C4    B C   D 1 6 ? 0.497   17.183  -1.670  0.500 8.991  ? 6   C   DDD C4    1 ? 
ATOM   607 N  N4    A C   D 1 6 ? 1.432   16.265  -1.667  0.500 9.714  ? 6   C   DDD N4    1 ? 
ATOM   608 N  N4    B C   D 1 6 ? 1.652   16.502  -1.754  0.500 8.604  ? 6   C   DDD N4    1 ? 
ATOM   609 C  C5    A C   D 1 6 ? -0.208  17.543  -2.854  0.500 9.309  ? 6   C   DDD C5    1 ? 
ATOM   610 C  C5    B C   D 1 6 ? -0.290  17.468  -2.832  0.500 9.104  ? 6   C   DDD C5    1 ? 
ATOM   611 C  C6    A C   D 1 6 ? -1.185  18.454  -2.748  0.500 9.401  ? 6   C   DDD C6    1 ? 
ATOM   612 C  C6    B C   D 1 6 ? -1.401  18.222  -2.655  0.500 9.470  ? 6   C   DDD C6    1 ? 
HETATM 613 MG MG    . MG  E 2 . ? 3.366   -14.037 2.366   0.500 12.846 ? 101 MG  AAA MG    1 ? 
HETATM 614 MG MG    . MG  F 2 . ? 4.547   5.076   8.268   0.500 18.076 ? 101 MG  BBB MG    1 ? 
HETATM 615 MG MG    . MG  G 2 . ? -5.496  -10.614 -9.489  0.500 8.598  ? 101 MG  CCC MG    1 ? 
HETATM 616 O  O     . HOH H 3 . ? -5.716  -11.784 12.951  0.500 27.572 ? 201 HOH AAA O     1 ? 
HETATM 617 O  O     . HOH H 3 . ? 3.300   -10.513 12.916  0.500 27.301 ? 202 HOH AAA O     1 ? 
HETATM 618 O  O     . HOH H 3 . ? -7.997  -15.471 12.800  0.500 24.621 ? 203 HOH AAA O     1 ? 
HETATM 619 O  O     . HOH H 3 . ? -7.945  -18.601 12.918  0.500 25.327 ? 204 HOH AAA O     1 ? 
HETATM 620 O  O     . HOH H 3 . ? 3.852   -12.223 0.667   1.000 21.868 ? 205 HOH AAA O     1 ? 
HETATM 621 O  O     . HOH H 3 . ? -0.584  -8.513  9.763   1.000 24.385 ? 206 HOH AAA O     1 ? 
HETATM 622 O  O     . HOH H 3 . ? 5.680   -15.103 7.713   0.500 20.950 ? 207 HOH AAA O     1 ? 
HETATM 623 O  O     A HOH H 3 . ? 8.503   -2.859  -5.642  0.500 14.815 ? 208 HOH AAA O     1 ? 
HETATM 624 O  O     B HOH H 3 . ? 7.777   -0.395  -4.411  0.500 14.057 ? 208 HOH AAA O     1 ? 
HETATM 625 O  O     . HOH H 3 . ? 3.747   -9.393  19.241  1.000 19.884 ? 209 HOH AAA O     1 ? 
HETATM 626 O  O     . HOH H 3 . ? 9.594   -6.766  -7.949  1.000 19.460 ? 210 HOH AAA O     1 ? 
HETATM 627 O  O     . HOH H 3 . ? 2.144   -6.559  18.989  0.500 26.269 ? 211 HOH AAA O     1 ? 
HETATM 628 O  O     . HOH H 3 . ? 3.901   -9.597  -3.039  1.000 15.423 ? 212 HOH AAA O     1 ? 
HETATM 629 O  O     . HOH H 3 . ? -7.446  -10.241 14.286  1.000 26.324 ? 213 HOH AAA O     1 ? 
HETATM 630 O  O     . HOH H 3 . ? 6.965   -10.650 -9.065  1.000 26.258 ? 214 HOH AAA O     1 ? 
HETATM 631 O  O     . HOH H 3 . ? 2.717   -15.210 3.905   0.500 21.221 ? 215 HOH AAA O     1 ? 
HETATM 632 O  O     . HOH H 3 . ? 9.897   -9.255  -7.235  1.000 18.310 ? 216 HOH AAA O     1 ? 
HETATM 633 O  O     A HOH H 3 . ? 5.123   -5.917  6.524   0.500 22.079 ? 217 HOH AAA O     1 ? 
HETATM 634 O  O     B HOH H 3 . ? 5.303   -7.487  7.262   0.500 22.876 ? 217 HOH AAA O     1 ? 
HETATM 635 O  O     . HOH H 3 . ? 2.624   -8.529  -10.597 0.500 23.213 ? 218 HOH AAA O     1 ? 
HETATM 636 O  O     . HOH H 3 . ? 8.032   -5.376  4.123   1.000 14.775 ? 219 HOH AAA O     1 ? 
HETATM 637 O  O     . HOH H 3 . ? 1.353   -8.818  -2.195  1.000 14.217 ? 220 HOH AAA O     1 ? 
HETATM 638 O  O     . HOH H 3 . ? -1.365  -8.776  22.363  1.000 13.612 ? 221 HOH AAA O     1 ? 
HETATM 639 O  O     . HOH H 3 . ? 1.525   -13.082 2.307   0.500 13.507 ? 222 HOH AAA O     1 ? 
HETATM 640 O  O     . HOH H 3 . ? 7.482   -3.471  -10.079 1.000 25.361 ? 223 HOH AAA O     1 ? 
HETATM 641 O  O     A HOH H 3 . ? -1.124  -11.082 21.212  0.500 14.910 ? 224 HOH AAA O     1 ? 
HETATM 642 O  O     B HOH H 3 . ? -1.231  -12.225 20.504  0.500 11.328 ? 224 HOH AAA O     1 ? 
HETATM 643 O  O     . HOH H 3 . ? 3.974   -7.571  16.785  1.000 29.096 ? 225 HOH AAA O     1 ? 
HETATM 644 O  O     . HOH H 3 . ? 4.046   -7.208  19.020  0.500 24.940 ? 226 HOH AAA O     1 ? 
HETATM 645 O  O     . HOH H 3 . ? -9.506  -10.638 13.529  0.500 26.227 ? 227 HOH AAA O     1 ? 
HETATM 646 O  O     . HOH H 3 . ? 11.008  -2.364  -7.369  1.000 27.159 ? 228 HOH AAA O     1 ? 
HETATM 647 O  O     . HOH I 3 . ? 7.770   7.318   -8.518  0.500 25.650 ? 201 HOH BBB O     1 ? 
HETATM 648 O  O     . HOH I 3 . ? 7.147   9.298   -5.699  0.500 18.734 ? 202 HOH BBB O     1 ? 
HETATM 649 O  O     . HOH I 3 . ? 8.889   1.825   -4.374  0.500 25.427 ? 203 HOH BBB O     1 ? 
HETATM 650 O  O     . HOH I 3 . ? 6.327   4.653   7.624   1.000 23.913 ? 204 HOH BBB O     1 ? 
HETATM 651 O  O     . HOH I 3 . ? -6.092  -7.325  0.248   1.000 22.792 ? 205 HOH BBB O     1 ? 
HETATM 652 O  O     . HOH I 3 . ? 11.016  8.677   -2.389  1.000 22.879 ? 206 HOH BBB O     1 ? 
HETATM 653 O  O     . HOH I 3 . ? 8.826   10.403  -0.009  0.500 23.148 ? 207 HOH BBB O     1 ? 
HETATM 654 O  O     . HOH I 3 . ? -2.378  -5.443  -0.298  1.000 17.721 ? 208 HOH BBB O     1 ? 
HETATM 655 O  O     . HOH I 3 . ? -4.079  -9.425  0.237   1.000 24.837 ? 209 HOH BBB O     1 ? 
HETATM 656 O  O     . HOH I 3 . ? 4.344   5.727   6.369   1.000 23.666 ? 210 HOH BBB O     1 ? 
HETATM 657 O  O     . HOH I 3 . ? 0.275   3.055   0.867   1.000 22.405 ? 211 HOH BBB O     1 ? 
HETATM 658 O  O     . HOH I 3 . ? 9.407   3.091   -6.903  0.500 18.684 ? 212 HOH BBB O     1 ? 
HETATM 659 O  O     . HOH I 3 . ? 2.511   5.700   8.669   1.000 25.379 ? 213 HOH BBB O     1 ? 
HETATM 660 O  O     . HOH I 3 . ? 4.835   4.160   10.073  1.000 24.758 ? 214 HOH BBB O     1 ? 
HETATM 661 O  O     . HOH I 3 . ? 3.034   3.451   3.540   1.000 25.198 ? 215 HOH BBB O     1 ? 
HETATM 662 O  O     . HOH I 3 . ? 5.713   -3.083  7.051   1.000 27.835 ? 216 HOH BBB O     1 ? 
HETATM 663 O  O     . HOH I 3 . ? -6.363  -6.657  8.835   1.000 22.863 ? 217 HOH BBB O     1 ? 
HETATM 664 O  O     . HOH I 3 . ? 10.598  7.367   -6.704  0.500 22.413 ? 218 HOH BBB O     1 ? 
HETATM 665 O  O     . HOH I 3 . ? -0.316  -5.468  8.853   1.000 23.395 ? 219 HOH BBB O     1 ? 
HETATM 666 O  O     . HOH I 3 . ? -4.761  -4.465  1.210   1.000 26.187 ? 220 HOH BBB O     1 ? 
HETATM 667 O  O     . HOH I 3 . ? -2.402  -1.786  1.434   1.000 21.221 ? 221 HOH BBB O     1 ? 
HETATM 668 O  O     . HOH I 3 . ? -0.403  1.400   4.497   1.000 21.021 ? 222 HOH BBB O     1 ? 
HETATM 669 O  O     . HOH I 3 . ? -0.616  0.438   1.663   1.000 20.089 ? 223 HOH BBB O     1 ? 
HETATM 670 O  O     . HOH I 3 . ? 2.511   -5.871  8.553   1.000 24.706 ? 224 HOH BBB O     1 ? 
HETATM 671 O  O     . HOH I 3 . ? 11.214  6.938   0.518   1.000 20.181 ? 225 HOH BBB O     1 ? 
HETATM 672 O  O     . HOH I 3 . ? -8.883  0.632   3.250   0.500 25.443 ? 226 HOH BBB O     1 ? 
HETATM 673 O  O     . HOH I 3 . ? -3.252  -9.003  10.098  1.000 27.774 ? 227 HOH BBB O     1 ? 
HETATM 674 O  O     . HOH I 3 . ? -3.965  -6.531  9.937   1.000 26.090 ? 228 HOH BBB O     1 ? 
HETATM 675 O  O     . HOH I 3 . ? 8.511   10.029  -3.606  1.000 22.416 ? 229 HOH BBB O     1 ? 
HETATM 676 O  O     . HOH I 3 . ? 5.092   8.368   -8.677  0.500 21.829 ? 230 HOH BBB O     1 ? 
HETATM 677 O  O     . HOH I 3 . ? 6.332   8.631   -10.065 0.500 16.884 ? 231 HOH BBB O     1 ? 
HETATM 678 O  O     . HOH I 3 . ? -0.200  5.689   4.303   1.000 23.258 ? 232 HOH BBB O     1 ? 
HETATM 679 O  O     . HOH I 3 . ? 12.242  5.844   -3.206  1.000 26.264 ? 233 HOH BBB O     1 ? 
HETATM 680 O  O     . HOH I 3 . ? 5.354   7.015   8.908   1.000 28.911 ? 234 HOH BBB O     1 ? 
HETATM 681 O  O     . HOH I 3 . ? 11.385  5.072   -5.480  0.500 23.803 ? 235 HOH BBB O     1 ? 
HETATM 682 O  O     . HOH I 3 . ? -5.551  -10.649 -0.751  0.500 10.872 ? 236 HOH BBB O     1 ? 
HETATM 683 O  O     . HOH I 3 . ? -11.844 -8.284  0.135   1.000 24.632 ? 237 HOH BBB O     1 ? 
HETATM 684 O  O     . HOH I 3 . ? 11.987  3.452   -7.927  0.500 25.648 ? 238 HOH BBB O     1 ? 
HETATM 685 O  O     . HOH I 3 . ? 14.678  6.064   -4.255  1.000 26.753 ? 239 HOH BBB O     1 ? 
HETATM 686 O  O     . HOH I 3 . ? 8.865   13.728  -12.210 1.000 25.543 ? 240 HOH BBB O     1 ? 
HETATM 687 O  O     . HOH J 3 . ? -9.952  1.641   -7.384  1.000 20.860 ? 201 HOH CCC O     1 ? 
HETATM 688 O  O     . HOH J 3 . ? -11.131 1.998   1.985   0.500 20.542 ? 202 HOH CCC O     1 ? 
HETATM 689 O  O     . HOH J 3 . ? 0.122   6.601   -1.610  1.000 15.081 ? 203 HOH CCC O     1 ? 
HETATM 690 O  O     . HOH J 3 . ? -9.966  3.230   4.383   1.000 22.474 ? 204 HOH CCC O     1 ? 
HETATM 691 O  O     . HOH J 3 . ? -10.294 8.132   -3.754  1.000 11.159 ? 205 HOH CCC O     1 ? 
HETATM 692 O  O     . HOH J 3 . ? -6.624  -1.479  -0.565  1.000 20.702 ? 206 HOH CCC O     1 ? 
HETATM 693 O  O     A HOH J 3 . ? -7.696  -7.929  -7.152  0.500 13.304 ? 207 HOH CCC O     1 ? 
HETATM 694 O  O     B HOH J 3 . ? -8.770  -8.514  -7.908  0.500 12.888 ? 207 HOH CCC O     1 ? 
HETATM 695 O  O     A HOH J 3 . ? -6.473  2.006   0.208   0.500 15.307 ? 208 HOH CCC O     1 ? 
HETATM 696 O  O     B HOH J 3 . ? -7.350  1.756   1.212   0.500 16.005 ? 208 HOH CCC O     1 ? 
HETATM 697 O  O     . HOH J 3 . ? -1.693  7.082   1.010   1.000 20.866 ? 209 HOH CCC O     1 ? 
HETATM 698 O  O     . HOH J 3 . ? -3.165  -9.989  -4.190  0.500 12.394 ? 210 HOH CCC O     1 ? 
HETATM 699 O  O     . HOH J 3 . ? -5.038  -2.615  -2.500  1.000 16.639 ? 211 HOH CCC O     1 ? 
HETATM 700 O  O     . HOH J 3 . ? -4.481  -0.970  -9.506  1.000 20.924 ? 212 HOH CCC O     1 ? 
HETATM 701 O  O     . HOH J 3 . ? -4.689  5.155   1.755   1.000 17.563 ? 213 HOH CCC O     1 ? 
HETATM 702 O  O     . HOH J 3 . ? -4.186  -6.304  -4.057  1.000 13.804 ? 214 HOH CCC O     1 ? 
HETATM 703 O  O     . HOH J 3 . ? -2.562  -2.535  -1.216  1.000 15.910 ? 215 HOH CCC O     1 ? 
HETATM 704 O  O     . HOH J 3 . ? -2.390  4.341   0.100   1.000 20.447 ? 216 HOH CCC O     1 ? 
HETATM 705 O  O     . HOH J 3 . ? -7.252  5.453   -8.271  1.000 25.724 ? 217 HOH CCC O     1 ? 
HETATM 706 O  O     . HOH J 3 . ? -3.030  1.614   0.489   1.000 24.640 ? 218 HOH CCC O     1 ? 
HETATM 707 O  O     . HOH J 3 . ? -6.723  -8.896  -9.631  1.000 11.378 ? 219 HOH CCC O     1 ? 
HETATM 708 O  O     . HOH J 3 . ? -8.663  7.440   -5.940  1.000 14.431 ? 220 HOH CCC O     1 ? 
HETATM 709 O  O     A HOH J 3 . ? -3.781  -12.282 -5.451  0.500 11.562 ? 221 HOH CCC O     1 ? 
HETATM 710 O  O     B HOH J 3 . ? -4.367  -11.014 -4.875  0.500 10.662 ? 221 HOH CCC O     1 ? 
HETATM 711 O  O     . HOH J 3 . ? -0.872  -10.304 -3.022  1.000 23.798 ? 222 HOH CCC O     1 ? 
HETATM 712 O  O     A HOH J 3 . ? -6.755  -8.398  -2.420  0.500 17.668 ? 223 HOH CCC O     1 ? 
HETATM 713 O  O     B HOH J 3 . ? -4.840  -10.432 -2.094  0.500 16.889 ? 223 HOH CCC O     1 ? 
HETATM 714 O  O     . HOH J 3 . ? -4.033  -7.534  -1.762  1.000 24.556 ? 224 HOH CCC O     1 ? 
HETATM 715 O  O     . HOH J 3 . ? 3.348   9.093   4.337   1.000 21.679 ? 225 HOH CCC O     1 ? 
HETATM 716 O  O     . HOH K 3 . ? -3.091  2.106   -13.078 0.500 29.996 ? 101 HOH DDD O     1 ? 
HETATM 717 O  O     . HOH K 3 . ? 6.088   5.533   -12.710 1.000 21.997 ? 102 HOH DDD O     1 ? 
HETATM 718 O  O     . HOH K 3 . ? 1.741   -1.875  -9.559  1.000 11.246 ? 103 HOH DDD O     1 ? 
HETATM 719 O  O     . HOH K 3 . ? -1.176  14.687  -11.625 1.000 20.518 ? 104 HOH DDD O     1 ? 
HETATM 720 O  O     . HOH K 3 . ? 1.240   10.344  -13.578 1.000 10.133 ? 105 HOH DDD O     1 ? 
HETATM 721 O  O     . HOH K 3 . ? -4.940  10.833  -15.495 0.500 21.871 ? 106 HOH DDD O     1 ? 
HETATM 722 O  O     . HOH K 3 . ? -6.512  6.996   -9.781  1.000 23.763 ? 107 HOH DDD O     1 ? 
HETATM 723 O  O     . HOH K 3 . ? 0.583   11.926  -10.338 1.000 20.439 ? 108 HOH DDD O     1 ? 
HETATM 724 O  O     . HOH K 3 . ? 6.008   -1.619  -11.623 1.000 17.044 ? 109 HOH DDD O     1 ? 
HETATM 725 O  O     . HOH K 3 . ? -3.764  14.666  -14.073 1.000 20.197 ? 110 HOH DDD O     1 ? 
HETATM 726 O  O     . HOH K 3 . ? 3.994   8.756   -13.562 0.500 23.527 ? 111 HOH DDD O     1 ? 
HETATM 727 O  O     . HOH K 3 . ? 4.412   5.272   -15.130 1.000 14.768 ? 112 HOH DDD O     1 ? 
HETATM 728 O  O     . HOH K 3 . ? -7.475  10.349  -4.629  1.000 11.291 ? 113 HOH DDD O     1 ? 
HETATM 729 O  O     . HOH K 3 . ? 3.408   5.625   -8.825  1.000 12.133 ? 114 HOH DDD O     1 ? 
HETATM 730 O  O     . HOH K 3 . ? 5.012   7.647   -11.544 1.000 24.642 ? 115 HOH DDD O     1 ? 
HETATM 731 O  O     . HOH K 3 . ? -5.496  8.158   -14.441 1.000 26.119 ? 116 HOH DDD O     1 ? 
HETATM 732 O  O     . HOH K 3 . ? 0.220   3.639   -15.165 1.000 10.812 ? 117 HOH DDD O     1 ? 
HETATM 733 O  O     . HOH K 3 . ? 6.513   6.592   -9.784  0.500 26.082 ? 118 HOH DDD O     1 ? 
HETATM 734 O  O     . HOH K 3 . ? 2.787   6.535   -6.231  1.000 10.278 ? 119 HOH DDD O     1 ? 
HETATM 735 O  O     A HOH K 3 . ? 1.034   9.027   -10.292 0.500 19.676 ? 120 HOH DDD O     1 ? 
HETATM 736 O  O     B HOH K 3 . ? 2.450   9.034   -10.891 0.500 17.168 ? 120 HOH DDD O     1 ? 
HETATM 737 O  O     . HOH K 3 . ? -7.044  18.978  -2.293  1.000 24.821 ? 121 HOH DDD O     1 ? 
HETATM 738 O  O     . HOH K 3 . ? 1.653   9.226   -8.230  1.000 22.647 ? 122 HOH DDD O     1 ? 
HETATM 739 O  O     A HOH K 3 . ? -5.670  0.952   -10.347 0.500 19.255 ? 123 HOH DDD O     1 ? 
HETATM 740 O  O     B HOH K 3 . ? -5.517  2.285   -10.553 0.500 24.703 ? 123 HOH DDD O     1 ? 
HETATM 741 O  O     A HOH K 3 . ? -3.494  1.085   -13.946 0.500 13.315 ? 124 HOH DDD O     1 ? 
HETATM 742 O  O     B HOH K 3 . ? -4.179  2.655   -13.728 0.500 16.526 ? 124 HOH DDD O     1 ? 
HETATM 743 O  O     . HOH K 3 . ? 0.981   13.006  -14.116 1.000 11.915 ? 125 HOH DDD O     1 ? 
HETATM 744 O  O     A HOH K 3 . ? 3.324   10.272  -12.365 0.350 6.653  ? 126 HOH DDD O     1 ? 
HETATM 745 O  O     B HOH K 3 . ? 4.042   11.253  -13.677 0.650 20.963 ? 126 HOH DDD O     1 ? 
HETATM 746 O  O     A HOH K 3 . ? -5.999  13.420  -14.978 0.500 19.176 ? 127 HOH DDD O     1 ? 
HETATM 747 O  O     B HOH K 3 . ? -7.234  12.788  -13.847 0.500 25.350 ? 127 HOH DDD O     1 ? 
HETATM 748 O  O     . HOH K 3 . ? 9.520   -0.630  -10.516 1.000 29.146 ? 128 HOH DDD O     1 ? 
HETATM 749 O  O     . HOH K 3 . ? 11.253  3.087   -6.140  0.500 16.307 ? 129 HOH DDD O     1 ? 
HETATM 750 O  O     . HOH K 3 . ? 5.475   9.448   -13.029 0.500 25.361 ? 130 HOH DDD O     1 ? 
HETATM 751 O  O     . HOH K 3 . ? -6.401  12.232  -16.227 0.500 24.721 ? 131 HOH DDD O     1 ? 
HETATM 752 O  O     . HOH K 3 . ? -4.905  13.685  -17.032 1.000 26.682 ? 132 HOH DDD O     1 ? 
HETATM 753 O  O     A HOH K 3 . ? 5.044   10.316  -11.336 0.500 19.592 ? 133 HOH DDD O     1 ? 
HETATM 754 O  O     B HOH K 3 . ? 6.633   10.444  -11.416 0.500 22.011 ? 133 HOH DDD O     1 ? 
HETATM 755 O  O     . HOH K 3 . ? -6.260  8.462   -16.544 1.000 25.840 ? 134 HOH DDD O     1 ? 
HETATM 756 O  O     . HOH K 3 . ? -6.296  11.015  -17.898 0.500 26.527 ? 135 HOH DDD O     1 ? 
# 
loop_
_atom_site_anisotrop.id 
_atom_site_anisotrop.type_symbol 
_atom_site_anisotrop.pdbx_label_atom_id 
_atom_site_anisotrop.pdbx_label_alt_id 
_atom_site_anisotrop.pdbx_label_comp_id 
_atom_site_anisotrop.pdbx_label_asym_id 
_atom_site_anisotrop.pdbx_label_seq_id 
_atom_site_anisotrop.pdbx_PDB_ins_code 
_atom_site_anisotrop.U[1][1] 
_atom_site_anisotrop.U[2][2] 
_atom_site_anisotrop.U[3][3] 
_atom_site_anisotrop.U[1][2] 
_atom_site_anisotrop.U[1][3] 
_atom_site_anisotrop.U[2][3] 
_atom_site_anisotrop.pdbx_auth_seq_id 
_atom_site_anisotrop.pdbx_auth_comp_id 
_atom_site_anisotrop.pdbx_auth_asym_id 
_atom_site_anisotrop.pdbx_auth_atom_id 
1   O  "O5'" . G   A 1 ? 0.1412 0.2261 0.1598 0.0048  -0.0256 0.0464  1   G   AAA "O5'" 
2   C  "C5'" . G   A 1 ? 0.1322 0.2018 0.1270 0.0378  -0.0387 -0.0076 1   G   AAA "C5'" 
3   C  "C4'" . G   A 1 ? 0.1100 0.1556 0.1104 0.0322  -0.0100 0.0013  1   G   AAA "C4'" 
4   O  "O4'" . G   A 1 ? 0.1311 0.1449 0.1060 0.0290  -0.0040 0.0142  1   G   AAA "O4'" 
5   C  "C3'" . G   A 1 ? 0.1133 0.1262 0.1025 0.0246  -0.0099 -0.0038 1   G   AAA "C3'" 
6   O  "O3'" . G   A 1 ? 0.1075 0.1389 0.1126 0.0247  -0.0133 -0.0147 1   G   AAA "O3'" 
7   C  "C2'" . G   A 1 ? 0.1104 0.1296 0.1070 0.0142  -0.0074 -0.0061 1   G   AAA "C2'" 
8   O  "O2'" . G   A 1 ? 0.1008 0.1460 0.1402 0.0202  -0.0081 -0.0013 1   G   AAA "O2'" 
9   C  "C1'" . G   A 1 ? 0.1187 0.1179 0.1064 0.0138  0.0120  0.0125  1   G   AAA "C1'" 
10  N  N9    . G   A 1 ? 0.1053 0.1056 0.1031 0.0094  -0.0049 0.0048  1   G   AAA N9    
11  C  C8    . G   A 1 ? 0.1101 0.1030 0.1069 0.0120  -0.0141 0.0117  1   G   AAA C8    
12  N  N7    . G   A 1 ? 0.1028 0.0951 0.1041 0.0068  -0.0120 0.0055  1   G   AAA N7    
13  C  C5    . G   A 1 ? 0.1036 0.0938 0.1036 0.0036  -0.0151 0.0085  1   G   AAA C5    
14  C  C6    . G   A 1 ? 0.0947 0.1026 0.1037 -0.0015 -0.0176 0.0126  1   G   AAA C6    
15  O  O6    . G   A 1 ? 0.1000 0.1185 0.0986 0.0011  -0.0107 0.0016  1   G   AAA O6    
16  N  N1    . G   A 1 ? 0.0987 0.1040 0.1013 -0.0013 -0.0134 0.0039  1   G   AAA N1    
17  C  C2    . G   A 1 ? 0.0957 0.1045 0.1138 0.0063  -0.0093 0.0123  1   G   AAA C2    
18  N  N2    . G   A 1 ? 0.1005 0.1316 0.1149 0.0077  -0.0186 0.0056  1   G   AAA N2    
19  N  N3    . G   A 1 ? 0.1020 0.1153 0.1147 0.0051  -0.0100 0.0126  1   G   AAA N3    
20  C  C4    . G   A 1 ? 0.0988 0.1018 0.1083 0.0057  -0.0118 0.0147  1   G   AAA C4    
21  P  P     . G   A 2 ? 0.1121 0.1213 0.1336 0.0226  -0.0257 -0.0122 2   G   AAA P     
22  O  OP1   . G   A 2 ? 0.1358 0.1422 0.1611 0.0373  -0.0332 -0.0249 2   G   AAA OP1   
23  O  OP2   . G   A 2 ? 0.1235 0.1332 0.1713 0.0224  -0.0367 -0.0041 2   G   AAA OP2   
24  O  "O5'" . G   A 2 ? 0.0973 0.1342 0.1215 0.0178  -0.0123 -0.0030 2   G   AAA "O5'" 
25  C  "C5'" . G   A 2 ? 0.0992 0.1350 0.1168 0.0250  -0.0062 -0.0051 2   G   AAA "C5'" 
26  C  "C4'" . G   A 2 ? 0.0977 0.1235 0.1188 0.0132  -0.0080 0.0011  2   G   AAA "C4'" 
27  O  "O4'" . G   A 2 ? 0.1103 0.1196 0.1130 0.0058  -0.0065 0.0049  2   G   AAA "O4'" 
28  C  "C3'" . G   A 2 ? 0.1071 0.1256 0.1113 0.0149  -0.0145 0.0089  2   G   AAA "C3'" 
29  O  "O3'" . G   A 2 ? 0.1166 0.1254 0.1230 0.0154  -0.0082 0.0107  2   G   AAA "O3'" 
30  C  "C2'" . G   A 2 ? 0.0984 0.1265 0.1131 0.0081  -0.0077 0.0045  2   G   AAA "C2'" 
31  O  "O2'" . G   A 2 ? 0.1021 0.1433 0.1136 0.0036  -0.0135 0.0117  2   G   AAA "O2'" 
32  C  "C1'" . G   A 2 ? 0.1007 0.1221 0.1163 0.0016  -0.0002 0.0036  2   G   AAA "C1'" 
33  N  N9    . G   A 2 ? 0.1063 0.1127 0.1031 0.0007  -0.0060 0.0046  2   G   AAA N9    
34  C  C8    . G   A 2 ? 0.1095 0.1109 0.1056 0.0012  -0.0016 0.0019  2   G   AAA C8    
35  N  N7    . G   A 2 ? 0.1116 0.0987 0.1126 0.0045  -0.0012 0.0026  2   G   AAA N7    
36  C  C5    . G   A 2 ? 0.1119 0.1019 0.1182 -0.0007 0.0081  0.0050  2   G   AAA C5    
37  C  C6    . G   A 2 ? 0.1125 0.1037 0.1248 0.0009  0.0113  0.0067  2   G   AAA C6    
38  O  O6    . G   A 2 ? 0.1268 0.1157 0.1195 0.0062  0.0123  0.0026  2   G   AAA O6    
39  N  N1    . G   A 2 ? 0.1256 0.1159 0.1115 -0.0033 0.0120  -0.0031 2   G   AAA N1    
40  C  C2    . G   A 2 ? 0.1200 0.1145 0.1215 -0.0160 0.0103  0.0029  2   G   AAA C2    
41  N  N2    . G   A 2 ? 0.1335 0.1542 0.1223 -0.0132 -0.0093 -0.0132 2   G   AAA N2    
42  N  N3    . G   A 2 ? 0.1137 0.1247 0.1086 -0.0067 -0.0038 0.0016  2   G   AAA N3    
43  C  C4    . G   A 2 ? 0.1058 0.1014 0.1178 -0.0033 0.0004  0.0016  2   G   AAA C4    
44  P  P     . C   A 3 ? 0.1282 0.1198 0.1411 0.0104  -0.0050 0.0113  3   C   AAA P     
45  O  OP1   . C   A 3 ? 0.1726 0.1242 0.1682 0.0306  0.0028  0.0112  3   C   AAA OP1   
46  O  OP2   . C   A 3 ? 0.1421 0.1274 0.1555 -0.0044 -0.0053 0.0093  3   C   AAA OP2   
47  O  "O5'" . C   A 3 ? 0.1219 0.1347 0.1524 0.0098  -0.0029 0.0199  3   C   AAA "O5'" 
48  C  "C5'" . C   A 3 ? 0.1255 0.1496 0.1269 0.0147  -0.0047 0.0152  3   C   AAA "C5'" 
49  C  "C4'" . C   A 3 ? 0.1227 0.1616 0.1227 -0.0008 0.0032  0.0101  3   C   AAA "C4'" 
50  O  "O4'" . C   A 3 ? 0.1301 0.1399 0.1431 0.0001  0.0178  0.0150  3   C   AAA "O4'" 
51  C  "C3'" . C   A 3 ? 0.1259 0.1283 0.1338 -0.0036 -0.0101 0.0228  3   C   AAA "C3'" 
52  O  "O3'" . C   A 3 ? 0.1200 0.1621 0.1539 -0.0014 -0.0108 0.0373  3   C   AAA "O3'" 
53  C  "C2'" . C   A 3 ? 0.1227 0.1546 0.1377 -0.0127 0.0057  -0.0047 3   C   AAA "C2'" 
54  O  "O2'" . C   A 3 ? 0.1363 0.2005 0.1402 -0.0286 0.0042  -0.0040 3   C   AAA "O2'" 
55  C  "C1'" . C   A 3 ? 0.1210 0.1200 0.1740 -0.0015 0.0122  0.0077  3   C   AAA "C1'" 
56  N  N1    . C   A 3 ? 0.1274 0.1245 0.1561 0.0026  0.0263  0.0105  3   C   AAA N1    
57  C  C2    . C   A 3 ? 0.1296 0.1225 0.1569 -0.0045 -0.0048 0.0025  3   C   AAA C2    
58  O  O2    . C   A 3 ? 0.1294 0.1537 0.1840 -0.0014 0.0188  -0.0201 3   C   AAA O2    
59  N  N3    . C   A 3 ? 0.1392 0.1117 0.1632 -0.0051 0.0286  0.0058  3   C   AAA N3    
60  C  C4    . C   A 3 ? 0.1204 0.1155 0.1591 0.0120  0.0071  0.0221  3   C   AAA C4    
61  N  N4    . C   A 3 ? 0.1415 0.1183 0.1622 0.0121  0.0295  0.0212  3   C   AAA N4    
62  C  C5    . C   A 3 ? 0.1410 0.1167 0.1464 0.0054  0.0209  0.0199  3   C   AAA C5    
63  C  C6    . C   A 3 ? 0.1223 0.1309 0.1448 0.0093  0.0130  0.0169  3   C   AAA C6    
64  P  P     A C   A 4 ? 0.1041 0.1092 0.1208 -0.0007 -0.0147 0.0129  4   C   AAA P     
65  P  P     B C   A 4 ? 0.1343 0.2082 0.1955 0.0014  0.0033  0.0544  4   C   AAA P     
66  O  OP1   A C   A 4 ? 0.1193 0.1061 0.1526 0.0070  -0.0112 0.0257  4   C   AAA OP1   
67  O  OP1   B C   A 4 ? 0.1715 0.2022 0.3033 0.0145  0.0460  0.0490  4   C   AAA OP1   
68  O  OP2   A C   A 4 ? 0.1140 0.1316 0.1385 -0.0038 -0.0123 0.0036  4   C   AAA OP2   
69  O  OP2   B C   A 4 ? 0.2006 0.2243 0.2021 -0.0580 0.0138  0.0348  4   C   AAA OP2   
70  O  "O5'" A C   A 4 ? 0.1034 0.1335 0.1181 0.0014  -0.0033 0.0254  4   C   AAA "O5'" 
71  O  "O5'" B C   A 4 ? 0.1129 0.2745 0.2266 0.0415  0.0217  0.0939  4   C   AAA "O5'" 
72  C  "C5'" A C   A 4 ? 0.0941 0.1270 0.1239 0.0106  -0.0003 0.0162  4   C   AAA "C5'" 
73  C  "C5'" B C   A 4 ? 0.1160 0.3180 0.2230 0.0514  0.0220  0.0629  4   C   AAA "C5'" 
74  C  "C4'" A C   A 4 ? 0.1138 0.1500 0.0962 0.0105  -0.0003 0.0071  4   C   AAA "C4'" 
75  C  "C4'" B C   A 4 ? 0.1318 0.3624 0.1239 0.0458  -0.0012 0.0367  4   C   AAA "C4'" 
76  O  "O4'" A C   A 4 ? 0.1230 0.1420 0.1120 0.0095  0.0067  0.0037  4   C   AAA "O4'" 
77  O  "O4'" B C   A 4 ? 0.1198 0.2789 0.1852 0.0046  0.0089  -0.0007 4   C   AAA "O4'" 
78  C  "C3'" A C   A 4 ? 0.1167 0.1688 0.1185 0.0017  0.0239  0.0470  4   C   AAA "C3'" 
79  C  "C3'" B C   A 4 ? 0.1327 0.3147 0.1716 0.0513  -0.0020 0.0533  4   C   AAA "C3'" 
80  O  "O3'" A C   A 4 ? 0.1236 0.2140 0.1654 0.0230  0.0182  0.0898  4   C   AAA "O3'" 
81  O  "O3'" B C   A 4 ? 0.2095 0.3223 0.2172 0.0422  0.0494  0.0714  4   C   AAA "O3'" 
82  C  "C2'" A C   A 4 ? 0.1387 0.1927 0.1226 0.0149  0.0109  0.0300  4   C   AAA "C2'" 
83  C  "C2'" B C   A 4 ? 0.1214 0.2360 0.1537 0.0171  -0.0070 0.0455  4   C   AAA "C2'" 
84  O  "O2'" A C   A 4 ? 0.2174 0.2105 0.1310 0.0300  0.0564  0.0098  4   C   AAA "O2'" 
85  O  "O2'" B C   A 4 ? 0.1633 0.3072 0.1794 0.0344  -0.0049 0.0443  4   C   AAA "O2'" 
86  C  "C1'" A C   A 4 ? 0.1181 0.1427 0.1332 0.0295  0.0103  -0.0072 4   C   AAA "C1'" 
87  C  "C1'" B C   A 4 ? 0.1216 0.2295 0.1389 0.0097  0.0109  0.0115  4   C   AAA "C1'" 
88  N  N1    A C   A 4 ? 0.1255 0.1277 0.1298 -0.0059 0.0231  -0.0050 4   C   AAA N1    
89  N  N1    B C   A 4 ? 0.1195 0.1859 0.1535 0.0000  0.0146  0.0426  4   C   AAA N1    
90  C  C2    A C   A 4 ? 0.1384 0.1112 0.1353 -0.0021 -0.0005 -0.0006 4   C   AAA C2    
91  C  C2    B C   A 4 ? 0.1249 0.1559 0.1632 0.0066  -0.0093 0.0257  4   C   AAA C2    
92  O  O2    A C   A 4 ? 0.1282 0.1488 0.1389 0.0038  0.0111  -0.0005 4   C   AAA O2    
93  O  O2    B C   A 4 ? 0.1298 0.1985 0.1827 0.0101  0.0072  0.0112  4   C   AAA O2    
94  N  N3    A C   A 4 ? 0.1136 0.1300 0.1344 0.0043  0.0113  -0.0075 4   C   AAA N3    
95  N  N3    B C   A 4 ? 0.1295 0.1595 0.1600 -0.0073 0.0040  0.0370  4   C   AAA N3    
96  C  C4    A C   A 4 ? 0.1151 0.1073 0.1285 -0.0047 0.0091  0.0084  4   C   AAA C4    
97  C  C4    B C   A 4 ? 0.1761 0.1920 0.1549 0.0255  0.0159  0.0506  4   C   AAA C4    
98  N  N4    A C   A 4 ? 0.1395 0.1148 0.1448 0.0033  0.0059  0.0077  4   C   AAA N4    
99  N  N4    B C   A 4 ? 0.1484 0.2274 0.1572 0.0200  0.0207  0.0475  4   C   AAA N4    
100 C  C5    A C   A 4 ? 0.1091 0.1258 0.1442 -0.0011 0.0196  0.0099  4   C   AAA C5    
101 C  C5    B C   A 4 ? 0.1300 0.1874 0.1546 -0.0097 0.0106  0.0531  4   C   AAA C5    
102 C  C6    A C   A 4 ? 0.1362 0.1264 0.1155 -0.0030 0.0308  0.0065  4   C   AAA C6    
103 C  C6    B C   A 4 ? 0.1342 0.1868 0.1600 0.0018  0.0074  0.0354  4   C   AAA C6    
104 P  P     A C   A 5 ? 0.2217 0.2583 0.2670 -0.0135 -0.0163 0.0959  5   C   AAA P     
105 P  P     B C   A 5 ? 0.2321 0.2933 0.2375 0.0590  0.0673  0.0027  5   C   AAA P     
106 O  OP1   A C   A 5 ? 0.2525 0.2702 0.3013 0.0221  -0.0319 0.0851  5   C   AAA OP1   
107 O  OP1   B C   A 5 ? 0.2325 0.2562 0.2523 -0.0594 -0.0569 0.0373  5   C   AAA OP1   
108 O  OP2   A C   A 5 ? 0.3657 0.2647 0.3046 0.0235  -0.0108 0.0308  5   C   AAA OP2   
109 O  OP2   B C   A 5 ? 0.2485 0.2861 0.2053 -0.0178 -0.0130 0.0740  5   C   AAA OP2   
110 O  "O5'" A C   A 5 ? 0.1553 0.3229 0.2048 -0.0243 0.0224  0.1000  5   C   AAA "O5'" 
111 O  "O5'" B C   A 5 ? 0.3158 0.2409 0.2483 0.0921  0.0603  -0.0668 5   C   AAA "O5'" 
112 C  "C5'" A C   A 5 ? 0.1436 0.2629 0.2975 -0.0004 -0.0106 0.0362  5   C   AAA "C5'" 
113 C  "C5'" B C   A 5 ? 0.1913 0.2062 0.2426 -0.0078 -0.0166 0.0995  5   C   AAA "C5'" 
114 C  "C4'" A C   A 5 ? 0.1716 0.2407 0.1588 0.0183  0.0030  0.0181  5   C   AAA "C4'" 
115 C  "C4'" B C   A 5 ? 0.1800 0.2276 0.1444 -0.0211 -0.0216 0.0842  5   C   AAA "C4'" 
116 O  "O4'" A C   A 5 ? 0.1723 0.3534 0.1523 -0.0380 0.0335  -0.0283 5   C   AAA "O4'" 
117 O  "O4'" B C   A 5 ? 0.1367 0.2673 0.1180 0.0320  -0.0002 0.0349  5   C   AAA "O4'" 
118 C  "C3'" A C   A 5 ? 0.2588 0.2479 0.1443 0.0078  -0.0190 0.0202  5   C   AAA "C3'" 
119 C  "C3'" B C   A 5 ? 0.1412 0.2855 0.1253 0.0323  0.0272  0.0370  5   C   AAA "C3'" 
120 O  "O3'" A C   A 5 ? 0.3586 0.2658 0.1966 0.0320  -0.0556 0.0324  5   C   AAA "O3'" 
121 O  "O3'" B C   A 5 ? 0.1608 0.2730 0.2023 0.0305  0.0590  0.0248  5   C   AAA "O3'" 
122 C  "C2'" A C   A 5 ? 0.2742 0.2897 0.1441 0.0168  0.0076  -0.0080 5   C   AAA "C2'" 
123 C  "C2'" B C   A 5 ? 0.1589 0.2229 0.1321 0.0609  0.0146  0.0364  5   C   AAA "C2'" 
124 O  "O2'" A C   A 5 ? 0.3113 0.2881 0.1725 -0.0032 0.0345  -0.0359 5   C   AAA "O2'" 
125 O  "O2'" B C   A 5 ? 0.1608 0.2658 0.1313 0.0505  0.0049  0.0441  5   C   AAA "O2'" 
126 C  "C1'" A C   A 5 ? 0.1320 0.2817 0.1463 0.0136  0.0191  0.0177  5   C   AAA "C1'" 
127 C  "C1'" B C   A 5 ? 0.1093 0.2446 0.1731 0.0391  0.0556  -0.0008 5   C   AAA "C1'" 
128 N  N1    A C   A 5 ? 0.1417 0.2611 0.1462 0.0196  -0.0039 -0.0065 5   C   AAA N1    
129 N  N1    B C   A 5 ? 0.1465 0.3597 0.1798 -0.0254 -0.0221 0.0197  5   C   AAA N1    
130 C  C2    A C   A 5 ? 0.1385 0.3765 0.1400 -0.0190 -0.0049 0.0205  5   C   AAA C2    
131 C  C2    B C   A 5 ? 0.1575 0.1988 0.3037 -0.0155 0.0343  0.0529  5   C   AAA C2    
132 O  O2    A C   A 5 ? 0.2012 0.2807 0.3301 -0.0079 -0.0030 0.0549  5   C   AAA O2    
133 O  O2    B C   A 5 ? 0.2999 0.2736 0.1505 0.0873  -0.0039 -0.0405 5   C   AAA O2    
134 N  N3    A C   A 5 ? 0.1929 0.2980 0.1691 -0.0249 -0.0035 -0.0382 5   C   AAA N3    
135 N  N3    B C   A 5 ? 0.3388 0.1869 0.2123 -0.0677 -0.0341 0.0485  5   C   AAA N3    
136 C  C4    A C   A 5 ? 0.2580 0.3161 0.2199 -0.0593 0.0029  0.0751  5   C   AAA C4    
137 C  C4    B C   A 5 ? 0.3653 0.2972 0.3605 -0.0152 -0.0155 -0.0098 5   C   AAA C4    
138 N  N4    A C   A 5 ? 0.2864 0.2769 0.3757 -0.0824 -0.0200 -0.0192 5   C   AAA N4    
139 N  N4    B C   A 5 ? 0.3704 0.3185 0.3801 -0.0235 -0.0007 -0.0027 5   C   AAA N4    
140 C  C5    A C   A 5 ? 0.2619 0.3120 0.2961 -0.0230 0.0351  0.0662  5   C   AAA C5    
141 C  C5    B C   A 5 ? 0.3286 0.2463 0.2941 -0.0450 -0.0604 -0.0169 5   C   AAA C5    
142 C  C6    A C   A 5 ? 0.2505 0.2511 0.2004 0.0264  0.0009  0.0109  5   C   AAA C6    
143 C  C6    B C   A 5 ? 0.3051 0.2301 0.2548 -0.0341 -0.0960 -0.0258 5   C   AAA C6    
144 P  P     A C   A 6 ? 0.3714 0.3188 0.1778 0.0141  -0.0400 0.0327  6   C   AAA P     
145 P  P     B C   A 6 ? 0.2699 0.2280 0.2171 -0.0040 0.0953  -0.0042 6   C   AAA P     
146 O  OP1   A C   A 6 ? 0.3725 0.2968 0.2157 0.0075  0.0252  0.0498  6   C   AAA OP1   
147 O  OP1   B C   A 6 ? 0.3059 0.2144 0.2927 -0.0064 0.0808  0.0026  6   C   AAA OP1   
148 O  OP2   A C   A 6 ? 0.3296 0.3710 0.2335 -0.0114 0.0512  0.0368  6   C   AAA OP2   
149 O  OP2   B C   A 6 ? 0.2868 0.3079 0.1894 0.0043  0.1125  -0.0167 6   C   AAA OP2   
150 O  "O5'" A C   A 6 ? 0.1978 0.2883 0.1859 0.0291  0.0188  -0.0787 6   C   AAA "O5'" 
151 O  "O5'" B C   A 6 ? 0.2421 0.3054 0.2044 -0.0074 0.0811  0.0323  6   C   AAA "O5'" 
152 C  "C5'" A C   A 6 ? 0.2277 0.2588 0.1445 -0.0365 0.0479  -0.0411 6   C   AAA "C5'" 
153 C  "C5'" B C   A 6 ? 0.2867 0.3245 0.2918 -0.0612 0.0695  0.0555  6   C   AAA "C5'" 
154 C  "C4'" A C   A 6 ? 0.1436 0.1847 0.1516 0.0365  0.0309  -0.0060 6   C   AAA "C4'" 
155 C  "C4'" B C   A 6 ? 0.2673 0.2557 0.2840 -0.0164 0.0482  0.0631  6   C   AAA "C4'" 
156 O  "O4'" A C   A 6 ? 0.1462 0.1736 0.1272 0.0448  0.0298  0.0324  6   C   AAA "O4'" 
157 O  "O4'" B C   A 6 ? 0.2673 0.2813 0.3044 0.0132  0.0109  0.0830  6   C   AAA "O4'" 
158 C  "C3'" A C   A 6 ? 0.1408 0.1685 0.1537 0.0577  -0.0117 -0.0200 6   C   AAA "C3'" 
159 C  "C3'" B C   A 6 ? 0.1880 0.2616 0.2374 -0.0332 -0.0468 0.0407  6   C   AAA "C3'" 
160 O  "O3'" A C   A 6 ? 0.1393 0.1695 0.2071 0.0425  -0.0575 -0.0656 6   C   AAA "O3'" 
161 O  "O3'" B C   A 6 ? 0.2703 0.3467 0.3551 0.0602  -0.0518 0.0280  6   C   AAA "O3'" 
162 C  "C2'" A C   A 6 ? 0.1502 0.1192 0.1115 0.0243  -0.0070 -0.0029 6   C   AAA "C2'" 
163 C  "C2'" B C   A 6 ? 0.1646 0.2604 0.3080 0.0245  0.0277  0.0855  6   C   AAA "C2'" 
164 O  "O2'" A C   A 6 ? 0.1782 0.1167 0.1302 0.0167  0.0008  -0.0056 6   C   AAA "O2'" 
165 O  "O2'" B C   A 6 ? 0.2315 0.3752 0.3593 0.0265  0.0497  -0.0094 6   C   AAA "O2'" 
166 C  "C1'" A C   A 6 ? 0.1582 0.1369 0.1199 0.0251  0.0263  0.0303  6   C   AAA "C1'" 
167 C  "C1'" B C   A 6 ? 0.1534 0.3058 0.2778 0.0590  0.0584  0.0555  6   C   AAA "C1'" 
168 N  N1    A C   A 6 ? 0.1742 0.1259 0.1059 0.0292  0.0254  0.0144  6   C   AAA N1    
169 N  N1    B C   A 6 ? 0.1988 0.1823 0.2698 0.0696  0.0703  0.0605  6   C   AAA N1    
170 C  C2    A C   A 6 ? 0.1395 0.1218 0.1297 0.0360  0.0266  0.0062  6   C   AAA C2    
171 C  C2    B C   A 6 ? 0.1977 0.2142 0.1940 0.0879  0.0434  0.0130  6   C   AAA C2    
172 O  O2    A C   A 6 ? 0.1312 0.1332 0.1386 0.0184  0.0468  0.0008  6   C   AAA O2    
173 O  O2    B C   A 6 ? 0.3336 0.3180 0.1984 0.0511  -0.0349 0.0672  6   C   AAA O2    
174 N  N3    A C   A 6 ? 0.1677 0.1026 0.1187 0.0328  0.0228  0.0121  6   C   AAA N3    
175 N  N3    B C   A 6 ? 0.2487 0.2767 0.2336 0.0382  0.0342  -0.0329 6   C   AAA N3    
176 C  C4    A C   A 6 ? 0.1607 0.1074 0.1439 0.0044  -0.0048 0.0024  6   C   AAA C4    
177 C  C4    B C   A 6 ? 0.1969 0.3161 0.2140 0.0784  0.0642  0.0245  6   C   AAA C4    
178 N  N4    A C   A 6 ? 0.1947 0.1290 0.0943 0.0193  -0.0030 0.0020  6   C   AAA N4    
179 N  N4    B C   A 6 ? 0.2231 0.3563 0.2455 0.0541  0.0764  -0.0057 6   C   AAA N4    
180 C  C5    A C   A 6 ? 0.2379 0.1267 0.1004 -0.0042 -0.0018 0.0125  6   C   AAA C5    
181 C  C5    B C   A 6 ? 0.2647 0.2846 0.1947 0.0601  0.0778  0.0522  6   C   AAA C5    
182 C  C6    A C   A 6 ? 0.1825 0.1355 0.1150 0.0429  0.0104  0.0039  6   C   AAA C6    
183 C  C6    B C   A 6 ? 0.2485 0.2609 0.2607 0.0543  0.0558  0.0735  6   C   AAA C6    
184 O  "O5'" . G   B 1 ? 0.2772 0.2537 0.2681 0.0822  -0.0726 -0.0028 1   G   BBB "O5'" 
185 C  "C5'" . G   B 1 ? 0.1930 0.2161 0.3108 0.0533  -0.0739 -0.0555 1   G   BBB "C5'" 
186 C  "C4'" . G   B 1 ? 0.1443 0.2006 0.3151 0.0477  -0.0553 -0.0567 1   G   BBB "C4'" 
187 O  "O4'" . G   B 1 ? 0.1260 0.1988 0.3153 0.0246  -0.0339 -0.0263 1   G   BBB "O4'" 
188 C  "C3'" . G   B 1 ? 0.1465 0.1787 0.2788 0.0288  -0.0234 -0.0200 1   G   BBB "C3'" 
189 O  "O3'" . G   B 1 ? 0.1833 0.1587 0.3309 0.0275  -0.0131 -0.0227 1   G   BBB "O3'" 
190 C  "C2'" . G   B 1 ? 0.1376 0.1875 0.2539 0.0144  0.0059  0.0142  1   G   BBB "C2'" 
191 O  "O2'" . G   B 1 ? 0.1690 0.2862 0.2468 -0.0117 0.0530  -0.0397 1   G   BBB "O2'" 
192 C  "C1'" . G   B 1 ? 0.1178 0.1785 0.2747 0.0010  -0.0059 0.0222  1   G   BBB "C1'" 
193 N  N9    . G   B 1 ? 0.1290 0.1377 0.2593 0.0112  -0.0119 0.0258  1   G   BBB N9    
194 C  C8    . G   B 1 ? 0.1390 0.1390 0.2410 0.0134  -0.0338 0.0059  1   G   BBB C8    
195 N  N7    . G   B 1 ? 0.1556 0.1344 0.2290 0.0036  -0.0291 -0.0051 1   G   BBB N7    
196 C  C5    . G   B 1 ? 0.1311 0.1300 0.2359 -0.0022 -0.0236 0.0221  1   G   BBB C5    
197 C  C6    . G   B 1 ? 0.1428 0.1400 0.2052 0.0181  0.0118  0.0334  1   G   BBB C6    
198 O  O6    . G   B 1 ? 0.1569 0.1550 0.2171 0.0149  -0.0055 0.0236  1   G   BBB O6    
199 N  N1    . G   B 1 ? 0.1215 0.1591 0.2194 0.0116  0.0005  0.0483  1   G   BBB N1    
200 C  C2    . G   B 1 ? 0.1403 0.1895 0.1912 -0.0043 -0.0063 0.0519  1   G   BBB C2    
201 N  N2    . G   B 1 ? 0.1330 0.2361 0.1909 0.0020  0.0052  0.0508  1   G   BBB N2    
202 N  N3    . G   B 1 ? 0.1243 0.2028 0.2118 0.0181  -0.0011 0.0436  1   G   BBB N3    
203 C  C4    . G   B 1 ? 0.1348 0.1472 0.2281 0.0098  0.0035  0.0350  1   G   BBB C4    
204 P  P     . G   B 2 ? 0.2560 0.1711 0.3329 0.0168  -0.0486 -0.0111 2   G   BBB P     
205 O  OP1   . G   B 2 ? 0.2573 0.2027 0.3670 0.0417  -0.0249 -0.0284 2   G   BBB OP1   
206 O  OP2   . G   B 2 ? 0.3231 0.2192 0.2857 -0.0195 -0.0554 0.0594  2   G   BBB OP2   
207 O  "O5'" . G   B 2 ? 0.1733 0.2108 0.2028 0.0125  -0.0007 -0.0312 2   G   BBB "O5'" 
208 C  "C5'" . G   B 2 ? 0.1755 0.2180 0.2055 0.0178  0.0167  -0.0619 2   G   BBB "C5'" 
209 C  "C4'" . G   B 2 ? 0.1483 0.2179 0.2007 0.0078  0.0331  -0.0533 2   G   BBB "C4'" 
210 O  "O4'" . G   B 2 ? 0.1453 0.2056 0.2231 -0.0248 0.0483  -0.0380 2   G   BBB "O4'" 
211 C  "C3'" . G   B 2 ? 0.1555 0.2127 0.1918 -0.0091 0.0365  -0.0593 2   G   BBB "C3'" 
212 O  "O3'" . G   B 2 ? 0.1809 0.2257 0.2054 -0.0042 0.0410  -0.0782 2   G   BBB "O3'" 
213 C  "C2'" . G   B 2 ? 0.1604 0.1956 0.1820 -0.0095 0.0411  -0.0335 2   G   BBB "C2'" 
214 O  "O2'" . G   B 2 ? 0.1908 0.2689 0.1763 -0.0051 0.0247  -0.0386 2   G   BBB "O2'" 
215 C  "C1'" . G   B 2 ? 0.1445 0.1934 0.2011 0.0168  0.0349  -0.0119 2   G   BBB "C1'" 
216 N  N9    . G   B 2 ? 0.1489 0.1715 0.1746 0.0010  0.0344  -0.0254 2   G   BBB N9    
217 C  C8    . G   B 2 ? 0.1408 0.1677 0.1925 0.0092  0.0194  -0.0180 2   G   BBB C8    
218 N  N7    . G   B 2 ? 0.1472 0.1541 0.1867 0.0030  0.0166  -0.0185 2   G   BBB N7    
219 C  C5    . G   B 2 ? 0.1310 0.1430 0.1831 -0.0144 0.0301  -0.0204 2   G   BBB C5    
220 C  C6    . G   B 2 ? 0.1284 0.1200 0.1946 -0.0050 0.0203  -0.0109 2   G   BBB C6    
221 O  O6    . G   B 2 ? 0.1510 0.1359 0.1801 0.0007  0.0255  -0.0152 2   G   BBB O6    
222 N  N1    . G   B 2 ? 0.1346 0.1339 0.1685 -0.0070 0.0340  -0.0231 2   G   BBB N1    
223 C  C2    . G   B 2 ? 0.1361 0.1407 0.1702 0.0011  0.0288  -0.0111 2   G   BBB C2    
224 N  N2    . G   B 2 ? 0.1460 0.1769 0.1701 -0.0021 0.0177  0.0037  2   G   BBB N2    
225 N  N3    . G   B 2 ? 0.1311 0.1525 0.1734 -0.0023 0.0230  -0.0074 2   G   BBB N3    
226 C  C4    . G   B 2 ? 0.1246 0.1341 0.1903 -0.0021 0.0243  -0.0210 2   G   BBB C4    
227 P  P     . C   B 3 ? 0.1972 0.2028 0.2440 -0.0126 0.0417  -0.0732 3   C   BBB P     
228 O  OP1   . C   B 3 ? 0.2704 0.2043 0.2924 -0.0141 0.0587  -0.0893 3   C   BBB OP1   
229 O  OP2   . C   B 3 ? 0.2617 0.2129 0.1884 0.0159  0.0085  -0.0299 3   C   BBB OP2   
230 O  "O5'" . C   B 3 ? 0.1769 0.2197 0.1705 -0.0189 0.0367  -0.0692 3   C   BBB "O5'" 
231 C  "C5'" . C   B 3 ? 0.1849 0.2612 0.1529 -0.0443 0.0485  -0.0696 3   C   BBB "C5'" 
232 C  "C4'" . C   B 3 ? 0.1880 0.2175 0.1404 -0.0374 0.0292  -0.0436 3   C   BBB "C4'" 
233 O  "O4'" . C   B 3 ? 0.1751 0.2321 0.1408 -0.0336 0.0349  -0.0411 3   C   BBB "O4'" 
234 C  "C3'" . C   B 3 ? 0.1646 0.2101 0.1513 -0.0392 0.0262  -0.0473 3   C   BBB "C3'" 
235 O  "O3'" . C   B 3 ? 0.1897 0.2219 0.1415 -0.0320 0.0139  -0.0593 3   C   BBB "O3'" 
236 C  "C2'" . C   B 3 ? 0.1614 0.2327 0.1219 -0.0243 0.0110  -0.0262 3   C   BBB "C2'" 
237 O  "O2'" . C   B 3 ? 0.1925 0.2652 0.1384 -0.0368 -0.0010 -0.0132 3   C   BBB "O2'" 
238 C  "C1'" . C   B 3 ? 0.1697 0.2345 0.1198 -0.0228 0.0283  -0.0317 3   C   BBB "C1'" 
239 N  N1    . C   B 3 ? 0.1453 0.1773 0.1314 -0.0229 0.0301  -0.0265 3   C   BBB N1    
240 C  C2    . C   B 3 ? 0.1500 0.1551 0.1218 -0.0254 0.0177  -0.0171 3   C   BBB C2    
241 O  O2    . C   B 3 ? 0.1589 0.1791 0.1300 -0.0194 0.0181  -0.0189 3   C   BBB O2    
242 N  N3    . C   B 3 ? 0.1428 0.1437 0.1265 -0.0215 0.0227  -0.0147 3   C   BBB N3    
243 C  C4    . C   B 3 ? 0.1490 0.1274 0.1396 -0.0180 0.0321  -0.0194 3   C   BBB C4    
244 N  N4    . C   B 3 ? 0.1369 0.1461 0.1320 -0.0049 0.0136  -0.0117 3   C   BBB N4    
245 C  C5    . C   B 3 ? 0.1589 0.1722 0.1459 -0.0301 0.0329  -0.0334 3   C   BBB C5    
246 C  C6    . C   B 3 ? 0.1540 0.1835 0.1435 -0.0179 0.0388  -0.0584 3   C   BBB C6    
247 P  P     A C   B 4 ? 0.1741 0.1619 0.1241 -0.0142 0.0011  -0.0496 4   C   BBB P     
248 P  P     B C   B 4 ? 0.2358 0.2969 0.2343 -0.0400 0.0186  -0.0365 4   C   BBB P     
249 O  OP1   A C   B 4 ? 0.2649 0.2082 0.1909 -0.0940 0.0499  -0.0704 4   C   BBB OP1   
250 O  OP1   B C   B 4 ? 0.3141 0.3382 0.2607 0.0142  -0.0162 -0.0543 4   C   BBB OP1   
251 O  OP2   A C   B 4 ? 0.1655 0.1739 0.2236 -0.0016 0.0117  0.0095  4   C   BBB OP2   
252 O  OP2   B C   B 4 ? 0.3040 0.2419 0.1620 0.0698  0.0541  -0.0378 4   C   BBB OP2   
253 O  "O5'" A C   B 4 ? 0.1465 0.1911 0.1004 -0.0138 -0.0020 -0.0592 4   C   BBB "O5'" 
254 O  "O5'" B C   B 4 ? 0.1741 0.2758 0.1791 -0.0375 0.0009  0.0426  4   C   BBB "O5'" 
255 C  "C5'" A C   B 4 ? 0.1534 0.1676 0.1251 -0.0074 -0.0082 -0.0020 4   C   BBB "C5'" 
256 C  "C5'" B C   B 4 ? 0.1522 0.2461 0.1427 -0.0369 -0.0069 -0.0608 4   C   BBB "C5'" 
257 C  "C4'" A C   B 4 ? 0.1345 0.1528 0.1066 -0.0276 -0.0122 -0.0104 4   C   BBB "C4'" 
258 C  "C4'" B C   B 4 ? 0.1500 0.2270 0.1309 -0.0234 -0.0011 -0.0147 4   C   BBB "C4'" 
259 O  "O4'" A C   B 4 ? 0.1602 0.1551 0.0788 -0.0335 -0.0103 -0.0021 4   C   BBB "O4'" 
260 O  "O4'" B C   B 4 ? 0.1070 0.2359 0.1501 -0.0087 -0.0114 -0.0357 4   C   BBB "O4'" 
261 C  "C3'" A C   B 4 ? 0.1183 0.1625 0.1172 -0.0408 -0.0064 -0.0134 4   C   BBB "C3'" 
262 C  "C3'" B C   B 4 ? 0.1839 0.2372 0.1719 -0.0516 0.0288  -0.0190 4   C   BBB "C3'" 
263 O  "O3'" A C   B 4 ? 0.1551 0.1287 0.1331 -0.0433 -0.0396 0.0169  4   C   BBB "O3'" 
264 O  "O3'" B C   B 4 ? 0.2544 0.2256 0.2671 -0.0872 -0.0248 -0.0288 4   C   BBB "O3'" 
265 C  "C2'" A C   B 4 ? 0.0943 0.1767 0.1000 -0.0108 0.0025  0.0174  4   C   BBB "C2'" 
266 C  "C2'" B C   B 4 ? 0.2312 0.1789 0.1929 -0.0392 -0.0207 -0.0242 4   C   BBB "C2'" 
267 O  "O2'" A C   B 4 ? 0.0878 0.2730 0.1412 -0.0080 0.0031  0.0610  4   C   BBB "O2'" 
268 O  "O2'" B C   B 4 ? 0.1893 0.3582 0.1904 -0.0603 -0.0228 -0.0146 4   C   BBB "O2'" 
269 C  "C1'" A C   B 4 ? 0.1286 0.1561 0.0853 -0.0114 0.0061  0.0160  4   C   BBB "C1'" 
270 C  "C1'" B C   B 4 ? 0.1168 0.1840 0.1392 0.0056  -0.0230 -0.0127 4   C   BBB "C1'" 
271 N  N1    A C   B 4 ? 0.1157 0.1516 0.0947 -0.0123 0.0097  0.0145  4   C   BBB N1    
272 N  N1    B C   B 4 ? 0.1217 0.1427 0.1195 0.0003  -0.0224 -0.0190 4   C   BBB N1    
273 C  C2    A C   B 4 ? 0.1269 0.1015 0.1016 -0.0039 -0.0061 0.0130  4   C   BBB C2    
274 C  C2    B C   B 4 ? 0.1145 0.1463 0.1112 0.0055  0.0065  -0.0134 4   C   BBB C2    
275 O  O2    A C   B 4 ? 0.1219 0.1251 0.1150 0.0083  -0.0140 0.0000  4   C   BBB O2    
276 O  O2    B C   B 4 ? 0.1018 0.1946 0.1156 0.0121  -0.0050 -0.0068 4   C   BBB O2    
277 N  N3    A C   B 4 ? 0.1206 0.1054 0.0920 -0.0058 -0.0084 0.0050  4   C   BBB N3    
278 N  N3    B C   B 4 ? 0.0991 0.1342 0.1337 0.0044  -0.0025 -0.0142 4   C   BBB N3    
279 C  C4    A C   B 4 ? 0.1355 0.1006 0.0968 -0.0026 0.0002  -0.0046 4   C   BBB C4    
280 C  C4    B C   B 4 ? 0.0896 0.1554 0.1210 -0.0102 -0.0113 -0.0171 4   C   BBB C4    
281 N  N4    A C   B 4 ? 0.1201 0.0980 0.1178 -0.0027 0.0180  -0.0199 4   C   BBB N4    
282 N  N4    B C   B 4 ? 0.0992 0.1608 0.1259 0.0108  -0.0167 0.0044  4   C   BBB N4    
283 C  C5    A C   B 4 ? 0.1464 0.0970 0.1156 -0.0095 -0.0035 -0.0128 4   C   BBB C5    
284 C  C5    B C   B 4 ? 0.1043 0.1591 0.1366 0.0030  0.0053  -0.0097 4   C   BBB C5    
285 C  C6    A C   B 4 ? 0.1277 0.1258 0.1216 -0.0104 -0.0051 -0.0136 4   C   BBB C6    
286 C  C6    B C   B 4 ? 0.1185 0.1580 0.0986 -0.0255 0.0144  -0.0116 4   C   BBB C6    
287 P  P     A C   B 5 ? 0.1837 0.1412 0.1421 -0.0088 -0.0174 -0.0208 5   C   BBB P     
288 P  P     B C   B 5 ? 0.3036 0.1916 0.1608 -0.0651 0.0693  -0.0498 5   C   BBB P     
289 O  OP1   A C   B 5 ? 0.3143 0.1738 0.1659 -0.0346 -0.0473 -0.0403 5   C   BBB OP1   
290 O  OP1   B C   B 5 ? 0.2805 0.2547 0.2987 -0.0674 -0.0003 -0.0807 5   C   BBB OP1   
291 O  OP2   A C   B 5 ? 0.2206 0.1700 0.1684 0.0263  0.0300  -0.0245 5   C   BBB OP2   
292 O  OP2   B C   B 5 ? 0.3040 0.2456 0.1024 -0.0282 0.0459  -0.0155 5   C   BBB OP2   
293 O  "O5'" A C   B 5 ? 0.1453 0.1475 0.1233 0.0053  -0.0313 -0.0015 5   C   BBB "O5'" 
294 O  "O5'" B C   B 5 ? 0.3407 0.2558 0.2125 -0.0059 0.0745  -0.0443 5   C   BBB "O5'" 
295 C  "C5'" A C   B 5 ? 0.1530 0.2049 0.1171 -0.0069 -0.0365 0.0283  5   C   BBB "C5'" 
296 C  "C5'" B C   B 5 ? 0.2136 0.2041 0.2713 -0.0090 0.0217  -0.0254 5   C   BBB "C5'" 
297 C  "C4'" A C   B 5 ? 0.1258 0.1694 0.1349 0.0302  -0.0214 0.0102  5   C   BBB "C4'" 
298 C  "C4'" B C   B 5 ? 0.2169 0.1683 0.2299 0.0034  0.0049  0.0246  5   C   BBB "C4'" 
299 O  "O4'" A C   B 5 ? 0.1328 0.1443 0.1290 0.0282  -0.0296 0.0161  5   C   BBB "O4'" 
300 O  "O4'" B C   B 5 ? 0.1702 0.2008 0.2140 -0.0153 -0.0157 -0.0250 5   C   BBB "O4'" 
301 C  "C3'" A C   B 5 ? 0.1263 0.1694 0.1203 0.0180  -0.0119 0.0278  5   C   BBB "C3'" 
302 C  "C3'" B C   B 5 ? 0.1384 0.2062 0.2244 0.0330  0.0164  0.0139  5   C   BBB "C3'" 
303 O  "O3'" A C   B 5 ? 0.1980 0.1523 0.1367 0.0057  -0.0038 0.0169  5   C   BBB "O3'" 
304 O  "O3'" B C   B 5 ? 0.0899 0.2064 0.2027 0.0521  -0.0031 0.0064  5   C   BBB "O3'" 
305 C  "C2'" A C   B 5 ? 0.1463 0.1489 0.1389 0.0439  -0.0109 0.0057  5   C   BBB "C2'" 
306 C  "C2'" B C   B 5 ? 0.1566 0.2625 0.1640 0.0157  0.0308  0.0102  5   C   BBB "C2'" 
307 O  "O2'" A C   B 5 ? 0.1450 0.1892 0.1329 0.0394  -0.0052 -0.0073 5   C   BBB "O2'" 
308 O  "O2'" B C   B 5 ? 0.1387 0.2323 0.1599 0.0551  0.0249  0.0486  5   C   BBB "O2'" 
309 C  "C1'" A C   B 5 ? 0.1607 0.1528 0.1056 0.0463  -0.0076 0.0002  5   C   BBB "C1'" 
310 C  "C1'" B C   B 5 ? 0.1245 0.1967 0.2238 0.0319  -0.0606 0.0201  5   C   BBB "C1'" 
311 N  N1    A C   B 5 ? 0.1421 0.1515 0.1043 0.0430  -0.0286 -0.0033 5   C   BBB N1    
312 N  N1    B C   B 5 ? 0.1184 0.1782 0.1923 0.0287  0.0263  -0.0127 5   C   BBB N1    
313 C  C2    A C   B 5 ? 0.1452 0.1264 0.1054 0.0263  -0.0252 0.0031  5   C   BBB C2    
314 C  C2    B C   B 5 ? 0.1682 0.1426 0.1762 0.0735  0.0162  -0.0264 5   C   BBB C2    
315 O  O2    A C   B 5 ? 0.1580 0.1726 0.1344 0.0510  -0.0260 -0.0241 5   C   BBB O2    
316 O  O2    B C   B 5 ? 0.1953 0.1750 0.1187 0.0305  0.0183  -0.0335 5   C   BBB O2    
317 N  N3    A C   B 5 ? 0.1328 0.1384 0.0947 0.0289  -0.0209 -0.0158 5   C   BBB N3    
318 N  N3    B C   B 5 ? 0.1674 0.0827 0.2279 0.0254  0.0291  0.0433  5   C   BBB N3    
319 C  C4    A C   B 5 ? 0.1618 0.1141 0.0861 0.0144  -0.0064 0.0036  5   C   BBB C4    
320 C  C4    B C   B 5 ? 0.1248 0.1234 0.1849 -0.0364 -0.0194 -0.0325 5   C   BBB C4    
321 N  N4    A C   B 5 ? 0.1485 0.1337 0.1018 -0.0216 -0.0060 -0.0106 5   C   BBB N4    
322 N  N4    B C   B 5 ? 0.1111 0.1221 0.1738 0.0095  -0.0181 -0.0171 5   C   BBB N4    
323 C  C5    A C   B 5 ? 0.1460 0.1427 0.1083 0.0142  -0.0222 -0.0132 5   C   BBB C5    
324 C  C5    B C   B 5 ? 0.1504 0.1090 0.1186 0.0013  0.0293  -0.0142 5   C   BBB C5    
325 C  C6    A C   B 5 ? 0.1375 0.1383 0.1143 0.0272  -0.0233 -0.0071 5   C   BBB C6    
326 C  C6    B C   B 5 ? 0.1557 0.1406 0.1187 0.0093  -0.0021 -0.0207 5   C   BBB C6    
327 P  P     . C   B 6 ? 0.1867 0.1569 0.1444 0.0246  -0.0160 0.0029  6   C   BBB P     
328 O  OP1   . C   B 6 ? 0.2608 0.1695 0.1717 0.0089  -0.0454 -0.0178 6   C   BBB OP1   
329 O  OP2   . C   B 6 ? 0.2186 0.2078 0.1827 0.1040  -0.0010 0.0056  6   C   BBB OP2   
330 O  "O5'" . C   B 6 ? 0.1608 0.1548 0.1385 0.0118  -0.0094 0.0076  6   C   BBB "O5'" 
331 C  "C5'" . C   B 6 ? 0.1468 0.1882 0.1500 -0.0316 -0.0106 0.0090  6   C   BBB "C5'" 
332 C  "C4'" . C   B 6 ? 0.1378 0.2092 0.1301 -0.0437 -0.0030 0.0067  6   C   BBB "C4'" 
333 O  "O4'" . C   B 6 ? 0.1115 0.1650 0.1306 0.0017  -0.0093 0.0061  6   C   BBB "O4'" 
334 C  "C3'" . C   B 6 ? 0.1692 0.1980 0.1678 -0.0436 -0.0309 0.0429  6   C   BBB "C3'" 
335 O  "O3'" . C   B 6 ? 0.1883 0.2872 0.1975 -0.0489 0.0096  0.0771  6   C   BBB "O3'" 
336 C  "C2'" . C   B 6 ? 0.1191 0.2081 0.1239 -0.0093 -0.0086 0.0181  6   C   BBB "C2'" 
337 O  "O2'" . C   B 6 ? 0.1135 0.3694 0.1282 -0.0504 0.0032  -0.0123 6   C   BBB "O2'" 
338 C  "C1'" . C   B 6 ? 0.0949 0.1679 0.1281 0.0163  -0.0134 -0.0022 6   C   BBB "C1'" 
339 N  N1    . C   B 6 ? 0.1023 0.1274 0.1123 0.0029  -0.0074 0.0033  6   C   BBB N1    
340 C  C2    . C   B 6 ? 0.1028 0.1023 0.1179 0.0063  -0.0004 0.0067  6   C   BBB C2    
341 O  O2    . C   B 6 ? 0.1062 0.1186 0.1192 0.0046  0.0045  -0.0011 6   C   BBB O2    
342 N  N3    . C   B 6 ? 0.1116 0.0980 0.1144 0.0046  0.0022  0.0041  6   C   BBB N3    
343 C  C4    . C   B 6 ? 0.1154 0.1135 0.1071 0.0008  0.0009  -0.0008 6   C   BBB C4    
344 N  N4    . C   B 6 ? 0.1081 0.1258 0.1130 0.0028  0.0026  -0.0113 6   C   BBB N4    
345 C  C5    . C   B 6 ? 0.1058 0.1313 0.1229 0.0110  -0.0113 -0.0100 6   C   BBB C5    
346 C  C6    . C   B 6 ? 0.1167 0.1332 0.1181 0.0142  -0.0117 -0.0064 6   C   BBB C6    
347 O  "O5'" . G   C 1 ? 0.1345 0.3240 0.1955 0.0078  -0.0131 -0.0085 1   G   CCC "O5'" 
348 C  "C5'" . G   C 1 ? 0.1523 0.2707 0.1430 -0.0244 -0.0222 -0.0160 1   G   CCC "C5'" 
349 C  "C4'" . G   C 1 ? 0.1452 0.1855 0.1494 -0.0095 -0.0130 -0.0243 1   G   CCC "C4'" 
350 O  "O4'" . G   C 1 ? 0.1581 0.1820 0.1710 -0.0393 -0.0097 -0.0104 1   G   CCC "O4'" 
351 C  "C3'" . G   C 1 ? 0.1230 0.1701 0.1209 -0.0057 0.0029  -0.0126 1   G   CCC "C3'" 
352 O  "O3'" . G   C 1 ? 0.1453 0.2086 0.1211 -0.0267 0.0010  -0.0101 1   G   CCC "O3'" 
353 C  "C2'" . G   C 1 ? 0.1264 0.1469 0.1377 0.0012  0.0009  -0.0147 1   G   CCC "C2'" 
354 O  "O2'" . G   C 1 ? 0.1367 0.1628 0.2025 0.0130  0.0127  -0.0223 1   G   CCC "O2'" 
355 C  "C1'" . G   C 1 ? 0.1417 0.1412 0.1512 -0.0078 -0.0018 -0.0057 1   G   CCC "C1'" 
356 N  N9    . G   C 1 ? 0.1265 0.1338 0.1597 -0.0073 -0.0002 0.0028  1   G   CCC N9    
357 C  C8    . G   C 1 ? 0.1308 0.1527 0.1615 -0.0135 -0.0196 0.0037  1   G   CCC C8    
358 N  N7    . G   C 1 ? 0.1292 0.1501 0.1796 -0.0022 -0.0068 -0.0017 1   G   CCC N7    
359 C  C5    . G   C 1 ? 0.1194 0.1139 0.1677 -0.0132 0.0074  0.0091  1   G   CCC C5    
360 C  C6    . G   C 1 ? 0.1194 0.1044 0.1642 -0.0138 0.0119  0.0065  1   G   CCC C6    
361 O  O6    . G   C 1 ? 0.1194 0.1232 0.1853 -0.0043 0.0139  0.0009  1   G   CCC O6    
362 N  N1    . G   C 1 ? 0.1102 0.1256 0.1533 -0.0103 0.0202  0.0098  1   G   CCC N1    
363 C  C2    . G   C 1 ? 0.1158 0.1096 0.1616 -0.0097 0.0082  0.0045  1   G   CCC C2    
364 N  N2    . G   C 1 ? 0.1128 0.1488 0.1464 -0.0020 0.0152  -0.0026 1   G   CCC N2    
365 N  N3    . G   C 1 ? 0.1098 0.1318 0.1553 -0.0042 0.0094  0.0096  1   G   CCC N3    
366 C  C4    . G   C 1 ? 0.1136 0.1239 0.1595 -0.0118 -0.0033 0.0150  1   G   CCC C4    
367 P  P     . G   C 2 ? 0.1735 0.2076 0.1528 -0.0495 -0.0353 0.0417  2   G   CCC P     
368 O  OP1   . G   C 2 ? 0.2362 0.3051 0.1487 -0.0896 -0.0228 0.0530  2   G   CCC OP1   
369 O  OP2   . G   C 2 ? 0.1658 0.1743 0.3269 0.0011  -0.0995 0.0378  2   G   CCC OP2   
370 O  "O5'" . G   C 2 ? 0.1095 0.1503 0.1302 -0.0007 0.0053  -0.0021 2   G   CCC "O5'" 
371 C  "C5'" . G   C 2 ? 0.1061 0.1550 0.1119 0.0024  0.0134  -0.0125 2   G   CCC "C5'" 
372 C  "C4'" . G   C 2 ? 0.1052 0.1329 0.1109 0.0123  0.0183  -0.0119 2   G   CCC "C4'" 
373 O  "O4'" . G   C 2 ? 0.1124 0.1157 0.1159 0.0057  0.0228  -0.0106 2   G   CCC "O4'" 
374 C  "C3'" . G   C 2 ? 0.0991 0.1235 0.1144 0.0047  0.0185  -0.0084 2   G   CCC "C3'" 
375 O  "O3'" . G   C 2 ? 0.1035 0.1312 0.1244 -0.0056 0.0195  -0.0081 2   G   CCC "O3'" 
376 C  "C2'" . G   C 2 ? 0.1044 0.1216 0.1140 0.0181  0.0124  -0.0114 2   G   CCC "C2'" 
377 O  "O2'" . G   C 2 ? 0.1031 0.1390 0.1209 0.0173  0.0126  -0.0166 2   G   CCC "O2'" 
378 C  "C1'" . G   C 2 ? 0.1096 0.1188 0.1086 0.0137  0.0225  -0.0097 2   G   CCC "C1'" 
379 N  N9    . G   C 2 ? 0.1036 0.1123 0.1091 0.0066  0.0228  -0.0016 2   G   CCC N9    
380 C  C8    . G   C 2 ? 0.1081 0.1224 0.1175 0.0016  0.0227  -0.0089 2   G   CCC C8    
381 N  N7    . G   C 2 ? 0.1033 0.1224 0.1163 0.0044  0.0176  -0.0079 2   G   CCC N7    
382 C  C5    . G   C 2 ? 0.1098 0.1010 0.1162 -0.0018 0.0253  -0.0012 2   G   CCC C5    
383 C  C6    . G   C 2 ? 0.1165 0.1023 0.1132 -0.0053 0.0236  -0.0063 2   G   CCC C6    
384 O  O6    . G   C 2 ? 0.1012 0.1246 0.1232 -0.0020 0.0214  -0.0071 2   G   CCC O6    
385 N  N1    . G   C 2 ? 0.1018 0.1055 0.1086 0.0042  0.0225  0.0013  2   G   CCC N1    
386 C  C2    . G   C 2 ? 0.1157 0.1010 0.1163 0.0059  0.0163  -0.0014 2   G   CCC C2    
387 N  N2    . G   C 2 ? 0.1160 0.1372 0.1158 0.0223  0.0189  0.0045  2   G   CCC N2    
388 N  N3    . G   C 2 ? 0.1135 0.1047 0.1148 0.0140  0.0263  -0.0044 2   G   CCC N3    
389 C  C4    . G   C 2 ? 0.1075 0.0968 0.1116 0.0040  0.0202  -0.0033 2   G   CCC C4    
390 P  P     . C   C 3 ? 0.1122 0.1350 0.1398 -0.0069 0.0191  -0.0048 3   C   CCC P     
391 O  OP1   . C   C 3 ? 0.1360 0.1681 0.1539 -0.0172 0.0274  -0.0062 3   C   CCC OP1   
392 O  OP2   . C   C 3 ? 0.1249 0.1324 0.1576 -0.0012 0.0067  0.0083  3   C   CCC OP2   
393 O  "O5'" . C   C 3 ? 0.1069 0.1562 0.1500 -0.0022 0.0150  -0.0270 3   C   CCC "O5'" 
394 C  "C5'" . C   C 3 ? 0.0998 0.1580 0.1572 0.0009  0.0157  -0.0225 3   C   CCC "C5'" 
395 C  "C4'" . C   C 3 ? 0.0974 0.1482 0.1434 -0.0007 0.0165  -0.0241 3   C   CCC "C4'" 
396 O  "O4'" . C   C 3 ? 0.1077 0.1251 0.1582 0.0143  0.0139  -0.0212 3   C   CCC "O4'" 
397 C  "C3'" . C   C 3 ? 0.1092 0.1342 0.1456 0.0002  0.0143  -0.0137 3   C   CCC "C3'" 
398 O  "O3'" . C   C 3 ? 0.1233 0.1298 0.1729 -0.0137 0.0110  -0.0084 3   C   CCC "O3'" 
399 C  "C2'" . C   C 3 ? 0.1135 0.1212 0.1493 0.0150  0.0129  -0.0163 3   C   CCC "C2'" 
400 O  "O2'" . C   C 3 ? 0.1181 0.1519 0.1600 0.0113  -0.0040 -0.0310 3   C   CCC "O2'" 
401 C  "C1'" . C   C 3 ? 0.1102 0.1326 0.1461 0.0235  0.0208  -0.0114 3   C   CCC "C1'" 
402 N  N1    . C   C 3 ? 0.1103 0.1118 0.1369 0.0050  0.0185  -0.0145 3   C   CCC N1    
403 C  C2    . C   C 3 ? 0.1150 0.1123 0.1527 0.0039  0.0221  -0.0023 3   C   CCC C2    
404 O  O2    . C   C 3 ? 0.1218 0.1517 0.1404 0.0116  0.0188  -0.0089 3   C   CCC O2    
405 N  N3    . C   C 3 ? 0.1128 0.1129 0.1374 -0.0014 0.0167  -0.0067 3   C   CCC N3    
406 C  C4    . C   C 3 ? 0.1068 0.0979 0.1482 -0.0039 0.0251  -0.0050 3   C   CCC C4    
407 N  N4    . C   C 3 ? 0.1070 0.1290 0.1340 0.0069  0.0226  -0.0111 3   C   CCC N4    
408 C  C5    . C   C 3 ? 0.1153 0.1139 0.1468 -0.0018 0.0243  -0.0138 3   C   CCC C5    
409 C  C6    . C   C 3 ? 0.1133 0.1119 0.1448 0.0025  0.0205  -0.0194 3   C   CCC C6    
410 P  P     . C   C 4 ? 0.1433 0.1491 0.1687 -0.0212 0.0094  0.0024  4   C   CCC P     
411 O  OP1   . C   C 4 ? 0.1729 0.2143 0.2538 -0.0457 -0.0049 0.0668  4   C   CCC OP1   
412 O  OP2   . C   C 4 ? 0.1549 0.1505 0.1806 -0.0101 -0.0020 -0.0016 4   C   CCC OP2   
413 O  "O5'" . C   C 4 ? 0.1197 0.1380 0.1952 -0.0006 0.0001  -0.0091 4   C   CCC "O5'" 
414 C  "C5'" . C   C 4 ? 0.1241 0.1440 0.2030 0.0062  0.0092  -0.0341 4   C   CCC "C5'" 
415 C  "C4'" . C   C 4 ? 0.1175 0.1292 0.1982 0.0024  -0.0115 -0.0398 4   C   CCC "C4'" 
416 O  "O4'" . C   C 4 ? 0.1160 0.1160 0.1910 0.0141  -0.0037 -0.0225 4   C   CCC "O4'" 
417 C  "C3'" . C   C 4 ? 0.1054 0.1135 0.1822 -0.0048 -0.0032 -0.0290 4   C   CCC "C3'" 
418 O  "O3'" . C   C 4 ? 0.1098 0.1126 0.2126 -0.0080 0.0062  -0.0406 4   C   CCC "O3'" 
419 C  "C2'" . C   C 4 ? 0.1048 0.1093 0.1668 0.0043  -0.0105 -0.0172 4   C   CCC "C2'" 
420 O  "O2'" . C   C 4 ? 0.1696 0.1379 0.1675 0.0021  -0.0376 -0.0261 4   C   CCC "O2'" 
421 C  "C1'" . C   C 4 ? 0.1068 0.1116 0.1656 0.0067  -0.0083 -0.0160 4   C   CCC "C1'" 
422 N  N1    . C   C 4 ? 0.1091 0.1028 0.1500 0.0042  -0.0032 -0.0084 4   C   CCC N1    
423 C  C2    . C   C 4 ? 0.1148 0.0937 0.1295 -0.0005 0.0002  -0.0007 4   C   CCC C2    
424 O  O2    . C   C 4 ? 0.1166 0.1086 0.1378 -0.0071 -0.0087 -0.0023 4   C   CCC O2    
425 N  N3    . C   C 4 ? 0.1066 0.1050 0.1374 -0.0072 0.0092  -0.0009 4   C   CCC N3    
426 C  C4    . C   C 4 ? 0.1255 0.1038 0.1337 -0.0077 0.0056  -0.0076 4   C   CCC C4    
427 N  N4    . C   C 4 ? 0.1235 0.1286 0.1299 -0.0001 0.0028  -0.0151 4   C   CCC N4    
428 C  C5    . C   C 4 ? 0.1340 0.1178 0.1361 -0.0114 0.0209  -0.0111 4   C   CCC C5    
429 C  C6    . C   C 4 ? 0.1258 0.1059 0.1533 -0.0030 0.0204  -0.0209 4   C   CCC C6    
430 P  P     . C   C 5 ? 0.1233 0.1166 0.2031 -0.0118 0.0210  -0.0233 5   C   CCC P     
431 O  OP1   . C   C 5 ? 0.1344 0.1319 0.3067 -0.0264 0.0529  -0.0499 5   C   CCC OP1   
432 O  OP2   . C   C 5 ? 0.1649 0.1449 0.1732 0.0066  0.0276  0.0046  5   C   CCC OP2   
433 O  "O5'" . C   C 5 ? 0.0942 0.1226 0.1702 -0.0074 -0.0008 -0.0305 5   C   CCC "O5'" 
434 C  "C5'" . C   C 5 ? 0.1013 0.1010 0.1817 -0.0075 -0.0231 -0.0305 5   C   CCC "C5'" 
435 C  "C4'" . C   C 5 ? 0.1096 0.0852 0.1361 -0.0125 -0.0242 -0.0028 5   C   CCC "C4'" 
436 O  "O4'" . C   C 5 ? 0.1017 0.0907 0.1416 -0.0066 -0.0301 0.0006  5   C   CCC "O4'" 
437 C  "C3'" . C   C 5 ? 0.0939 0.0877 0.1034 -0.0150 -0.0045 -0.0065 5   C   CCC "C3'" 
438 O  "O3'" . C   C 5 ? 0.1004 0.0855 0.0981 -0.0198 -0.0066 0.0001  5   C   CCC "O3'" 
439 C  "C2'" . C   C 5 ? 0.0994 0.0869 0.0947 -0.0147 -0.0045 0.0022  5   C   CCC "C2'" 
440 O  "O2'" . C   C 5 ? 0.1091 0.0989 0.0991 -0.0179 -0.0074 0.0053  5   C   CCC "O2'" 
441 C  "C1'" . C   C 5 ? 0.1030 0.0847 0.1073 -0.0104 -0.0160 -0.0001 5   C   CCC "C1'" 
442 N  N1    . C   C 5 ? 0.0900 0.0831 0.1150 -0.0020 -0.0143 0.0023  5   C   CCC N1    
443 C  C2    . C   C 5 ? 0.1043 0.0755 0.1062 -0.0106 -0.0127 0.0062  5   C   CCC C2    
444 O  O2    . C   C 5 ? 0.1010 0.0972 0.1088 -0.0129 -0.0101 -0.0035 5   C   CCC O2    
445 N  N3    . C   C 5 ? 0.0991 0.0840 0.0989 -0.0050 -0.0139 0.0016  5   C   CCC N3    
446 C  C4    . C   C 5 ? 0.1075 0.0846 0.1058 -0.0050 -0.0147 0.0077  5   C   CCC C4    
447 N  N4    . C   C 5 ? 0.1054 0.1046 0.1100 0.0002  -0.0094 -0.0046 5   C   CCC N4    
448 C  C5    . C   C 5 ? 0.1039 0.0936 0.1125 0.0009  -0.0030 -0.0069 5   C   CCC C5    
449 C  C6    . C   C 5 ? 0.0949 0.0855 0.1197 -0.0003 -0.0154 -0.0015 5   C   CCC C6    
450 P  P     . C   C 6 ? 0.1011 0.0891 0.1008 -0.0174 0.0007  0.0014  6   C   CCC P     
451 O  OP1   . C   C 6 ? 0.1303 0.0872 0.1264 -0.0283 -0.0126 0.0001  6   C   CCC OP1   
452 O  OP2   . C   C 6 ? 0.1192 0.1210 0.1098 -0.0080 0.0095  0.0105  6   C   CCC OP2   
453 O  "O5'" . C   C 6 ? 0.1121 0.0951 0.1017 -0.0066 -0.0044 -0.0034 6   C   CCC "O5'" 
454 C  "C5'" . C   C 6 ? 0.1066 0.1138 0.1076 -0.0024 -0.0006 -0.0088 6   C   CCC "C5'" 
455 C  "C4'" . C   C 6 ? 0.1136 0.1147 0.1237 0.0036  -0.0066 -0.0134 6   C   CCC "C4'" 
456 O  "O4'" . C   C 6 ? 0.0961 0.1243 0.1276 -0.0070 -0.0141 0.0027  6   C   CCC "O4'" 
457 C  "C3'" . C   C 6 ? 0.1386 0.1069 0.1545 0.0208  -0.0296 0.0005  6   C   CCC "C3'" 
458 O  "O3'" . C   C 6 ? 0.2095 0.1104 0.2091 0.0285  -0.0401 -0.0101 6   C   CCC "O3'" 
459 C  "C2'" . C   C 6 ? 0.1346 0.1480 0.1525 0.0398  -0.0324 -0.0171 6   C   CCC "C2'" 
460 O  "O2'" . C   C 6 ? 0.1337 0.2055 0.1918 0.0588  -0.0387 -0.0670 6   C   CCC "O2'" 
461 C  "C1'" . C   C 6 ? 0.1003 0.1481 0.1266 0.0033  -0.0102 -0.0144 6   C   CCC "C1'" 
462 N  N1    . C   C 6 ? 0.0991 0.1144 0.1214 0.0031  -0.0138 0.0090  6   C   CCC N1    
463 C  C2    . C   C 6 ? 0.0960 0.1015 0.1215 0.0085  -0.0145 0.0093  6   C   CCC C2    
464 O  O2    . C   C 6 ? 0.0972 0.1191 0.1257 0.0068  -0.0109 -0.0085 6   C   CCC O2    
465 N  N3    . C   C 6 ? 0.1004 0.1015 0.1181 0.0080  0.0012  0.0053  6   C   CCC N3    
466 C  C4    . C   C 6 ? 0.1145 0.1019 0.1186 0.0038  -0.0017 0.0186  6   C   CCC C4    
467 N  N4    . C   C 6 ? 0.1176 0.1156 0.1338 0.0129  0.0031  0.0070  6   C   CCC N4    
468 C  C5    . C   C 6 ? 0.1030 0.1150 0.1250 0.0032  -0.0041 0.0112  6   C   CCC C5    
469 C  C6    . C   C 6 ? 0.0949 0.1166 0.1305 0.0034  -0.0106 0.0194  6   C   CCC C6    
470 O  "O5'" . G   D 1 ? 0.1416 0.2012 0.1782 0.0080  -0.0335 -0.0062 1   G   DDD "O5'" 
471 C  "C5'" . G   D 1 ? 0.1135 0.1720 0.1355 0.0112  -0.0130 0.0117  1   G   DDD "C5'" 
472 C  "C4'" . G   D 1 ? 0.1032 0.1209 0.1339 0.0163  -0.0003 0.0062  1   G   DDD "C4'" 
473 O  "O4'" . G   D 1 ? 0.1196 0.1122 0.1222 0.0206  -0.0061 0.0102  1   G   DDD "O4'" 
474 C  "C3'" . G   D 1 ? 0.0998 0.1175 0.1138 0.0087  0.0072  0.0166  1   G   DDD "C3'" 
475 O  "O3'" . G   D 1 ? 0.1017 0.1252 0.1121 0.0119  0.0083  0.0038  1   G   DDD "O3'" 
476 C  "C2'" . G   D 1 ? 0.1022 0.1097 0.1051 0.0105  0.0001  0.0045  1   G   DDD "C2'" 
477 O  "O2'" . G   D 1 ? 0.1288 0.1286 0.1005 0.0089  0.0009  0.0010  1   G   DDD "O2'" 
478 C  "C1'" . G   D 1 ? 0.1189 0.1054 0.0976 0.0096  -0.0024 0.0068  1   G   DDD "C1'" 
479 N  N9    . G   D 1 ? 0.1148 0.0972 0.1050 0.0040  -0.0044 0.0058  1   G   DDD N9    
480 C  C8    . G   D 1 ? 0.1188 0.0999 0.1103 -0.0003 -0.0003 0.0042  1   G   DDD C8    
481 N  N7    . G   D 1 ? 0.1219 0.1034 0.1047 0.0000  0.0025  0.0068  1   G   DDD N7    
482 C  C5    . G   D 1 ? 0.1142 0.0915 0.1034 -0.0048 -0.0030 0.0041  1   G   DDD C5    
483 C  C6    . G   D 1 ? 0.1227 0.0899 0.1025 -0.0069 0.0001  0.0035  1   G   DDD C6    
484 O  O6    . G   D 1 ? 0.1174 0.1124 0.1102 -0.0087 0.0004  -0.0064 1   G   DDD O6    
485 N  N1    . G   D 1 ? 0.1124 0.0924 0.1061 -0.0081 0.0026  0.0051  1   G   DDD N1    
486 C  C2    . G   D 1 ? 0.1081 0.0829 0.1121 -0.0073 0.0037  0.0116  1   G   DDD C2    
487 N  N2    . G   D 1 ? 0.1201 0.0950 0.1109 -0.0099 -0.0021 0.0065  1   G   DDD N2    
488 N  N3    . G   D 1 ? 0.1150 0.0885 0.1015 -0.0078 0.0003  0.0087  1   G   DDD N3    
489 C  C4    . G   D 1 ? 0.1103 0.0932 0.1016 0.0027  -0.0047 0.0133  1   G   DDD C4    
490 P  P     . G   D 2 ? 0.1019 0.1187 0.1103 0.0025  0.0111  0.0081  2   G   DDD P     
491 O  OP1   . G   D 2 ? 0.1138 0.1443 0.1269 -0.0002 0.0191  0.0096  2   G   DDD OP1   
492 O  OP2   . G   D 2 ? 0.1084 0.1255 0.1250 0.0006  0.0001  0.0051  2   G   DDD OP2   
493 O  "O5'" . G   D 2 ? 0.1128 0.1124 0.0968 0.0117  0.0097  0.0054  2   G   DDD "O5'" 
494 C  "C5'" . G   D 2 ? 0.1099 0.1123 0.1008 0.0167  0.0059  0.0002  2   G   DDD "C5'" 
495 C  "C4'" . G   D 2 ? 0.1153 0.0989 0.0938 0.0083  0.0027  0.0060  2   G   DDD "C4'" 
496 O  "O4'" . G   D 2 ? 0.1118 0.0957 0.1035 0.0117  0.0036  0.0080  2   G   DDD "O4'" 
497 C  "C3'" . G   D 2 ? 0.1114 0.0956 0.0951 0.0113  0.0104  0.0098  2   G   DDD "C3'" 
498 O  "O3'" . G   D 2 ? 0.1154 0.1017 0.0989 0.0139  0.0115  0.0155  2   G   DDD "O3'" 
499 C  "C2'" . G   D 2 ? 0.1153 0.0993 0.1023 0.0083  0.0031  0.0088  2   G   DDD "C2'" 
500 O  "O2'" . G   D 2 ? 0.1128 0.1225 0.1107 0.0097  -0.0013 0.0062  2   G   DDD "O2'" 
501 C  "C1'" . G   D 2 ? 0.1082 0.0949 0.1070 0.0012  0.0020  0.0059  2   G   DDD "C1'" 
502 N  N9    . G   D 2 ? 0.1015 0.0934 0.0991 0.0006  0.0050  0.0046  2   G   DDD N9    
503 C  C8    . G   D 2 ? 0.1081 0.0859 0.1070 0.0030  0.0100  0.0111  2   G   DDD C8    
504 N  N7    . G   D 2 ? 0.1086 0.0858 0.1046 -0.0009 0.0046  0.0081  2   G   DDD N7    
505 C  C5    . G   D 2 ? 0.1107 0.0792 0.1001 -0.0037 0.0083  0.0054  2   G   DDD C5    
506 C  C6    . G   D 2 ? 0.1084 0.0857 0.1069 -0.0076 0.0150  0.0061  2   G   DDD C6    
507 O  O6    . G   D 2 ? 0.1029 0.1142 0.1129 -0.0071 0.0131  0.0002  2   G   DDD O6    
508 N  N1    . G   D 2 ? 0.1030 0.1023 0.1117 0.0008  0.0104  0.0016  2   G   DDD N1    
509 C  C2    . G   D 2 ? 0.1086 0.0930 0.1174 -0.0018 0.0120  0.0090  2   G   DDD C2    
510 N  N2    . G   D 2 ? 0.1037 0.1275 0.1258 0.0096  0.0078  0.0062  2   G   DDD N2    
511 N  N3    . G   D 2 ? 0.1002 0.0951 0.1147 0.0004  0.0084  0.0073  2   G   DDD N3    
512 C  C4    . G   D 2 ? 0.1093 0.0807 0.1090 0.0033  0.0180  0.0110  2   G   DDD C4    
513 P  P     . C   D 3 ? 0.1034 0.1059 0.1057 0.0114  0.0151  0.0171  3   C   DDD P     
514 O  OP1   . C   D 3 ? 0.1158 0.1203 0.1179 0.0246  0.0242  0.0259  3   C   DDD OP1   
515 O  OP2   . C   D 3 ? 0.1253 0.1075 0.1262 -0.0044 -0.0057 0.0158  3   C   DDD OP2   
516 O  "O5'" . C   D 3 ? 0.1073 0.1053 0.1044 0.0084  0.0144  0.0079  3   C   DDD "O5'" 
517 C  "C5'" . C   D 3 ? 0.1148 0.1080 0.1052 0.0182  0.0136  0.0087  3   C   DDD "C5'" 
518 C  "C4'" . C   D 3 ? 0.1110 0.1070 0.1100 0.0118  0.0094  0.0104  3   C   DDD "C4'" 
519 O  "O4'" . C   D 3 ? 0.1123 0.0997 0.1081 0.0103  0.0245  0.0043  3   C   DDD "O4'" 
520 C  "C3'" . C   D 3 ? 0.1004 0.1023 0.1133 0.0136  0.0151  0.0140  3   C   DDD "C3'" 
521 O  "O3'" . C   D 3 ? 0.1095 0.1056 0.1139 0.0150  0.0081  0.0111  3   C   DDD "O3'" 
522 C  "C2'" . C   D 3 ? 0.0965 0.1086 0.1228 0.0129  0.0134  0.0063  3   C   DDD "C2'" 
523 O  "O2'" . C   D 3 ? 0.0968 0.1310 0.1472 0.0133  0.0078  0.0047  3   C   DDD "O2'" 
524 C  "C1'" . C   D 3 ? 0.1086 0.0995 0.1159 0.0067  0.0228  0.0003  3   C   DDD "C1'" 
525 N  N1    . C   D 3 ? 0.1079 0.0988 0.1043 0.0117  0.0181  0.0034  3   C   DDD N1    
526 C  C2    . C   D 3 ? 0.1151 0.0912 0.1137 0.0113  0.0288  0.0067  3   C   DDD C2    
527 O  O2    . C   D 3 ? 0.1103 0.1210 0.1127 0.0014  0.0228  0.0002  3   C   DDD O2    
528 N  N3    . C   D 3 ? 0.1169 0.0928 0.1022 0.0122  0.0171  0.0092  3   C   DDD N3    
529 C  C4    . C   D 3 ? 0.1142 0.0875 0.1112 0.0175  0.0206  0.0096  3   C   DDD C4    
530 N  N4    . C   D 3 ? 0.1181 0.1050 0.1089 0.0139  0.0173  0.0054  3   C   DDD N4    
531 C  C5    . C   D 3 ? 0.1138 0.0995 0.1077 0.0200  0.0171  0.0120  3   C   DDD C5    
532 C  C6    . C   D 3 ? 0.1096 0.0990 0.1104 0.0203  0.0224  0.0132  3   C   DDD C6    
533 P  P     . C   D 4 ? 0.1165 0.1093 0.1342 0.0059  0.0158  0.0153  4   C   DDD P     
534 O  OP1   . C   D 4 ? 0.1488 0.1380 0.1472 0.0107  0.0195  0.0463  4   C   DDD OP1   
535 O  OP2   . C   D 4 ? 0.1200 0.1398 0.1382 -0.0053 0.0218  -0.0019 4   C   DDD OP2   
536 O  "O5'" . C   D 4 ? 0.1111 0.1078 0.1431 0.0125  0.0151  0.0111  4   C   DDD "O5'" 
537 C  "C5'" . C   D 4 ? 0.1230 0.1114 0.1506 0.0198  0.0022  -0.0014 4   C   DDD "C5'" 
538 C  "C4'" . C   D 4 ? 0.1086 0.1165 0.1500 0.0080  0.0120  -0.0091 4   C   DDD "C4'" 
539 O  "O4'" . C   D 4 ? 0.1200 0.1064 0.1456 0.0002  0.0203  -0.0072 4   C   DDD "O4'" 
540 C  "C3'" . C   D 4 ? 0.1075 0.1026 0.1690 0.0169  0.0030  0.0032  4   C   DDD "C3'" 
541 O  "O3'" . C   D 4 ? 0.1178 0.1108 0.2024 0.0232  -0.0152 -0.0132 4   C   DDD "O3'" 
542 C  "C2'" . C   D 4 ? 0.1071 0.1219 0.1610 0.0061  0.0192  -0.0144 4   C   DDD "C2'" 
543 O  "O2'" . C   D 4 ? 0.1132 0.1483 0.2236 0.0075  0.0298  -0.0373 4   C   DDD "O2'" 
544 C  "C1'" . C   D 4 ? 0.1121 0.1049 0.1500 -0.0077 0.0234  -0.0144 4   C   DDD "C1'" 
545 N  N1    . C   D 4 ? 0.1178 0.0986 0.1526 -0.0044 0.0350  -0.0017 4   C   DDD N1    
546 C  C2    . C   D 4 ? 0.1123 0.1016 0.1501 -0.0145 0.0264  0.0011  4   C   DDD C2    
547 O  O2    . C   D 4 ? 0.1058 0.1453 0.1479 -0.0071 0.0303  -0.0107 4   C   DDD O2    
548 N  N3    . C   D 4 ? 0.1048 0.1057 0.1695 -0.0054 0.0232  0.0052  4   C   DDD N3    
549 C  C4    . C   D 4 ? 0.1146 0.0881 0.1673 0.0027  0.0265  0.0067  4   C   DDD C4    
550 N  N4    . C   D 4 ? 0.1141 0.1013 0.1776 0.0169  0.0272  0.0153  4   C   DDD N4    
551 C  C5    . C   D 4 ? 0.1199 0.0911 0.1620 0.0085  0.0323  0.0023  4   C   DDD C5    
552 C  C6    . C   D 4 ? 0.1196 0.0895 0.1559 0.0009  0.0360  -0.0029 4   C   DDD C6    
553 P  P     . C   D 5 ? 0.1461 0.1122 0.1317 0.0240  -0.0011 0.0026  5   C   DDD P     
554 O  OP1   . C   D 5 ? 0.2033 0.1422 0.1606 0.0507  -0.0386 -0.0011 5   C   DDD OP1   
555 O  OP2   . C   D 5 ? 0.1761 0.1405 0.1574 0.0272  0.0433  0.0181  5   C   DDD OP2   
556 O  "O5'" . C   D 5 ? 0.1015 0.1210 0.1415 0.0128  0.0021  -0.0019 5   C   DDD "O5'" 
557 C  "C5'" . C   D 5 ? 0.0962 0.1286 0.1381 0.0139  0.0047  -0.0005 5   C   DDD "C5'" 
558 C  "C4'" . C   D 5 ? 0.1172 0.1044 0.1444 0.0085  0.0035  -0.0003 5   C   DDD "C4'" 
559 O  "O4'" . C   D 5 ? 0.1198 0.1080 0.1442 0.0008  0.0046  0.0056  5   C   DDD "O4'" 
560 C  "C3'" . C   D 5 ? 0.1040 0.0995 0.1285 0.0108  -0.0027 0.0042  5   C   DDD "C3'" 
561 O  "O3'" . C   D 5 ? 0.1166 0.1050 0.1434 0.0188  0.0035  -0.0007 5   C   DDD "O3'" 
562 C  "C2'" . C   D 5 ? 0.1436 0.1150 0.1284 0.0095  -0.0036 -0.0013 5   C   DDD "C2'" 
563 O  "O2'" . C   D 5 ? 0.1969 0.1316 0.1235 0.0209  0.0095  -0.0036 5   C   DDD "O2'" 
564 C  "C1'" . C   D 5 ? 0.1297 0.1210 0.1313 0.0128  0.0079  0.0093  5   C   DDD "C1'" 
565 N  N1    . C   D 5 ? 0.1207 0.1034 0.1359 0.0080  -0.0122 0.0026  5   C   DDD N1    
566 C  C2    . C   D 5 ? 0.1508 0.1230 0.1312 -0.0036 -0.0279 -0.0052 5   C   DDD C2    
567 O  O2    . C   D 5 ? 0.2069 0.1842 0.1378 0.0595  -0.0329 -0.0058 5   C   DDD O2    
568 N  N3    . C   D 5 ? 0.1262 0.1028 0.1560 0.0073  -0.0246 0.0086  5   C   DDD N3    
569 C  C4    . C   D 5 ? 0.1193 0.0918 0.1560 -0.0063 -0.0162 0.0091  5   C   DDD C4    
570 N  N4    . C   D 5 ? 0.0948 0.1207 0.1754 0.0014  -0.0119 0.0112  5   C   DDD N4    
571 C  C5    . C   D 5 ? 0.1098 0.1007 0.1456 0.0017  -0.0164 0.0050  5   C   DDD C5    
572 C  C6    . C   D 5 ? 0.1089 0.1094 0.1256 0.0017  -0.0060 0.0029  5   C   DDD C6    
573 P  P     A C   D 6 ? 0.0978 0.1073 0.1290 0.0165  -0.0027 0.0013  6   C   DDD P     
574 P  P     B C   D 6 ? 0.1092 0.1059 0.1269 0.0021  -0.0043 0.0019  6   C   DDD P     
575 O  OP1   A C   D 6 ? 0.1156 0.1252 0.1322 0.0048  -0.0248 0.0157  6   C   DDD OP1   
576 O  OP1   B C   D 6 ? 0.1248 0.0873 0.1889 0.0031  0.0123  0.0101  6   C   DDD OP1   
577 O  OP2   A C   D 6 ? 0.1171 0.1202 0.1377 0.0055  0.0060  0.0075  6   C   DDD OP2   
578 O  OP2   B C   D 6 ? 0.1104 0.1155 0.1652 -0.0038 -0.0085 -0.0035 6   C   DDD OP2   
579 O  "O5'" A C   D 6 ? 0.1138 0.1237 0.1666 0.0297  -0.0189 -0.0267 6   C   DDD "O5'" 
580 O  "O5'" B C   D 6 ? 0.1253 0.1435 0.1331 0.0171  0.0045  -0.0014 6   C   DDD "O5'" 
581 C  "C5'" A C   D 6 ? 0.1190 0.1738 0.1782 0.0311  -0.0164 -0.0373 6   C   DDD "C5'" 
582 C  "C5'" B C   D 6 ? 0.1704 0.1903 0.1264 0.0762  -0.0144 -0.0100 6   C   DDD "C5'" 
583 C  "C4'" A C   D 6 ? 0.1146 0.2088 0.1737 0.0761  -0.0188 -0.0417 6   C   DDD "C4'" 
584 C  "C4'" B C   D 6 ? 0.2230 0.1975 0.1045 0.0424  0.0121  -0.0182 6   C   DDD "C4'" 
585 O  "O4'" A C   D 6 ? 0.0870 0.1662 0.1369 0.0207  -0.0018 -0.0165 6   C   DDD "O4'" 
586 O  "O4'" B C   D 6 ? 0.2163 0.2005 0.1132 0.0569  -0.0024 -0.0209 6   C   DDD "O4'" 
587 C  "C3'" A C   D 6 ? 0.1279 0.2781 0.1420 0.0206  -0.0462 -0.0312 6   C   DDD "C3'" 
588 C  "C3'" B C   D 6 ? 0.2959 0.1971 0.1299 0.0120  -0.0074 -0.0501 6   C   DDD "C3'" 
589 O  "O3'" A C   D 6 ? 0.3422 0.1855 0.2603 0.0042  -0.0650 0.0461  6   C   DDD "O3'" 
590 O  "O3'" B C   D 6 ? 0.1100 0.1820 0.2820 0.0371  -0.0239 -0.0421 6   C   DDD "O3'" 
591 C  "C2'" A C   D 6 ? 0.1342 0.1021 0.1538 0.0110  0.0012  -0.0175 6   C   DDD "C2'" 
592 C  "C2'" B C   D 6 ? 0.2699 0.1455 0.1516 0.0460  0.0234  -0.0301 6   C   DDD "C2'" 
593 O  "O2'" A C   D 6 ? 0.1194 0.1361 0.1715 0.0135  -0.0160 -0.0214 6   C   DDD "O2'" 
594 O  "O2'" B C   D 6 ? 0.3222 0.2127 0.1462 0.0940  -0.0118 -0.0303 6   C   DDD "O2'" 
595 C  "C1'" A C   D 6 ? 0.0919 0.1545 0.1466 0.0184  -0.0044 -0.0085 6   C   DDD "C1'" 
596 C  "C1'" B C   D 6 ? 0.1718 0.1439 0.1463 0.0252  -0.0161 -0.0009 6   C   DDD "C1'" 
597 N  N1    A C   D 6 ? 0.0915 0.1521 0.1364 0.0193  -0.0099 -0.0289 6   C   DDD N1    
598 N  N1    B C   D 6 ? 0.1510 0.1341 0.1119 0.0119  -0.0034 -0.0163 6   C   DDD N1    
599 C  C2    A C   D 6 ? 0.1168 0.1357 0.1346 0.0036  -0.0109 -0.0290 6   C   DDD C2    
600 C  C2    B C   D 6 ? 0.1221 0.1632 0.1207 -0.0127 0.0136  0.0098  6   C   DDD C2    
601 O  O2    A C   D 6 ? 0.1282 0.1799 0.1339 -0.0025 0.0016  -0.0121 6   C   DDD O2    
602 O  O2    B C   D 6 ? 0.1415 0.1441 0.1434 0.0207  0.0033  -0.0181 6   C   DDD O2    
603 N  N3    A C   D 6 ? 0.1056 0.1373 0.1161 0.0233  -0.0044 -0.0121 6   C   DDD N3    
604 N  N3    B C   D 6 ? 0.1134 0.1290 0.1417 -0.0215 0.0179  0.0071  6   C   DDD N3    
605 C  C4    A C   D 6 ? 0.1177 0.1044 0.1169 -0.0174 0.0127  -0.0044 6   C   DDD C4    
606 C  C4    B C   D 6 ? 0.0948 0.1193 0.1279 -0.0002 -0.0006 0.0114  6   C   DDD C4    
607 N  N4    A C   D 6 ? 0.1180 0.1295 0.1224 -0.0163 0.0115  0.0023  6   C   DDD N4    
608 N  N4    B C   D 6 ? 0.0882 0.0988 0.1390 -0.0125 0.0013  0.0175  6   C   DDD N4    
609 C  C5    A C   D 6 ? 0.1037 0.1153 0.1350 0.0032  -0.0007 -0.0095 6   C   DDD C5    
610 C  C5    B C   D 6 ? 0.1175 0.1068 0.1218 -0.0072 -0.0013 0.0019  6   C   DDD C5    
611 C  C6    A C   D 6 ? 0.0968 0.1291 0.1310 0.0044  -0.0192 -0.0153 6   C   DDD C6    
612 C  C6    B C   D 6 ? 0.1280 0.1087 0.1223 -0.0110 0.0058  0.0044  6   C   DDD C6    
613 MG MG    . MG  E . ? 0.1347 0.1735 0.1798 -0.0040 -0.0084 0.0069  101 MG  AAA MG    
614 MG MG    . MG  F . ? 0.2675 0.2391 0.1804 -0.0131 0.0217  -0.0689 101 MG  BBB MG    
615 MG MG    . MG  G . ? 0.1154 0.1134 0.0971 -0.0314 0.0029  -0.0015 101 MG  CCC MG    
616 O  O     . HOH H . ? 0.3585 0.3388 0.3507 0.0278  -0.0100 0.0236  201 HOH AAA O     
617 O  O     . HOH H . ? 0.3260 0.3712 0.3409 0.0181  0.0184  0.0039  202 HOH AAA O     
618 O  O     . HOH H . ? 0.2594 0.3706 0.3050 -0.0319 -0.0174 0.0027  203 HOH AAA O     
619 O  O     . HOH H . ? 0.3364 0.3351 0.2904 -0.0313 -0.0188 0.0279  204 HOH AAA O     
620 O  O     . HOH H . ? 0.2038 0.3630 0.2642 -0.0376 -0.0033 -0.0318 205 HOH AAA O     
621 O  O     . HOH H . ? 0.3286 0.3738 0.2236 -0.0059 -0.0337 0.0226  206 HOH AAA O     
622 O  O     . HOH H . ? 0.3620 0.2010 0.2331 0.0054  0.0446  0.0312  207 HOH AAA O     
623 O  O     A HOH H . ? 0.1258 0.1878 0.2494 -0.0010 -0.0903 0.0144  208 HOH AAA O     
624 O  O     B HOH H . ? 0.1084 0.2791 0.1475 -0.0159 -0.0357 0.0503  208 HOH AAA O     
625 O  O     . HOH H . ? 0.2546 0.2709 0.2295 -0.0350 0.0470  0.0257  209 HOH AAA O     
626 O  O     . HOH H . ? 0.1877 0.2859 0.2653 0.0022  0.0451  -0.0991 210 HOH AAA O     
627 O  O     . HOH H . ? 0.3473 0.3085 0.3423 -0.0482 0.0351  0.0518  211 HOH AAA O     
628 O  O     . HOH H . ? 0.1386 0.2588 0.1886 0.0358  0.0085  0.0405  212 HOH AAA O     
629 O  O     . HOH H . ? 0.3696 0.3426 0.2878 -0.0193 -0.0300 -0.0585 213 HOH AAA O     
630 O  O     . HOH H . ? 0.3473 0.3630 0.2877 0.0091  0.0154  -0.0393 214 HOH AAA O     
631 O  O     . HOH H . ? 0.2049 0.2524 0.3487 -0.0174 0.0200  -0.0575 215 HOH AAA O     
632 O  O     . HOH H . ? 0.1851 0.3241 0.1869 0.0168  -0.0049 -0.0690 216 HOH AAA O     
633 O  O     A HOH H . ? 0.2677 0.3719 0.1984 -0.0045 -0.0709 0.0289  217 HOH AAA O     
634 O  O     B HOH H . ? 0.2862 0.2950 0.2878 -0.0578 0.0279  -0.0475 217 HOH AAA O     
635 O  O     . HOH H . ? 0.2673 0.3205 0.2943 -0.0692 -0.0277 -0.0226 218 HOH AAA O     
636 O  O     . HOH H . ? 0.1518 0.2435 0.1657 0.0021  -0.0124 -0.0068 219 HOH AAA O     
637 O  O     . HOH H . ? 0.1528 0.1752 0.2120 -0.0010 -0.0105 -0.0033 220 HOH AAA O     
638 O  O     . HOH H . ? 0.1477 0.2175 0.1518 -0.0269 0.0021  -0.0176 221 HOH AAA O     
639 O  O     . HOH H . ? 0.1372 0.1541 0.2217 0.0085  -0.0089 0.0105  222 HOH AAA O     
640 O  O     . HOH H . ? 0.3103 0.3413 0.3114 0.0510  -0.0679 0.0512  223 HOH AAA O     
641 O  O     A HOH H . ? 0.1353 0.1374 0.2943 0.0014  -0.0521 -0.0030 224 HOH AAA O     
642 O  O     B HOH H . ? 0.1163 0.1696 0.1452 0.0241  0.0166  0.0079  224 HOH AAA O     
643 O  O     . HOH H . ? 0.3616 0.3784 0.3649 -0.0046 0.0162  0.0045  225 HOH AAA O     
644 O  O     . HOH H . ? 0.3004 0.2922 0.3554 -0.0698 -0.0418 -0.0451 226 HOH AAA O     
645 O  O     . HOH H . ? 0.3581 0.3395 0.2994 0.0291  -0.0148 0.0123  227 HOH AAA O     
646 O  O     . HOH H . ? 0.3662 0.2913 0.3745 0.0349  -0.0082 0.0226  228 HOH AAA O     
647 O  O     . HOH I . ? 0.3028 0.3006 0.3716 -0.0786 -0.0243 -0.0252 201 HOH BBB O     
648 O  O     . HOH I . ? 0.2092 0.2459 0.2569 0.0027  0.0050  0.0009  202 HOH BBB O     
649 O  O     . HOH I . ? 0.2954 0.3457 0.3250 0.0425  -0.0425 0.0005  203 HOH BBB O     
650 O  O     . HOH I . ? 0.3598 0.3308 0.2184 -0.0124 0.0234  -0.0610 204 HOH BBB O     
651 O  O     . HOH I . ? 0.2721 0.3208 0.2741 0.0639  -0.0122 0.0552  205 HOH BBB O     
652 O  O     . HOH I . ? 0.3105 0.3144 0.2441 -0.0645 0.0082  -0.0196 206 HOH BBB O     
653 O  O     . HOH I . ? 0.3622 0.1870 0.3308 0.0325  -0.0206 -0.0177 207 HOH BBB O     
654 O  O     . HOH I . ? 0.1567 0.3133 0.2031 0.0190  0.0208  -0.0117 208 HOH BBB O     
655 O  O     . HOH I . ? 0.3030 0.3092 0.3318 -0.0410 -0.0141 -0.0551 209 HOH BBB O     
656 O  O     . HOH I . ? 0.3571 0.2629 0.2790 -0.0186 0.0304  -0.0531 210 HOH BBB O     
657 O  O     . HOH I . ? 0.2869 0.3511 0.2130 0.0335  0.0556  -0.0668 211 HOH BBB O     
658 O  O     . HOH I . ? 0.2090 0.2863 0.2147 -0.0109 -0.0140 0.0039  212 HOH BBB O     
659 O  O     . HOH I . ? 0.3797 0.3561 0.2282 0.0028  0.0060  -0.0599 213 HOH BBB O     
660 O  O     . HOH I . ? 0.3744 0.3566 0.2090 0.0098  0.0112  -0.0496 214 HOH BBB O     
661 O  O     . HOH I . ? 0.3784 0.3457 0.2339 -0.0077 -0.0072 -0.0258 215 HOH BBB O     
662 O  O     . HOH I . ? 0.3293 0.3503 0.3784 0.0386  0.0088  -0.0065 216 HOH BBB O     
663 O  O     . HOH I . ? 0.2541 0.3692 0.2457 0.0149  0.0534  0.0255  217 HOH BBB O     
664 O  O     . HOH I . ? 0.2388 0.2447 0.3684 0.0006  -0.0179 0.0360  218 HOH BBB O     
665 O  O     . HOH I . ? 0.3026 0.3728 0.2136 0.0241  0.0363  -0.0119 219 HOH BBB O     
666 O  O     . HOH I . ? 0.3452 0.3777 0.2732 0.0040  0.0030  0.0152  220 HOH BBB O     
667 O  O     . HOH I . ? 0.2353 0.3672 0.2034 0.0338  -0.0107 -0.0257 221 HOH BBB O     
668 O  O     . HOH I . ? 0.2809 0.2534 0.2637 -0.0138 -0.0244 -0.0442 222 HOH BBB O     
669 O  O     . HOH I . ? 0.1735 0.2179 0.3716 0.0373  0.0352  -0.0129 223 HOH BBB O     
670 O  O     . HOH I . ? 0.3481 0.3467 0.2442 -0.0282 -0.0324 0.0003  224 HOH BBB O     
671 O  O     . HOH I . ? 0.3055 0.2021 0.2605 0.0290  -0.0867 -0.0232 225 HOH BBB O     
672 O  O     . HOH I . ? 0.3266 0.3370 0.3024 0.0444  0.0284  -0.0048 226 HOH BBB O     
673 O  O     . HOH I . ? 0.3347 0.3732 0.3472 -0.0168 0.0360  0.0126  227 HOH BBB O     
674 O  O     . HOH I . ? 0.3783 0.3708 0.2429 -0.0042 0.0170  0.0360  228 HOH BBB O     
675 O  O     . HOH I . ? 0.2544 0.2255 0.3721 0.0451  -0.0148 0.0071  229 HOH BBB O     
676 O  O     . HOH I . ? 0.2240 0.3603 0.2448 -0.0062 -0.0217 -0.0509 230 HOH BBB O     
677 O  O     . HOH I . ? 0.2046 0.2387 0.1977 -0.0340 -0.0208 0.0268  231 HOH BBB O     
678 O  O     . HOH I . ? 0.3661 0.2890 0.2279 0.0349  -0.0023 0.0187  232 HOH BBB O     
679 O  O     . HOH I . ? 0.3136 0.3104 0.3740 -0.0528 -0.0055 0.0088  233 HOH BBB O     
680 O  O     . HOH I . ? 0.3790 0.3782 0.3417 0.0005  0.0055  -0.0059 234 HOH BBB O     
681 O  O     . HOH I . ? 0.3093 0.3055 0.2893 -0.0033 0.0321  0.0757  235 HOH BBB O     
682 O  O     . HOH I . ? 0.1468 0.1781 0.0881 -0.0150 -0.0006 -0.0260 236 HOH BBB O     
683 O  O     . HOH I . ? 0.3509 0.2539 0.3313 0.0564  0.0089  0.0071  237 HOH BBB O     
684 O  O     . HOH I . ? 0.2751 0.3514 0.3484 -0.0120 0.0315  0.0283  238 HOH BBB O     
685 O  O     . HOH I . ? 0.2743 0.3696 0.3721 -0.0325 0.0291  0.0091  239 HOH BBB O     
686 O  O     . HOH I . ? 0.2761 0.3782 0.3157 0.0117  0.0817  -0.0095 240 HOH BBB O     
687 O  O     . HOH J . ? 0.2590 0.2916 0.2414 0.0715  -0.0339 -0.0563 201 HOH CCC O     
688 O  O     . HOH J . ? 0.3174 0.2216 0.2410 -0.0848 -0.0330 0.0126  202 HOH CCC O     
689 O  O     . HOH J . ? 0.1768 0.2438 0.1524 0.0509  -0.0113 -0.0326 203 HOH CCC O     
690 O  O     . HOH J . ? 0.2394 0.3331 0.2815 0.0046  0.0010  0.0052  204 HOH CCC O     
691 O  O     . HOH J . ? 0.1383 0.1656 0.1211 0.0277  0.0099  -0.0031 205 HOH CCC O     
692 O  O     . HOH J . ? 0.3012 0.2554 0.2295 0.0956  0.0156  0.0165  206 HOH CCC O     
693 O  O     A HOH J . ? 0.1966 0.1580 0.1514 0.0177  -0.0026 -0.0131 207 HOH CCC O     
694 O  O     B HOH J . ? 0.1374 0.1546 0.1970 -0.0093 0.0221  0.0014  207 HOH CCC O     
695 O  O     A HOH J . ? 0.1410 0.1610 0.2801 0.0171  0.0000  -0.0473 208 HOH CCC O     
696 O  O     B HOH J . ? 0.2060 0.1807 0.2213 0.0385  -0.0415 -0.0407 208 HOH CCC O     
697 O  O     . HOH J . ? 0.2372 0.2662 0.2885 -0.0204 -0.0862 0.0539  209 HOH CCC O     
698 O  O     . HOH J . ? 0.1811 0.1467 0.1432 -0.0087 -0.0274 0.0260  210 HOH CCC O     
699 O  O     . HOH J . ? 0.1575 0.2415 0.2329 0.0201  -0.0089 -0.0421 211 HOH CCC O     
700 O  O     . HOH J . ? 0.2308 0.3368 0.2285 0.0505  0.0091  0.0603  212 HOH CCC O     
701 O  O     . HOH J . ? 0.1444 0.2628 0.2609 -0.0098 0.0135  -0.0103 213 HOH CCC O     
702 O  O     . HOH J . ? 0.1933 0.1866 0.1441 -0.0329 -0.0084 -0.0181 214 HOH CCC O     
703 O  O     . HOH J . ? 0.1867 0.2610 0.1573 0.0365  0.0152  0.0137  215 HOH CCC O     
704 O  O     . HOH J . ? 0.3029 0.3106 0.1635 0.0662  -0.0248 -0.0301 216 HOH CCC O     
705 O  O     . HOH J . ? 0.3230 0.3705 0.2835 0.0223  -0.0705 0.0271  217 HOH CCC O     
706 O  O     . HOH J . ? 0.3776 0.3739 0.1845 0.0030  0.0195  -0.0282 218 HOH CCC O     
707 O  O     . HOH J . ? 0.1448 0.1337 0.1535 -0.0160 0.0038  0.0349  219 HOH CCC O     
708 O  O     . HOH J . ? 0.1548 0.2049 0.1884 0.0126  0.0265  -0.0299 220 HOH CCC O     
709 O  O     A HOH J . ? 0.1190 0.1210 0.1990 -0.0107 -0.0165 0.0200  221 HOH CCC O     
710 O  O     B HOH J . ? 0.1336 0.1455 0.1269 -0.0230 -0.0266 0.0216  221 HOH CCC O     
711 O  O     . HOH J . ? 0.2350 0.3766 0.2934 -0.0237 -0.0339 -0.0048 222 HOH CCC O     
712 O  O     A HOH J . ? 0.2579 0.2337 0.1804 -0.0248 0.0118  -0.0261 223 HOH CCC O     
713 O  O     B HOH J . ? 0.3072 0.1974 0.1374 -0.0421 -0.0004 -0.0048 223 HOH CCC O     
714 O  O     . HOH J . ? 0.3717 0.3532 0.2081 -0.0113 -0.0114 0.0243  224 HOH CCC O     
715 O  O     . HOH J . ? 0.3223 0.3168 0.1838 0.0575  0.0019  0.0311  225 HOH CCC O     
716 O  O     . HOH K . ? 0.3800 0.3800 0.3800 0.0000  0.0000  0.0000  101 HOH DDD O     
717 O  O     . HOH K . ? 0.3789 0.2469 0.2102 -0.0038 0.0106  0.0441  102 HOH DDD O     
718 O  O     . HOH K . ? 0.1297 0.1819 0.1154 -0.0165 -0.0092 0.0055  103 HOH DDD O     
719 O  O     . HOH K . ? 0.2239 0.3674 0.1886 0.0231  0.0371  0.0341  104 HOH DDD O     
720 O  O     . HOH K . ? 0.1434 0.1178 0.1238 -0.0053 0.0134  -0.0149 105 HOH DDD O     
721 O  O     . HOH K . ? 0.2401 0.3495 0.2414 0.0171  -0.0167 -0.0593 106 HOH DDD O     
722 O  O     . HOH K . ? 0.2257 0.3624 0.3139 -0.0460 0.0494  0.0019  107 HOH DDD O     
723 O  O     . HOH K . ? 0.2533 0.3210 0.2027 -0.0627 0.0243  -0.0573 108 HOH DDD O     
724 O  O     . HOH K . ? 0.1558 0.3115 0.1807 0.0366  -0.0101 -0.0833 109 HOH DDD O     
725 O  O     . HOH K . ? 0.2526 0.3471 0.1673 0.0613  0.0274  -0.0378 110 HOH DDD O     
726 O  O     . HOH K . ? 0.2744 0.2509 0.3686 -0.0250 -0.0346 -0.0123 111 HOH DDD O     
727 O  O     . HOH K . ? 0.1429 0.1563 0.2628 0.0100  0.0510  0.0151  112 HOH DDD O     
728 O  O     . HOH K . ? 0.1193 0.1695 0.1412 0.0008  0.0107  -0.0240 113 HOH DDD O     
729 O  O     . HOH K . ? 0.1811 0.1526 0.1273 0.0514  -0.0181 -0.0236 114 HOH DDD O     
730 O  O     . HOH K . ? 0.2882 0.2812 0.3665 -0.0452 0.0104  -0.0253 115 HOH DDD O     
731 O  O     . HOH K . ? 0.3448 0.3782 0.2690 0.0028  -0.0603 0.0074  116 HOH DDD O     
732 O  O     . HOH K . ? 0.1788 0.1241 0.1091 0.0061  0.0146  -0.0019 117 HOH DDD O     
733 O  O     . HOH K . ? 0.3658 0.2610 0.3642 -0.0372 0.0130  0.0246  118 HOH DDD O     
734 O  O     . HOH K . ? 0.1306 0.1212 0.1392 0.0014  0.0094  -0.0109 119 HOH DDD O     
735 O  O     A HOH K . ? 0.3491 0.1859 0.2120 -0.0290 0.0628  -0.0218 120 HOH DDD O     
736 O  O     B HOH K . ? 0.3088 0.1783 0.1649 -0.0634 0.0320  -0.0166 120 HOH DDD O     
737 O  O     . HOH K . ? 0.3630 0.2192 0.3608 -0.0529 0.0184  0.0547  121 HOH DDD O     
738 O  O     . HOH K . ? 0.2536 0.2538 0.3526 0.0191  -0.0232 -0.0503 122 HOH DDD O     
739 O  O     A HOH K . ? 0.2285 0.3070 0.1956 0.1019  0.0231  0.0116  123 HOH DDD O     
740 O  O     B HOH K . ? 0.3256 0.3702 0.2432 -0.0231 -0.0858 -0.0358 123 HOH DDD O     
741 O  O     A HOH K . ? 0.1929 0.1811 0.1330 0.0535  -0.0070 -0.0076 124 HOH DDD O     
742 O  O     B HOH K . ? 0.1615 0.2788 0.1876 0.0809  -0.0589 -0.0902 124 HOH DDD O     
743 O  O     . HOH K . ? 0.2061 0.1285 0.1184 0.0307  -0.0289 0.0038  125 HOH DDD O     
744 O  O     A HOH K . ? 0.0783 0.0828 0.0909 0.0014  -0.0013 -0.0094 126 HOH DDD O     
745 O  O     B HOH K . ? 0.2083 0.3321 0.2566 0.0026  -0.0256 -0.0746 126 HOH DDD O     
746 O  O     A HOH K . ? 0.2247 0.1803 0.3229 0.0409  -0.0866 -0.0163 127 HOH DDD O     
747 O  O     B HOH K . ? 0.2372 0.3766 0.3503 0.0223  -0.0659 0.0101  127 HOH DDD O     
748 O  O     . HOH K . ? 0.3758 0.3698 0.3614 0.0067  0.0088  -0.0135 128 HOH DDD O     
749 O  O     . HOH K . ? 0.1462 0.2345 0.2392 -0.0116 -0.0043 0.0572  129 HOH DDD O     
750 O  O     . HOH K . ? 0.3368 0.2614 0.3648 0.0281  -0.0248 0.0119  130 HOH DDD O     
751 O  O     . HOH K . ? 0.3285 0.2504 0.3601 -0.0305 -0.0159 0.0318  131 HOH DDD O     
752 O  O     . HOH K . ? 0.3503 0.3032 0.3604 0.0483  -0.0240 0.0381  132 HOH DDD O     
753 O  O     A HOH K . ? 0.2030 0.2194 0.3216 0.0500  -0.0502 -0.0654 133 HOH DDD O     
754 O  O     B HOH K . ? 0.3676 0.1467 0.3217 0.0425  0.0162  -0.0068 133 HOH DDD O     
755 O  O     . HOH K . ? 0.2986 0.3488 0.3346 0.0498  0.0614  -0.0377 134 HOH DDD O     
756 O  O     . HOH K . ? 0.3166 0.3647 0.3266 0.0307  0.0585  -0.0284 135 HOH DDD O     
# 
